data_8T2F
#
_entry.id   8T2F
#
_cell.length_a   1.00
_cell.length_b   1.00
_cell.length_c   1.00
_cell.angle_alpha   90.00
_cell.angle_beta   90.00
_cell.angle_gamma   90.00
#
_symmetry.space_group_name_H-M   'P 1'
#
loop_
_entity.id
_entity.type
_entity.pdbx_description
1 polymer 'Surface protein gp120'
2 polymer 'Transmembrane protein gp41'
3 polymer 'N289 Heavy Chain'
4 polymer 'N289 Light Chain'
5 branched 2-acetamido-2-deoxy-beta-D-glucopyranose-(1-4)-2-acetamido-2-deoxy-beta-D-glucopyranose
6 branched beta-D-mannopyranose-(1-4)-2-acetamido-2-deoxy-beta-D-glucopyranose-(1-4)-2-acetamido-2-deoxy-beta-D-glucopyranose
7 non-polymer 2-acetamido-2-deoxy-beta-D-glucopyranose
#
loop_
_entity_poly.entity_id
_entity_poly.type
_entity_poly.pdbx_seq_one_letter_code
_entity_poly.pdbx_strand_id
1 'polypeptide(L)'
;MDAMKRGLCCVLLLCGAVFVSPSQEIHARFRRGARAENLWVTVYYGVPVWKDAETTLFCASDAKAYETKKHNVWATHCCV
PTDPNPQEIHLENVTEEFNMWKNNMVEQMHTDIISLWDQSLKPCVKLTPLCVTLQCTNVTNNITDDMRGELKNCSFNMTT
ELRDKKQKVYSLFYRLDVVQINENQGNRSNNSNKEYRLINCNTSAITQACPKVSFEPIPIHYCAPAGFAILKCKDKKFNG
TGPCTNVSTVQCTHGIKPVVSTQLLLNGSLAEEEVIIRSENITNNAKNILVQLNESVQINCTRPNNNTRKSIRIGPGQWF
YATGDIIGDIRQAHCNVSKATWNETLGKVVKQLRKHFGNNTIIRFANSSGGDLEVTTHSFNCGGEFFYCNTSGLFNSTWI
SNTSVQGSNSTGSNDSITLPCRIKQIINMWQRIGQAMYAPPIQGVIRCVSNITGLILTRDGGSTNSTTETFRPGGGDMRD
NWRSELYKYKVVKIEPLGVAPTRCKRRVVGRRRRRR
;
A,E,F
2 'polypeptide(L)'
;AVGIGAVFLGFLGAAGSTMGAASMTLTVQARNLLSGIVQQQSNLLRAPECQQHLLKLTVWGIKQLQARVLAVERYLRDQQ
LLGIWGCSGKLICCTNVPWNSTWSNRNLSEIWDNMTWLQWDKEISNYTQIIYGLLEESQNQQEKNEQDLLALD
;
B,C,D
3 'polypeptide(L)'
;(UNK)(UNK)(UNK)(UNK)(UNK)(UNK)(UNK)(UNK)(UNK)(UNK)(UNK)(UNK)(UNK)(UNK)(UNK)(UNK)
(UNK)(UNK)(UNK)(UNK)(UNK)(UNK)(UNK)(UNK)(UNK)(UNK)(UNK)(UNK)(UNK)(UNK)(UNK)(UNK)
(UNK)(UNK)(UNK)(UNK)(UNK)(UNK)(UNK)(UNK)(UNK)(UNK)(UNK)(UNK)(UNK)(UNK)(UNK)(UNK)
(UNK)(UNK)(UNK)(UNK)(UNK)(UNK)(UNK)(UNK)(UNK)(UNK)(UNK)(UNK)(UNK)(UNK)(UNK)(UNK)
(UNK)(UNK)(UNK)(UNK)(UNK)(UNK)(UNK)(UNK)(UNK)(UNK)(UNK)(UNK)(UNK)(UNK)(UNK)(UNK)
(UNK)(UNK)(UNK)(UNK)(UNK)(UNK)(UNK)(UNK)(UNK)(UNK)(UNK)(UNK)(UNK)(UNK)(UNK)(UNK)
(UNK)(UNK)(UNK)(UNK)(UNK)(UNK)(UNK)(UNK)(UNK)(UNK)(UNK)(UNK)(UNK)(UNK)(UNK)(UNK)
(UNK)(UNK)(UNK)(UNK)
;
H
4 'polypeptide(L)'
;(UNK)(UNK)(UNK)(UNK)(UNK)(UNK)(UNK)(UNK)(UNK)(UNK)(UNK)(UNK)(UNK)(UNK)(UNK)(UNK)
(UNK)(UNK)(UNK)(UNK)(UNK)(UNK)(UNK)(UNK)(UNK)(UNK)(UNK)(UNK)(UNK)(UNK)(UNK)(UNK)
(UNK)(UNK)(UNK)(UNK)(UNK)(UNK)(UNK)(UNK)(UNK)(UNK)(UNK)(UNK)(UNK)(UNK)(UNK)(UNK)
(UNK)(UNK)(UNK)(UNK)(UNK)(UNK)(UNK)(UNK)(UNK)(UNK)(UNK)(UNK)(UNK)(UNK)(UNK)(UNK)
(UNK)(UNK)(UNK)(UNK)(UNK)(UNK)(UNK)(UNK)(UNK)(UNK)(UNK)(UNK)(UNK)(UNK)(UNK)(UNK)
(UNK)(UNK)(UNK)(UNK)(UNK)(UNK)(UNK)(UNK)(UNK)(UNK)(UNK)(UNK)(UNK)(UNK)(UNK)(UNK)
(UNK)(UNK)(UNK)(UNK)(UNK)(UNK)(UNK)(UNK)(UNK)
;
L
#
# COMPACT_ATOMS: atom_id res chain seq x y z
N LEU A 39 34.51 5.40 -33.43
CA LEU A 39 33.58 4.89 -34.42
C LEU A 39 32.20 5.60 -34.24
N TRP A 40 31.06 4.85 -34.09
CA TRP A 40 29.67 5.36 -34.00
C TRP A 40 28.92 4.93 -32.75
N VAL A 41 28.01 5.77 -32.29
CA VAL A 41 27.18 5.43 -31.15
C VAL A 41 26.09 4.43 -31.51
N THR A 42 25.98 3.35 -30.73
CA THR A 42 24.93 2.36 -30.88
C THR A 42 24.19 2.22 -29.56
N VAL A 43 22.88 2.20 -29.68
CA VAL A 43 21.96 2.14 -28.57
C VAL A 43 21.53 0.72 -28.25
N TYR A 44 21.72 0.33 -27.01
CA TYR A 44 21.37 -1.00 -26.59
C TYR A 44 20.27 -1.03 -25.53
N TYR A 45 19.25 -1.84 -25.77
CA TYR A 45 18.15 -1.94 -24.83
C TYR A 45 18.07 -3.34 -24.32
N GLY A 46 17.93 -3.50 -23.00
CA GLY A 46 17.95 -4.83 -22.39
C GLY A 46 19.33 -5.06 -21.76
N VAL A 47 20.08 -3.99 -21.55
CA VAL A 47 21.40 -4.05 -20.97
C VAL A 47 21.35 -4.41 -19.48
N PRO A 48 22.04 -5.45 -19.00
CA PRO A 48 21.99 -5.93 -17.63
C PRO A 48 22.75 -5.12 -16.60
N VAL A 49 22.30 -3.90 -16.37
CA VAL A 49 22.91 -3.04 -15.36
C VAL A 49 21.91 -2.51 -14.37
N TRP A 50 22.43 -2.09 -13.23
CA TRP A 50 21.60 -1.59 -12.17
C TRP A 50 22.27 -0.59 -11.28
N LYS A 51 21.42 0.08 -10.51
CA LYS A 51 21.83 1.04 -9.50
C LYS A 51 21.09 0.84 -8.21
N ASP A 52 21.67 1.28 -7.11
CA ASP A 52 21.00 1.16 -5.83
C ASP A 52 19.69 1.89 -5.88
N ALA A 53 18.66 1.33 -5.25
CA ALA A 53 17.37 2.01 -5.33
C ALA A 53 16.50 1.83 -4.13
N GLU A 54 15.60 2.77 -3.96
CA GLU A 54 14.63 2.71 -2.91
C GLU A 54 13.26 2.72 -3.52
N THR A 55 12.54 1.63 -3.33
CA THR A 55 11.19 1.48 -3.86
C THR A 55 10.30 0.84 -2.86
N THR A 56 9.08 0.59 -3.25
CA THR A 56 8.15 -0.04 -2.34
C THR A 56 7.98 -1.49 -2.70
N LEU A 57 8.26 -2.36 -1.75
CA LEU A 57 8.17 -3.78 -1.96
C LEU A 57 6.82 -4.25 -1.51
N PHE A 58 6.36 -5.37 -2.04
CA PHE A 58 5.10 -5.93 -1.61
C PHE A 58 5.44 -7.29 -1.07
N CYS A 59 4.59 -7.91 -0.21
CA CYS A 59 4.87 -9.25 0.32
C CYS A 59 4.03 -10.34 -0.32
N ALA A 60 4.51 -11.56 -0.12
CA ALA A 60 3.89 -12.79 -0.55
C ALA A 60 4.07 -13.84 0.54
N SER A 61 3.21 -14.84 0.56
CA SER A 61 3.33 -15.91 1.54
C SER A 61 2.77 -17.23 1.00
N ASP A 62 3.20 -18.37 1.59
CA ASP A 62 2.77 -19.74 1.23
C ASP A 62 1.27 -19.92 1.42
N ASN A 72 -5.48 -14.26 11.49
CA ASN A 72 -4.07 -13.90 11.54
C ASN A 72 -3.81 -12.58 10.81
N VAL A 73 -2.96 -11.73 11.43
CA VAL A 73 -2.55 -10.40 10.98
C VAL A 73 -1.86 -10.36 9.63
N TRP A 74 -0.99 -11.32 9.36
CA TRP A 74 -0.27 -11.25 8.11
C TRP A 74 -0.83 -12.20 7.07
N ALA A 75 -1.47 -13.25 7.52
CA ALA A 75 -1.98 -14.27 6.60
C ALA A 75 -2.97 -13.70 5.62
N THR A 76 -3.75 -12.71 6.04
CA THR A 76 -4.76 -12.12 5.19
C THR A 76 -4.29 -10.78 4.67
N HIS A 77 -3.03 -10.46 4.89
CA HIS A 77 -2.46 -9.22 4.42
C HIS A 77 -1.79 -9.32 3.06
N CYS A 78 -0.81 -10.27 2.90
CA CYS A 78 0.02 -10.35 1.68
C CYS A 78 -0.83 -10.68 0.45
N CYS A 79 -1.71 -11.66 0.58
CA CYS A 79 -2.63 -12.06 -0.48
C CYS A 79 -1.99 -12.42 -1.85
N VAL A 80 -0.72 -12.78 -1.83
CA VAL A 80 0.04 -13.17 -3.02
C VAL A 80 0.76 -14.49 -2.75
N PRO A 81 0.65 -15.50 -3.61
CA PRO A 81 1.33 -16.78 -3.50
C PRO A 81 2.81 -16.65 -3.82
N THR A 82 3.62 -17.60 -3.30
CA THR A 82 5.05 -17.75 -3.50
C THR A 82 5.31 -18.80 -4.58
N GLN A 87 12.69 -18.10 -7.78
CA GLN A 87 13.87 -18.80 -8.24
C GLN A 87 15.09 -17.86 -8.29
N GLU A 88 16.17 -18.26 -7.58
CA GLU A 88 17.47 -17.61 -7.51
C GLU A 88 18.36 -17.84 -8.74
N ILE A 89 18.97 -16.75 -9.22
CA ILE A 89 19.90 -16.78 -10.34
C ILE A 89 21.30 -16.34 -9.95
N HIS A 90 22.26 -17.24 -10.03
CA HIS A 90 23.61 -16.88 -9.61
C HIS A 90 24.25 -15.89 -10.55
N LEU A 91 24.95 -14.86 -10.04
CA LEU A 91 25.63 -13.96 -10.94
C LEU A 91 27.12 -14.25 -10.96
N GLU A 92 27.61 -14.81 -12.04
CA GLU A 92 29.03 -15.14 -12.04
C GLU A 92 29.85 -13.86 -12.25
N ASN A 93 31.02 -13.78 -11.57
CA ASN A 93 32.03 -12.70 -11.62
C ASN A 93 31.46 -11.30 -11.30
N VAL A 94 30.53 -11.21 -10.31
CA VAL A 94 29.94 -9.94 -9.86
C VAL A 94 30.26 -9.68 -8.42
N THR A 95 30.90 -8.56 -8.17
CA THR A 95 31.22 -8.15 -6.83
C THR A 95 30.31 -7.01 -6.54
N GLU A 96 29.70 -7.01 -5.38
CA GLU A 96 28.80 -5.92 -5.09
C GLU A 96 28.97 -5.47 -3.66
N GLU A 97 28.69 -4.21 -3.39
CA GLU A 97 28.82 -3.67 -2.03
C GLU A 97 27.51 -3.59 -1.28
N PHE A 98 27.52 -4.20 -0.11
CA PHE A 98 26.37 -4.25 0.77
C PHE A 98 26.61 -3.45 2.04
N ASN A 99 25.53 -2.91 2.60
CA ASN A 99 25.63 -2.20 3.87
C ASN A 99 24.33 -2.34 4.63
N MET A 100 24.30 -3.25 5.58
CA MET A 100 23.09 -3.56 6.32
C MET A 100 22.61 -2.43 7.20
N TRP A 101 23.45 -1.45 7.47
CA TRP A 101 23.07 -0.39 8.38
C TRP A 101 22.39 0.74 7.65
N LYS A 102 22.39 0.68 6.32
CA LYS A 102 21.84 1.72 5.47
C LYS A 102 20.80 1.12 4.57
N ASN A 103 20.31 -0.04 4.94
CA ASN A 103 19.39 -0.79 4.12
C ASN A 103 17.98 -0.28 4.27
N ASN A 104 17.45 0.30 3.21
CA ASN A 104 16.12 0.91 3.23
C ASN A 104 15.00 -0.07 3.51
N MET A 105 15.24 -1.35 3.29
CA MET A 105 14.20 -2.34 3.52
C MET A 105 13.89 -2.45 4.98
N VAL A 106 14.82 -2.04 5.83
CA VAL A 106 14.62 -2.15 7.24
C VAL A 106 13.58 -1.14 7.65
N GLU A 107 13.71 0.07 7.12
CA GLU A 107 12.79 1.13 7.41
C GLU A 107 11.44 0.81 6.85
N GLN A 108 11.43 0.15 5.69
CA GLN A 108 10.17 -0.17 5.08
C GLN A 108 9.50 -1.29 5.84
N MET A 109 10.25 -2.30 6.29
CA MET A 109 9.61 -3.36 7.03
C MET A 109 9.04 -2.80 8.29
N HIS A 110 9.77 -1.92 8.96
CA HIS A 110 9.27 -1.33 10.18
C HIS A 110 8.00 -0.58 9.89
N THR A 111 8.00 0.24 8.85
CA THR A 111 6.85 1.03 8.53
C THR A 111 5.64 0.15 8.26
N ASP A 112 5.80 -0.93 7.49
CA ASP A 112 4.68 -1.81 7.20
C ASP A 112 4.20 -2.54 8.42
N ILE A 113 5.09 -2.96 9.30
CA ILE A 113 4.63 -3.65 10.49
C ILE A 113 3.83 -2.73 11.36
N ILE A 114 4.29 -1.49 11.56
CA ILE A 114 3.53 -0.64 12.44
C ILE A 114 2.20 -0.36 11.84
N SER A 115 2.16 -0.05 10.54
CA SER A 115 0.90 0.26 9.91
C SER A 115 -0.05 -0.92 9.96
N LEU A 116 0.45 -2.11 9.66
CA LEU A 116 -0.40 -3.27 9.66
C LEU A 116 -0.90 -3.58 11.04
N TRP A 117 -0.02 -3.44 12.03
CA TRP A 117 -0.40 -3.68 13.39
C TRP A 117 -1.57 -2.79 13.74
N ASP A 118 -1.45 -1.50 13.42
CA ASP A 118 -2.49 -0.54 13.71
C ASP A 118 -3.74 -0.69 12.86
N GLN A 119 -3.62 -1.28 11.66
CA GLN A 119 -4.81 -1.52 10.87
C GLN A 119 -5.67 -2.55 11.58
N SER A 120 -5.03 -3.53 12.21
CA SER A 120 -5.74 -4.51 13.01
C SER A 120 -5.96 -3.71 14.26
N LEU A 121 -6.72 -4.17 15.24
CA LEU A 121 -6.96 -3.41 16.50
C LEU A 121 -7.89 -2.20 16.30
N LYS A 122 -7.61 -1.35 15.33
CA LYS A 122 -8.48 -0.24 15.08
C LYS A 122 -9.96 -0.68 15.08
N PRO A 123 -10.41 -1.65 14.25
CA PRO A 123 -11.78 -2.13 14.25
C PRO A 123 -12.06 -3.15 15.35
N CYS A 124 -11.89 -2.76 16.65
CA CYS A 124 -12.07 -3.60 17.83
C CYS A 124 -12.66 -2.76 18.96
N VAL A 125 -13.08 -3.45 20.01
CA VAL A 125 -13.73 -2.80 21.15
C VAL A 125 -12.78 -1.95 21.96
N LYS A 126 -13.17 -0.71 22.23
CA LYS A 126 -12.35 0.18 23.02
C LYS A 126 -12.64 -0.09 24.48
N LEU A 127 -11.66 0.09 25.35
CA LEU A 127 -11.88 -0.15 26.76
C LEU A 127 -11.88 1.09 27.60
N THR A 128 -12.16 2.23 26.99
CA THR A 128 -12.18 3.46 27.73
C THR A 128 -13.24 3.48 28.84
N PRO A 129 -14.39 2.75 28.75
CA PRO A 129 -15.38 2.63 29.81
C PRO A 129 -14.79 2.02 31.08
N LEU A 130 -13.62 1.40 31.01
CA LEU A 130 -13.04 0.80 32.21
C LEU A 130 -12.12 1.76 33.00
N CYS A 131 -11.87 3.01 32.52
CA CYS A 131 -11.01 3.98 33.19
C CYS A 131 -11.79 4.68 34.31
N VAL A 132 -12.00 3.90 35.35
CA VAL A 132 -12.74 4.30 36.52
C VAL A 132 -11.94 4.01 37.74
N THR A 133 -12.29 4.59 38.86
CA THR A 133 -11.64 4.19 40.09
C THR A 133 -12.08 2.77 40.37
N LEU A 134 -11.14 1.91 40.69
CA LEU A 134 -11.44 0.53 41.01
C LEU A 134 -10.85 0.18 42.37
N GLN A 135 -11.45 -0.78 43.07
CA GLN A 135 -10.88 -1.17 44.35
C GLN A 135 -10.29 -2.56 44.17
N CYS A 136 -9.20 -2.91 44.91
CA CYS A 136 -8.62 -4.26 44.82
C CYS A 136 -8.05 -4.74 46.14
N THR A 137 -7.89 -6.04 46.23
CA THR A 137 -7.21 -6.72 47.31
C THR A 137 -6.23 -7.69 46.69
N ASN A 138 -5.29 -8.21 47.47
CA ASN A 138 -4.38 -9.18 46.88
C ASN A 138 -5.05 -10.53 46.90
N VAL A 139 -4.67 -11.43 45.99
CA VAL A 139 -5.27 -12.76 46.02
C VAL A 139 -4.76 -13.61 47.17
N THR A 140 -3.44 -13.69 47.31
CA THR A 140 -2.78 -14.49 48.34
C THR A 140 -3.55 -15.75 48.69
N ASN A 141 -3.73 -16.63 47.71
CA ASN A 141 -4.56 -17.81 47.88
C ASN A 141 -3.95 -18.94 47.09
N ASN A 142 -3.39 -19.92 47.78
CA ASN A 142 -2.72 -21.02 47.10
C ASN A 142 -1.63 -20.55 46.13
N ILE A 143 -0.73 -19.72 46.65
CA ILE A 143 0.38 -19.16 45.90
C ILE A 143 1.68 -19.72 46.43
N THR A 144 2.77 -19.47 45.70
CA THR A 144 4.11 -19.98 46.01
C THR A 144 4.93 -19.09 46.92
N ASP A 145 4.36 -17.96 47.31
CA ASP A 145 5.02 -16.92 48.11
C ASP A 145 6.01 -16.08 47.29
N ASP A 146 6.09 -16.34 45.97
CA ASP A 146 6.95 -15.53 45.09
C ASP A 146 6.12 -14.53 44.31
N MET A 147 4.84 -14.49 44.65
CA MET A 147 3.84 -13.67 44.01
C MET A 147 3.10 -12.79 45.01
N ARG A 148 3.80 -12.36 46.02
CA ARG A 148 3.13 -11.58 47.03
C ARG A 148 2.85 -10.17 46.59
N GLY A 149 1.62 -10.00 46.15
CA GLY A 149 1.09 -8.75 45.64
C GLY A 149 1.15 -8.67 44.13
N GLU A 150 1.60 -9.75 43.51
CA GLU A 150 1.73 -9.83 42.06
C GLU A 150 0.38 -9.96 41.38
N LEU A 151 -0.52 -10.73 41.98
CA LEU A 151 -1.83 -10.93 41.38
C LEU A 151 -2.90 -10.36 42.28
N LYS A 152 -3.74 -9.48 41.72
CA LYS A 152 -4.79 -8.80 42.47
C LYS A 152 -6.22 -9.14 42.01
N ASN A 153 -7.17 -9.10 42.99
CA ASN A 153 -8.60 -9.28 42.81
C ASN A 153 -9.31 -7.93 42.89
N CYS A 154 -9.76 -7.39 41.73
CA CYS A 154 -10.32 -6.05 41.58
C CYS A 154 -11.82 -6.04 41.28
N SER A 155 -12.49 -4.98 41.73
CA SER A 155 -13.90 -4.80 41.42
C SER A 155 -14.26 -3.35 41.18
N PHE A 156 -15.26 -3.16 40.32
CA PHE A 156 -15.66 -1.82 39.95
C PHE A 156 -17.09 -1.69 39.37
N ASN A 157 -17.59 -0.44 39.38
CA ASN A 157 -18.85 0.02 38.80
C ASN A 157 -18.60 0.49 37.36
N MET A 158 -19.22 -0.19 36.36
CA MET A 158 -19.04 0.13 34.92
C MET A 158 -20.35 0.21 34.16
N THR A 159 -20.26 0.64 32.90
CA THR A 159 -21.42 0.80 32.04
C THR A 159 -21.95 -0.52 31.58
N THR A 160 -23.15 -0.49 31.02
CA THR A 160 -23.87 -1.65 30.52
C THR A 160 -24.47 -1.42 29.15
N GLU A 161 -25.41 -2.28 28.76
CA GLU A 161 -26.02 -2.24 27.42
C GLU A 161 -26.76 -0.96 27.15
N LEU A 162 -27.44 -0.48 28.16
CA LEU A 162 -28.23 0.72 28.12
C LEU A 162 -27.40 1.86 28.64
N ARG A 163 -27.80 3.07 28.29
CA ARG A 163 -27.12 4.24 28.78
C ARG A 163 -27.42 4.48 30.25
N ASP A 164 -28.52 3.92 30.72
CA ASP A 164 -28.92 4.01 32.11
C ASP A 164 -28.45 2.75 32.82
N LYS A 165 -28.81 2.62 34.10
CA LYS A 165 -28.39 1.47 34.90
C LYS A 165 -26.86 1.40 34.97
N LYS A 166 -26.36 0.35 35.59
CA LYS A 166 -24.92 0.13 35.71
C LYS A 166 -24.71 -1.29 36.15
N GLN A 167 -23.49 -1.78 36.07
CA GLN A 167 -23.22 -3.11 36.59
C GLN A 167 -21.95 -3.17 37.42
N LYS A 168 -21.94 -4.08 38.39
CA LYS A 168 -20.76 -4.33 39.20
C LYS A 168 -20.08 -5.58 38.72
N VAL A 169 -18.80 -5.47 38.40
CA VAL A 169 -18.06 -6.61 37.92
C VAL A 169 -16.77 -6.77 38.70
N TYR A 170 -16.15 -7.94 38.57
CA TYR A 170 -14.84 -8.09 39.17
C TYR A 170 -13.98 -8.87 38.22
N SER A 171 -12.67 -8.71 38.35
CA SER A 171 -11.69 -9.40 37.53
C SER A 171 -10.30 -9.46 38.15
N LEU A 172 -9.44 -10.30 37.57
CA LEU A 172 -8.08 -10.31 38.10
C LEU A 172 -7.14 -9.50 37.23
N PHE A 173 -6.18 -8.88 37.87
CA PHE A 173 -5.14 -8.10 37.21
C PHE A 173 -3.75 -8.41 37.69
N TYR A 174 -2.78 -8.21 36.83
CA TYR A 174 -1.40 -8.37 37.25
C TYR A 174 -0.97 -7.04 37.81
N ARG A 175 -0.09 -7.04 38.78
CA ARG A 175 0.38 -5.80 39.37
C ARG A 175 0.91 -4.81 38.36
N LEU A 176 1.55 -5.28 37.31
CA LEU A 176 2.14 -4.39 36.33
C LEU A 176 1.12 -3.52 35.58
N ASP A 177 -0.15 -3.91 35.60
CA ASP A 177 -1.22 -3.21 34.89
C ASP A 177 -1.94 -2.18 35.77
N VAL A 178 -1.76 -2.26 37.10
CA VAL A 178 -2.58 -1.48 38.03
C VAL A 178 -1.77 -0.67 39.03
N VAL A 179 -2.12 0.61 39.23
CA VAL A 179 -1.41 1.44 40.19
C VAL A 179 -2.30 2.11 41.22
N GLN A 180 -1.74 2.42 42.38
CA GLN A 180 -2.49 3.10 43.43
C GLN A 180 -2.77 4.55 43.09
N ILE A 181 -3.85 5.12 43.67
CA ILE A 181 -4.23 6.53 43.50
C ILE A 181 -5.09 6.97 44.69
N LYS A 194 -6.34 0.53 49.13
CA LYS A 194 -7.09 -0.36 48.25
C LYS A 194 -7.64 0.32 46.97
N GLU A 195 -7.42 1.64 46.79
CA GLU A 195 -7.88 2.43 45.63
C GLU A 195 -6.86 2.47 44.52
N TYR A 196 -7.26 1.97 43.35
CA TYR A 196 -6.42 1.85 42.17
C TYR A 196 -7.00 2.46 40.88
N ARG A 197 -6.07 2.75 39.97
CA ARG A 197 -6.29 3.21 38.61
C ARG A 197 -5.59 2.24 37.65
N LEU A 198 -6.09 2.10 36.44
CA LEU A 198 -5.36 1.26 35.49
C LEU A 198 -4.28 2.09 34.84
N ILE A 199 -3.19 1.46 34.46
CA ILE A 199 -2.20 2.25 33.77
C ILE A 199 -2.78 2.62 32.42
N ASN A 200 -2.25 3.68 31.82
CA ASN A 200 -2.74 4.18 30.52
C ASN A 200 -4.22 4.63 30.46
N CYS A 201 -4.67 5.27 31.57
CA CYS A 201 -5.94 5.98 31.78
C CYS A 201 -5.47 7.34 32.20
N ASN A 202 -4.15 7.38 32.43
CA ASN A 202 -3.34 8.53 32.82
C ASN A 202 -3.19 9.41 31.57
N THR A 203 -2.61 8.81 30.51
CA THR A 203 -2.42 9.30 29.16
C THR A 203 -2.78 8.14 28.24
N SER A 204 -3.01 8.42 26.96
CA SER A 204 -3.35 7.41 25.96
C SER A 204 -4.70 6.77 26.20
N ALA A 205 -5.01 5.77 25.39
CA ALA A 205 -6.30 5.11 25.54
C ALA A 205 -6.18 3.66 25.17
N ILE A 206 -6.85 2.84 25.94
CA ILE A 206 -6.75 1.41 25.77
C ILE A 206 -7.77 0.81 24.84
N THR A 207 -7.28 0.04 23.87
CA THR A 207 -8.12 -0.68 22.92
C THR A 207 -7.90 -2.17 23.07
N GLN A 208 -8.96 -2.95 23.12
CA GLN A 208 -8.84 -4.39 23.27
C GLN A 208 -8.54 -5.04 21.95
N ALA A 209 -7.57 -5.92 21.92
CA ALA A 209 -7.32 -6.63 20.69
C ALA A 209 -8.48 -7.59 20.45
N CYS A 210 -8.89 -7.79 19.18
CA CYS A 210 -9.94 -8.74 18.81
C CYS A 210 -9.42 -10.18 18.98
N PRO A 211 -10.05 -11.04 19.79
CA PRO A 211 -9.67 -12.41 20.08
C PRO A 211 -9.59 -13.32 18.86
N LYS A 212 -10.26 -12.92 17.80
CA LYS A 212 -10.30 -13.67 16.56
C LYS A 212 -9.02 -13.51 15.75
N VAL A 213 -8.19 -12.53 16.11
CA VAL A 213 -6.99 -12.22 15.36
C VAL A 213 -5.75 -12.80 15.99
N SER A 214 -5.05 -13.62 15.24
CA SER A 214 -3.81 -14.18 15.72
C SER A 214 -2.62 -13.31 15.38
N PHE A 215 -1.68 -13.24 16.30
CA PHE A 215 -0.47 -12.48 16.09
C PHE A 215 0.71 -13.39 15.86
N GLU A 216 0.44 -14.66 15.60
CA GLU A 216 1.54 -15.57 15.37
C GLU A 216 2.30 -15.08 14.14
N PRO A 217 3.61 -14.90 14.20
CA PRO A 217 4.37 -14.48 13.07
C PRO A 217 4.43 -15.64 12.10
N ILE A 218 4.31 -15.35 10.82
CA ILE A 218 4.45 -16.36 9.79
C ILE A 218 5.49 -15.80 8.86
N PRO A 219 6.19 -16.57 8.04
CA PRO A 219 7.17 -16.04 7.13
C PRO A 219 6.54 -15.09 6.13
N ILE A 220 7.19 -13.96 5.93
CA ILE A 220 6.77 -12.97 4.96
C ILE A 220 7.86 -12.85 3.91
N HIS A 221 7.51 -12.98 2.65
CA HIS A 221 8.49 -12.87 1.60
C HIS A 221 8.37 -11.53 0.93
N TYR A 222 9.43 -10.74 0.93
CA TYR A 222 9.34 -9.42 0.31
C TYR A 222 9.79 -9.52 -1.12
N CYS A 223 8.93 -9.09 -2.06
CA CYS A 223 9.09 -9.23 -3.49
C CYS A 223 9.24 -7.89 -4.20
N ALA A 224 10.13 -7.88 -5.18
CA ALA A 224 10.38 -6.68 -5.97
C ALA A 224 9.23 -6.39 -6.92
N PRO A 225 8.91 -5.12 -7.17
CA PRO A 225 7.97 -4.64 -8.15
C PRO A 225 8.62 -4.77 -9.50
N ALA A 226 7.82 -4.76 -10.54
CA ALA A 226 8.41 -4.84 -11.87
C ALA A 226 9.37 -3.68 -12.08
N GLY A 227 10.50 -3.98 -12.72
CA GLY A 227 11.55 -3.00 -13.03
C GLY A 227 12.67 -2.99 -12.00
N PHE A 228 12.48 -3.74 -10.93
CA PHE A 228 13.40 -3.87 -9.81
C PHE A 228 13.84 -5.29 -9.55
N ALA A 229 14.94 -5.44 -8.83
CA ALA A 229 15.43 -6.76 -8.46
C ALA A 229 16.07 -6.74 -7.10
N ILE A 230 16.15 -7.89 -6.44
CA ILE A 230 16.79 -7.92 -5.14
C ILE A 230 18.06 -8.74 -5.23
N LEU A 231 19.15 -8.18 -4.77
CA LEU A 231 20.39 -8.93 -4.82
C LEU A 231 20.64 -9.54 -3.47
N LYS A 232 21.11 -10.77 -3.47
CA LYS A 232 21.41 -11.48 -2.25
C LYS A 232 22.91 -11.75 -2.12
N CYS A 233 23.46 -11.54 -0.90
CA CYS A 233 24.85 -11.83 -0.56
C CYS A 233 24.93 -13.20 0.10
N LYS A 234 25.69 -14.09 -0.49
CA LYS A 234 25.83 -15.44 0.04
C LYS A 234 27.13 -15.73 0.75
N ASP A 235 28.04 -14.76 0.85
CA ASP A 235 29.30 -15.07 1.50
C ASP A 235 28.98 -15.58 2.89
N LYS A 236 29.54 -16.73 3.23
CA LYS A 236 29.18 -17.41 4.47
C LYS A 236 29.55 -16.65 5.73
N LYS A 237 30.58 -15.84 5.67
CA LYS A 237 31.02 -15.06 6.80
C LYS A 237 30.73 -13.59 6.66
N PHE A 238 29.83 -13.22 5.76
CA PHE A 238 29.59 -11.80 5.57
C PHE A 238 29.16 -11.13 6.89
N ASN A 239 29.85 -10.01 7.24
CA ASN A 239 29.68 -9.27 8.49
C ASN A 239 28.79 -8.01 8.38
N GLY A 240 28.02 -7.86 7.28
CA GLY A 240 27.06 -6.76 7.06
C GLY A 240 27.52 -5.60 6.20
N THR A 241 28.81 -5.43 6.01
CA THR A 241 29.26 -4.33 5.18
C THR A 241 30.36 -4.70 4.22
N GLY A 242 30.49 -3.90 3.18
CA GLY A 242 31.61 -4.02 2.28
C GLY A 242 31.27 -4.93 1.12
N PRO A 243 32.24 -5.23 0.28
CA PRO A 243 32.06 -6.01 -0.91
C PRO A 243 31.72 -7.43 -0.51
N CYS A 244 30.90 -8.08 -1.33
CA CYS A 244 30.46 -9.45 -1.22
C CYS A 244 30.88 -10.12 -2.53
N THR A 245 31.56 -11.25 -2.41
CA THR A 245 32.06 -11.98 -3.57
C THR A 245 31.02 -12.90 -4.25
N ASN A 246 30.22 -13.65 -3.47
CA ASN A 246 29.19 -14.57 -3.96
C ASN A 246 27.84 -13.87 -3.92
N VAL A 247 27.34 -13.38 -5.08
CA VAL A 247 26.12 -12.57 -5.21
C VAL A 247 25.16 -13.22 -6.21
N SER A 248 23.89 -13.20 -5.87
CA SER A 248 22.87 -13.76 -6.75
C SER A 248 21.64 -12.89 -6.80
N THR A 249 20.82 -13.09 -7.81
CA THR A 249 19.59 -12.30 -7.94
C THR A 249 18.36 -13.11 -7.62
N VAL A 250 17.50 -12.53 -6.82
CA VAL A 250 16.28 -13.19 -6.47
C VAL A 250 15.09 -12.30 -6.74
N GLN A 251 13.92 -12.90 -6.82
CA GLN A 251 12.72 -12.09 -6.96
C GLN A 251 12.09 -11.68 -5.63
N CYS A 252 12.27 -12.51 -4.55
CA CYS A 252 11.70 -12.31 -3.23
C CYS A 252 12.71 -12.79 -2.19
N THR A 253 12.52 -12.37 -0.96
CA THR A 253 13.33 -12.83 0.16
C THR A 253 12.92 -14.24 0.57
N HIS A 254 13.69 -14.86 1.48
CA HIS A 254 13.50 -16.24 1.91
C HIS A 254 12.34 -16.51 2.83
N GLY A 255 11.77 -15.46 3.36
CA GLY A 255 10.65 -15.57 4.28
C GLY A 255 11.13 -15.24 5.66
N ILE A 256 10.75 -14.07 6.12
CA ILE A 256 11.15 -13.59 7.42
C ILE A 256 10.01 -13.58 8.37
N LYS A 257 10.17 -14.23 9.50
CA LYS A 257 9.11 -14.21 10.47
C LYS A 257 9.22 -12.91 11.26
N PRO A 258 8.19 -12.08 11.36
CA PRO A 258 8.20 -10.82 12.07
C PRO A 258 8.09 -11.06 13.56
N VAL A 259 9.10 -11.66 14.12
CA VAL A 259 9.14 -11.98 15.53
C VAL A 259 9.55 -10.76 16.30
N VAL A 260 8.83 -10.45 17.35
CA VAL A 260 9.15 -9.31 18.18
C VAL A 260 9.71 -9.73 19.50
N SER A 261 10.92 -9.26 19.80
CA SER A 261 11.63 -9.60 21.02
C SER A 261 12.66 -8.52 21.34
N THR A 262 13.27 -8.64 22.49
CA THR A 262 14.34 -7.75 22.86
C THR A 262 15.41 -8.58 23.52
N GLN A 263 16.63 -8.08 23.53
CA GLN A 263 17.82 -8.71 24.12
C GLN A 263 18.26 -9.97 23.37
N LEU A 264 17.38 -10.95 23.25
CA LEU A 264 17.69 -12.13 22.49
C LEU A 264 16.85 -12.17 21.24
N LEU A 265 17.43 -12.66 20.18
CA LEU A 265 16.73 -12.81 18.92
C LEU A 265 16.21 -14.22 18.81
N LEU A 266 14.91 -14.34 18.62
CA LEU A 266 14.30 -15.65 18.53
C LEU A 266 13.84 -16.01 17.12
N ASN A 267 13.89 -17.33 16.81
CA ASN A 267 13.37 -18.01 15.61
C ASN A 267 13.87 -17.41 14.27
N GLY A 268 15.14 -16.98 14.18
CA GLY A 268 15.76 -16.42 12.97
C GLY A 268 16.62 -17.45 12.26
N SER A 269 17.48 -16.97 11.39
CA SER A 269 18.36 -17.83 10.64
C SER A 269 19.62 -18.07 11.41
N LEU A 270 20.23 -19.20 11.21
CA LEU A 270 21.50 -19.49 11.86
C LEU A 270 22.68 -19.30 10.96
N ALA A 271 23.83 -19.07 11.58
CA ALA A 271 25.09 -18.99 10.89
C ALA A 271 25.40 -20.37 10.39
N GLU A 272 26.05 -20.51 9.24
CA GLU A 272 26.36 -21.85 8.76
C GLU A 272 27.71 -22.38 9.18
N GLU A 273 28.65 -21.48 9.48
CA GLU A 273 29.99 -21.93 9.81
C GLU A 273 30.42 -21.49 11.22
N GLU A 274 30.34 -20.20 11.51
CA GLU A 274 30.80 -19.75 12.81
C GLU A 274 30.04 -18.53 13.24
N VAL A 275 30.12 -18.20 14.51
CA VAL A 275 29.39 -17.05 15.02
C VAL A 275 29.85 -15.76 14.37
N ILE A 276 28.91 -14.96 13.92
CA ILE A 276 29.25 -13.72 13.28
C ILE A 276 28.85 -12.52 14.11
N ILE A 277 29.82 -11.64 14.37
CA ILE A 277 29.57 -10.45 15.15
C ILE A 277 29.38 -9.27 14.22
N ARG A 278 28.21 -8.68 14.19
CA ARG A 278 27.99 -7.58 13.26
C ARG A 278 27.63 -6.29 13.96
N SER A 279 28.31 -5.23 13.62
CA SER A 279 28.01 -3.93 14.22
C SER A 279 28.50 -2.84 13.31
N GLU A 280 28.02 -1.63 13.51
CA GLU A 280 28.49 -0.50 12.77
C GLU A 280 29.62 0.17 13.55
N ASN A 281 30.87 0.24 12.99
CA ASN A 281 32.05 0.84 13.63
C ASN A 281 32.23 0.34 15.09
N ILE A 282 32.43 -0.99 15.26
CA ILE A 282 32.46 -1.73 16.55
C ILE A 282 33.32 -1.13 17.66
N THR A 283 34.29 -0.35 17.27
CA THR A 283 35.24 0.31 18.13
C THR A 283 34.51 1.39 18.97
N ASN A 284 33.41 1.89 18.43
CA ASN A 284 32.57 2.89 19.03
C ASN A 284 31.67 2.25 20.07
N ASN A 285 31.77 2.67 21.30
CA ASN A 285 30.93 2.04 22.30
C ASN A 285 29.56 2.63 22.17
N ALA A 286 28.64 2.20 23.02
CA ALA A 286 27.27 2.72 22.94
C ALA A 286 26.61 2.49 21.57
N LYS A 287 26.88 1.34 20.97
CA LYS A 287 26.28 0.88 19.71
C LYS A 287 25.84 -0.55 19.94
N ASN A 288 24.80 -1.00 19.26
CA ASN A 288 24.40 -2.38 19.42
C ASN A 288 25.21 -3.29 18.53
N ILE A 289 25.46 -4.48 19.04
CA ILE A 289 26.14 -5.54 18.34
C ILE A 289 25.18 -6.68 18.12
N LEU A 290 25.02 -7.10 16.89
CA LEU A 290 24.14 -8.19 16.61
C LEU A 290 24.94 -9.46 16.45
N VAL A 291 24.65 -10.43 17.26
CA VAL A 291 25.39 -11.67 17.22
C VAL A 291 24.56 -12.75 16.61
N GLN A 292 25.02 -13.33 15.51
CA GLN A 292 24.29 -14.41 14.88
C GLN A 292 24.93 -15.73 15.23
N LEU A 293 24.18 -16.58 15.87
CA LEU A 293 24.74 -17.83 16.35
C LEU A 293 24.79 -18.97 15.37
N ASN A 294 25.78 -19.82 15.58
CA ASN A 294 25.95 -21.09 14.91
C ASN A 294 25.34 -22.08 15.88
N GLU A 295 24.31 -22.79 15.46
CA GLU A 295 23.50 -23.70 16.25
C GLU A 295 22.50 -22.88 17.00
N SER A 296 21.63 -23.51 17.77
CA SER A 296 20.58 -22.78 18.44
C SER A 296 20.43 -23.18 19.88
N VAL A 297 19.88 -22.28 20.68
CA VAL A 297 19.64 -22.59 22.07
C VAL A 297 18.15 -22.72 22.30
N GLN A 298 17.73 -23.86 22.80
CA GLN A 298 16.30 -24.06 22.97
C GLN A 298 15.80 -23.55 24.30
N ILE A 299 14.75 -22.73 24.25
CA ILE A 299 14.13 -22.17 25.45
C ILE A 299 12.70 -22.68 25.66
N ASN A 300 12.42 -23.26 26.84
CA ASN A 300 11.12 -23.80 27.24
C ASN A 300 10.43 -22.84 28.22
N CYS A 301 9.36 -22.13 27.76
CA CYS A 301 8.64 -21.13 28.56
C CYS A 301 7.24 -21.59 28.90
N THR A 302 6.83 -21.27 30.11
CA THR A 302 5.50 -21.61 30.55
C THR A 302 4.86 -20.57 31.44
N ARG A 303 3.53 -20.52 31.38
CA ARG A 303 2.73 -19.72 32.26
C ARG A 303 1.74 -20.64 32.95
N PRO A 304 2.15 -21.32 34.03
CA PRO A 304 1.48 -22.43 34.67
C PRO A 304 0.29 -22.05 35.53
N ASN A 305 -0.69 -21.41 34.92
CA ASN A 305 -1.91 -20.99 35.59
C ASN A 305 -3.08 -21.30 34.73
N ASN A 306 -3.94 -22.18 35.19
CA ASN A 306 -5.04 -22.54 34.34
C ASN A 306 -6.09 -21.47 34.43
N ASN A 307 -6.07 -20.58 33.44
CA ASN A 307 -6.99 -19.45 33.46
C ASN A 307 -8.32 -19.71 32.82
N THR A 308 -9.25 -18.88 33.24
CA THR A 308 -10.59 -18.80 32.76
C THR A 308 -10.81 -17.36 32.34
N ARG A 309 -11.89 -17.10 31.63
CA ARG A 309 -12.21 -15.74 31.19
C ARG A 309 -13.62 -15.38 31.52
N LYS A 310 -13.86 -14.08 31.69
CA LYS A 310 -15.21 -13.61 31.91
C LYS A 310 -15.59 -12.68 30.78
N SER A 311 -16.69 -12.98 30.14
CA SER A 311 -17.13 -12.15 29.04
C SER A 311 -18.13 -11.14 29.56
N ILE A 312 -17.78 -9.88 29.47
CA ILE A 312 -18.64 -8.83 29.97
C ILE A 312 -19.20 -8.01 28.84
N ARG A 313 -20.51 -7.87 28.79
CA ARG A 313 -21.11 -7.05 27.75
C ARG A 313 -21.05 -5.66 28.34
N ILE A 314 -20.43 -4.71 27.63
CA ILE A 314 -20.21 -3.37 28.16
C ILE A 314 -20.97 -2.31 27.39
N GLY A 315 -21.68 -2.76 26.38
CA GLY A 315 -22.40 -1.91 25.46
C GLY A 315 -23.09 -2.78 24.41
N PRO A 316 -23.62 -2.20 23.32
CA PRO A 316 -24.44 -2.86 22.31
C PRO A 316 -23.70 -3.83 21.41
N GLY A 317 -23.33 -4.96 22.01
CA GLY A 317 -22.57 -6.02 21.34
C GLY A 317 -21.08 -5.79 21.53
N GLN A 318 -20.75 -4.94 22.48
CA GLN A 318 -19.39 -4.60 22.79
C GLN A 318 -18.93 -5.47 23.92
N TRP A 319 -17.93 -6.29 23.68
CA TRP A 319 -17.48 -7.18 24.72
C TRP A 319 -16.10 -6.93 25.22
N PHE A 320 -15.95 -7.08 26.52
CA PHE A 320 -14.69 -7.01 27.22
C PHE A 320 -14.33 -8.36 27.77
N TYR A 321 -13.10 -8.76 27.54
CA TYR A 321 -12.70 -10.04 28.06
C TYR A 321 -11.79 -9.86 29.24
N ALA A 322 -12.33 -10.18 30.39
CA ALA A 322 -11.63 -9.99 31.64
C ALA A 322 -10.94 -11.25 32.07
N THR A 323 -9.83 -11.11 32.77
CA THR A 323 -9.18 -12.29 33.30
C THR A 323 -10.09 -12.87 34.36
N GLY A 324 -10.36 -14.17 34.26
CA GLY A 324 -11.23 -14.85 35.19
C GLY A 324 -10.40 -15.45 36.30
N ASP A 325 -10.96 -16.40 37.03
CA ASP A 325 -10.23 -16.96 38.14
C ASP A 325 -9.30 -18.07 37.66
N ILE A 326 -8.56 -18.66 38.60
CA ILE A 326 -7.59 -19.71 38.31
C ILE A 326 -7.98 -21.06 38.87
N ILE A 327 -7.92 -22.05 38.01
CA ILE A 327 -8.22 -23.39 38.40
C ILE A 327 -6.96 -24.02 38.96
N GLY A 328 -7.02 -24.47 40.19
CA GLY A 328 -5.86 -25.06 40.82
C GLY A 328 -4.94 -24.01 41.40
N ASP A 329 -3.73 -24.43 41.75
CA ASP A 329 -2.76 -23.58 42.39
C ASP A 329 -2.28 -22.51 41.47
N ILE A 330 -1.83 -21.40 42.04
CA ILE A 330 -1.31 -20.31 41.27
C ILE A 330 0.21 -20.43 41.27
N ARG A 331 0.81 -20.40 40.10
CA ARG A 331 2.25 -20.60 39.99
C ARG A 331 2.95 -19.49 39.18
N GLN A 332 4.22 -19.25 39.43
CA GLN A 332 4.94 -18.20 38.71
C GLN A 332 5.43 -18.64 37.33
N ALA A 333 5.26 -17.75 36.34
CA ALA A 333 5.73 -17.96 34.98
C ALA A 333 7.24 -17.96 34.94
N HIS A 334 7.80 -18.80 34.09
CA HIS A 334 9.26 -18.88 33.97
C HIS A 334 9.71 -19.52 32.64
N CYS A 335 11.01 -19.35 32.29
CA CYS A 335 11.67 -19.96 31.12
C CYS A 335 12.93 -20.74 31.50
N ASN A 336 13.08 -21.92 30.89
CA ASN A 336 14.23 -22.80 31.11
C ASN A 336 15.15 -22.89 29.89
N VAL A 337 16.47 -22.70 30.12
CA VAL A 337 17.53 -22.85 29.11
C VAL A 337 18.53 -23.89 29.58
N SER A 338 18.97 -24.78 28.69
CA SER A 338 19.96 -25.77 29.12
C SER A 338 21.23 -25.04 29.53
N LYS A 339 21.81 -25.42 30.67
CA LYS A 339 22.96 -24.67 31.14
C LYS A 339 24.21 -24.94 30.34
N ALA A 340 24.45 -26.20 29.99
CA ALA A 340 25.66 -26.50 29.24
C ALA A 340 25.64 -25.85 27.87
N THR A 341 24.45 -25.83 27.26
CA THR A 341 24.31 -25.27 25.93
C THR A 341 24.62 -23.80 26.00
N TRP A 342 24.07 -23.12 26.99
CA TRP A 342 24.34 -21.71 27.13
C TRP A 342 25.85 -21.44 27.31
N ASN A 343 26.55 -22.27 28.13
CA ASN A 343 27.99 -22.16 28.42
C ASN A 343 28.84 -22.22 27.14
N GLU A 344 28.54 -23.19 26.23
CA GLU A 344 29.25 -23.33 24.94
C GLU A 344 28.92 -22.19 24.01
N THR A 345 27.67 -21.74 24.05
CA THR A 345 27.24 -20.66 23.19
C THR A 345 28.03 -19.43 23.51
N LEU A 346 28.19 -19.12 24.79
CA LEU A 346 28.95 -17.95 25.12
C LEU A 346 30.41 -18.15 24.85
N GLY A 347 30.94 -19.35 25.05
CA GLY A 347 32.35 -19.48 24.76
C GLY A 347 32.61 -19.12 23.29
N LYS A 348 31.71 -19.50 22.39
CA LYS A 348 31.88 -19.17 20.98
C LYS A 348 31.78 -17.67 20.76
N VAL A 349 30.85 -17.01 21.44
CA VAL A 349 30.70 -15.58 21.26
C VAL A 349 31.94 -14.86 21.75
N VAL A 350 32.46 -15.27 22.89
CA VAL A 350 33.63 -14.62 23.44
C VAL A 350 34.82 -14.78 22.54
N LYS A 351 35.01 -15.96 21.98
CA LYS A 351 36.15 -16.15 21.12
C LYS A 351 36.08 -15.20 19.94
N GLN A 352 34.89 -14.95 19.42
CA GLN A 352 34.81 -14.01 18.32
C GLN A 352 34.95 -12.56 18.79
N LEU A 353 34.49 -12.25 19.99
CA LEU A 353 34.63 -10.87 20.46
C LEU A 353 36.10 -10.53 20.56
N ARG A 354 36.92 -11.51 20.91
CA ARG A 354 38.37 -11.35 21.06
C ARG A 354 39.07 -10.88 19.79
N LYS A 355 38.41 -10.99 18.64
CA LYS A 355 39.02 -10.53 17.42
C LYS A 355 39.02 -9.01 17.37
N HIS A 356 38.11 -8.35 18.08
CA HIS A 356 38.06 -6.90 18.09
C HIS A 356 38.50 -6.36 19.43
N PHE A 357 38.39 -7.19 20.47
CA PHE A 357 38.73 -6.83 21.82
C PHE A 357 39.68 -7.89 22.31
N GLY A 358 40.89 -7.87 21.75
CA GLY A 358 41.84 -8.94 21.93
C GLY A 358 42.90 -8.61 22.96
N ASN A 359 44.12 -9.16 22.76
CA ASN A 359 45.29 -9.06 23.65
C ASN A 359 44.97 -9.49 25.09
N ASN A 360 44.19 -10.60 25.22
CA ASN A 360 43.71 -11.24 26.44
C ASN A 360 42.85 -10.34 27.31
N THR A 361 42.13 -9.41 26.69
CA THR A 361 41.23 -8.59 27.44
C THR A 361 40.25 -9.50 28.11
N ILE A 362 40.04 -9.26 29.38
CA ILE A 362 39.08 -10.04 30.11
C ILE A 362 37.73 -9.58 29.65
N ILE A 363 36.89 -10.50 29.25
CA ILE A 363 35.57 -10.09 28.81
C ILE A 363 34.55 -10.53 29.79
N ARG A 364 33.78 -9.59 30.28
CA ARG A 364 32.78 -9.96 31.23
C ARG A 364 31.41 -9.55 30.76
N PHE A 365 30.43 -10.32 31.20
CA PHE A 365 29.04 -10.06 30.92
C PHE A 365 28.35 -9.68 32.18
N ALA A 366 27.43 -8.75 32.04
CA ALA A 366 26.67 -8.23 33.14
C ALA A 366 25.24 -7.98 32.68
N ASN A 367 24.32 -7.72 33.64
CA ASN A 367 22.90 -7.52 33.36
C ASN A 367 22.64 -6.14 32.72
N SER A 368 21.39 -5.96 32.26
CA SER A 368 20.84 -4.80 31.54
C SER A 368 20.75 -3.50 32.31
N SER A 369 20.89 -3.59 33.62
CA SER A 369 20.83 -2.45 34.54
C SER A 369 19.52 -1.67 34.52
N GLY A 370 19.62 -0.35 34.39
CA GLY A 370 18.43 0.49 34.43
C GLY A 370 17.67 0.61 33.10
N GLY A 371 16.58 1.36 33.12
CA GLY A 371 15.74 1.51 31.94
C GLY A 371 14.37 0.94 32.27
N ASP A 372 13.47 0.91 31.29
CA ASP A 372 12.12 0.42 31.54
C ASP A 372 11.98 -1.08 31.36
N LEU A 373 10.76 -1.59 31.55
CA LEU A 373 10.55 -3.03 31.48
C LEU A 373 10.85 -3.59 30.09
N GLU A 374 10.49 -2.81 29.07
CA GLU A 374 10.63 -3.21 27.68
C GLU A 374 12.10 -3.42 27.30
N VAL A 375 12.99 -2.63 27.88
CA VAL A 375 14.40 -2.75 27.58
C VAL A 375 15.18 -3.64 28.55
N THR A 376 14.90 -3.55 29.86
CA THR A 376 15.70 -4.30 30.81
C THR A 376 15.37 -5.77 30.88
N THR A 377 14.19 -6.19 30.43
CA THR A 377 13.86 -7.61 30.44
C THR A 377 13.62 -8.15 29.04
N HIS A 378 13.65 -9.46 28.91
CA HIS A 378 13.41 -10.19 27.67
C HIS A 378 11.93 -10.19 27.37
N SER A 379 11.52 -10.12 26.11
CA SER A 379 10.10 -10.07 25.82
C SER A 379 9.60 -11.09 24.80
N PHE A 380 8.54 -11.80 25.17
CA PHE A 380 7.92 -12.82 24.32
C PHE A 380 6.50 -12.50 24.00
N ASN A 381 6.04 -13.03 22.87
CA ASN A 381 4.65 -13.01 22.50
C ASN A 381 4.27 -14.43 22.07
N CYS A 382 3.69 -15.22 23.02
CA CYS A 382 3.37 -16.65 22.87
C CYS A 382 1.87 -16.88 22.98
N GLY A 383 1.23 -17.05 21.84
CA GLY A 383 -0.21 -17.28 21.77
C GLY A 383 -0.98 -15.99 21.95
N GLY A 384 -0.26 -14.90 22.06
CA GLY A 384 -0.82 -13.61 22.30
C GLY A 384 -0.56 -13.17 23.73
N GLU A 385 0.09 -14.02 24.54
CA GLU A 385 0.42 -13.62 25.90
C GLU A 385 1.75 -12.91 25.92
N PHE A 386 1.87 -11.90 26.78
CA PHE A 386 3.10 -11.12 26.84
C PHE A 386 3.92 -11.29 28.10
N PHE A 387 5.09 -11.86 27.90
CA PHE A 387 6.00 -12.21 28.98
C PHE A 387 7.18 -11.29 29.04
N TYR A 388 7.56 -10.91 30.25
CA TYR A 388 8.76 -10.15 30.51
C TYR A 388 9.66 -10.98 31.43
N CYS A 389 10.88 -11.37 30.99
CA CYS A 389 11.74 -12.31 31.73
C CYS A 389 13.09 -11.72 32.14
N ASN A 390 13.54 -12.11 33.32
CA ASN A 390 14.79 -11.67 33.92
C ASN A 390 15.98 -12.51 33.43
N THR A 391 16.85 -11.90 32.60
CA THR A 391 18.02 -12.49 31.92
C THR A 391 19.32 -12.27 32.65
N SER A 392 19.27 -11.73 33.87
CA SER A 392 20.51 -11.48 34.61
C SER A 392 21.16 -12.80 34.99
N GLY A 393 20.40 -13.88 34.93
CA GLY A 393 20.91 -15.20 35.25
C GLY A 393 21.69 -15.79 34.07
N LEU A 394 21.64 -15.13 32.92
CA LEU A 394 22.36 -15.62 31.76
C LEU A 394 23.61 -14.81 31.56
N PHE A 395 23.48 -13.50 31.70
CA PHE A 395 24.60 -12.60 31.47
C PHE A 395 25.38 -12.29 32.74
N ASN A 396 26.01 -13.35 33.28
CA ASN A 396 26.78 -13.36 34.52
C ASN A 396 28.01 -14.26 34.33
N SER A 397 29.13 -13.68 33.82
CA SER A 397 30.37 -14.44 33.57
C SER A 397 31.59 -13.55 33.39
N THR A 398 32.75 -14.12 33.66
CA THR A 398 34.01 -13.48 33.35
C THR A 398 34.86 -14.46 32.58
N TRP A 399 35.36 -14.05 31.41
CA TRP A 399 36.12 -14.94 30.60
C TRP A 399 37.56 -14.51 30.48
N ILE A 400 38.45 -15.47 30.68
CA ILE A 400 39.88 -15.22 30.61
C ILE A 400 40.52 -16.24 29.68
N SER A 401 41.73 -15.97 29.22
CA SER A 401 42.42 -16.91 28.34
C SER A 401 43.06 -18.07 29.12
N ASN A 402 42.20 -18.92 29.74
CA ASN A 402 42.51 -20.08 30.59
C ASN A 402 41.19 -20.70 31.05
N ASP A 415 22.06 -28.10 35.85
CA ASP A 415 21.66 -28.67 34.55
C ASP A 415 20.98 -27.65 33.64
N SER A 416 20.17 -26.73 34.22
CA SER A 416 19.41 -25.69 33.52
C SER A 416 19.34 -24.42 34.33
N ILE A 417 19.09 -23.33 33.64
CA ILE A 417 18.94 -22.04 34.26
C ILE A 417 17.50 -21.62 34.17
N THR A 418 16.92 -21.26 35.31
CA THR A 418 15.54 -20.81 35.29
C THR A 418 15.47 -19.31 35.40
N LEU A 419 14.79 -18.71 34.45
CA LEU A 419 14.59 -17.28 34.41
C LEU A 419 13.16 -17.01 34.85
N PRO A 420 12.90 -16.25 35.92
CA PRO A 420 11.56 -15.94 36.37
C PRO A 420 10.99 -14.96 35.36
N CYS A 421 9.66 -14.97 35.16
CA CYS A 421 8.94 -14.07 34.24
C CYS A 421 7.73 -13.40 34.91
N ARG A 422 7.34 -12.26 34.34
CA ARG A 422 6.16 -11.52 34.77
C ARG A 422 5.24 -11.36 33.56
N ILE A 423 3.96 -11.25 33.80
CA ILE A 423 2.97 -11.11 32.74
C ILE A 423 2.31 -9.75 32.78
N LYS A 424 2.15 -9.12 31.62
CA LYS A 424 1.51 -7.80 31.56
C LYS A 424 0.44 -7.78 30.47
N GLN A 425 -0.68 -7.08 30.69
CA GLN A 425 -1.76 -7.03 29.69
C GLN A 425 -1.93 -5.70 28.99
N ILE A 426 -1.58 -4.58 29.63
CA ILE A 426 -1.79 -3.30 28.95
C ILE A 426 -0.43 -2.87 28.37
N ILE A 427 -0.31 -2.87 27.05
CA ILE A 427 0.97 -2.70 26.42
C ILE A 427 1.18 -1.48 25.51
N ASN A 428 2.18 -0.66 25.83
CA ASN A 428 2.51 0.50 25.00
C ASN A 428 3.52 0.06 23.94
N MET A 429 3.03 -0.71 23.00
CA MET A 429 3.90 -1.37 22.04
C MET A 429 4.56 -0.41 21.04
N TRP A 430 5.78 -0.77 20.65
CA TRP A 430 6.64 -0.08 19.70
C TRP A 430 7.16 1.23 20.20
N GLN A 431 7.38 1.35 21.51
CA GLN A 431 7.93 2.56 22.11
C GLN A 431 7.15 3.82 21.72
N ARG A 432 5.84 3.76 21.88
CA ARG A 432 4.95 4.85 21.55
C ARG A 432 4.18 5.23 22.78
N ILE A 433 3.66 6.45 22.81
CA ILE A 433 2.88 6.89 23.97
C ILE A 433 1.41 7.22 23.69
N GLY A 434 1.00 7.27 22.43
CA GLY A 434 -0.38 7.65 22.16
C GLY A 434 -1.36 6.48 22.03
N GLN A 435 -0.86 5.27 22.17
CA GLN A 435 -1.66 4.07 22.01
C GLN A 435 -1.39 3.07 23.10
N ALA A 436 -2.38 2.25 23.44
CA ALA A 436 -2.15 1.16 24.38
C ALA A 436 -3.04 0.01 23.99
N MET A 437 -2.47 -1.18 23.96
CA MET A 437 -3.24 -2.35 23.61
C MET A 437 -3.58 -3.18 24.82
N TYR A 438 -4.78 -3.69 24.88
CA TYR A 438 -5.08 -4.63 25.94
C TYR A 438 -5.07 -6.01 25.37
N ALA A 439 -4.23 -6.85 25.94
CA ALA A 439 -4.12 -8.22 25.51
C ALA A 439 -5.16 -9.06 26.25
N PRO A 440 -6.12 -9.68 25.59
CA PRO A 440 -7.12 -10.49 26.22
C PRO A 440 -6.39 -11.62 26.88
N PRO A 441 -6.91 -12.18 27.95
CA PRO A 441 -6.39 -13.32 28.66
C PRO A 441 -6.53 -14.58 27.84
N ILE A 442 -5.69 -15.55 28.12
CA ILE A 442 -5.74 -16.86 27.46
C ILE A 442 -6.06 -17.97 28.42
N GLN A 443 -7.08 -18.74 28.06
CA GLN A 443 -7.60 -19.84 28.85
C GLN A 443 -6.66 -21.04 28.90
N GLY A 444 -6.72 -21.77 30.00
CA GLY A 444 -5.94 -22.97 30.17
C GLY A 444 -4.51 -22.60 30.48
N VAL A 445 -3.59 -23.52 30.18
CA VAL A 445 -2.19 -23.30 30.48
C VAL A 445 -1.42 -23.23 29.21
N ILE A 446 -0.69 -22.15 29.06
CA ILE A 446 0.05 -21.94 27.85
C ILE A 446 1.54 -22.09 28.01
N ARG A 447 2.13 -22.77 27.05
CA ARG A 447 3.56 -22.96 26.99
C ARG A 447 4.00 -22.78 25.54
N CYS A 448 5.30 -22.47 25.32
CA CYS A 448 5.91 -22.34 24.00
C CYS A 448 7.39 -22.70 24.09
N VAL A 449 7.94 -23.17 22.97
CA VAL A 449 9.36 -23.46 22.90
C VAL A 449 9.97 -22.66 21.78
N SER A 450 10.98 -21.89 22.09
CA SER A 450 11.60 -21.03 21.10
C SER A 450 13.09 -21.32 20.90
N ASN A 451 13.62 -20.96 19.70
CA ASN A 451 15.03 -21.05 19.35
C ASN A 451 15.71 -19.69 19.49
N ILE A 452 16.83 -19.60 20.28
CA ILE A 452 17.63 -18.37 20.32
C ILE A 452 18.59 -18.51 19.18
N THR A 453 18.50 -17.58 18.25
CA THR A 453 19.31 -17.60 17.06
C THR A 453 20.30 -16.48 17.10
N GLY A 454 20.13 -15.58 18.08
CA GLY A 454 21.06 -14.48 18.21
C GLY A 454 20.90 -13.66 19.48
N LEU A 455 21.82 -12.76 19.65
CA LEU A 455 21.88 -11.87 20.81
C LEU A 455 22.04 -10.43 20.40
N ILE A 456 21.54 -9.51 21.20
CA ILE A 456 21.85 -8.11 21.00
C ILE A 456 22.69 -7.65 22.16
N LEU A 457 23.91 -7.26 21.91
CA LEU A 457 24.79 -6.82 22.98
C LEU A 457 25.15 -5.36 22.86
N THR A 458 25.40 -4.75 23.98
CA THR A 458 25.88 -3.38 24.01
C THR A 458 27.15 -3.33 24.83
N ARG A 459 28.13 -2.59 24.35
CA ARG A 459 29.41 -2.48 25.05
C ARG A 459 29.52 -1.17 25.84
N ASP A 460 30.05 -1.24 27.10
CA ASP A 460 30.32 -0.09 27.97
C ASP A 460 31.38 0.79 27.31
N SER A 466 42.53 1.15 29.41
CA SER A 466 41.23 0.56 29.61
C SER A 466 41.24 -0.95 29.22
N THR A 467 40.89 -1.82 30.19
CA THR A 467 40.82 -3.27 30.07
C THR A 467 39.55 -3.78 30.72
N THR A 468 39.43 -5.10 30.80
CA THR A 468 38.25 -5.78 31.34
C THR A 468 36.96 -5.23 30.75
N GLU A 469 36.81 -5.37 29.45
CA GLU A 469 35.65 -4.83 28.79
C GLU A 469 34.37 -5.55 29.21
N THR A 470 33.29 -4.77 29.29
CA THR A 470 31.98 -5.29 29.71
C THR A 470 30.87 -5.17 28.68
N PHE A 471 30.15 -6.28 28.51
CA PHE A 471 29.01 -6.34 27.60
C PHE A 471 27.72 -6.63 28.37
N ARG A 472 26.65 -5.99 27.92
CA ARG A 472 25.36 -6.15 28.56
C ARG A 472 24.35 -6.42 27.47
N PRO A 473 23.20 -7.02 27.74
CA PRO A 473 22.13 -7.13 26.80
C PRO A 473 21.71 -5.75 26.37
N GLY A 474 21.50 -5.55 25.09
CA GLY A 474 21.04 -4.27 24.57
C GLY A 474 19.71 -4.47 23.88
N GLY A 475 19.22 -3.44 23.20
CA GLY A 475 17.94 -3.60 22.51
C GLY A 475 16.96 -2.48 22.73
N GLY A 476 15.74 -2.72 22.27
CA GLY A 476 14.60 -1.82 22.33
C GLY A 476 14.28 -1.14 21.00
N ASP A 477 15.26 -1.07 20.10
CA ASP A 477 15.02 -0.49 18.80
C ASP A 477 14.69 -1.62 17.87
N MET A 478 13.44 -1.72 17.51
CA MET A 478 12.95 -2.83 16.74
C MET A 478 13.58 -3.02 15.40
N ARG A 479 14.19 -2.00 14.84
CA ARG A 479 14.76 -2.18 13.54
C ARG A 479 15.92 -3.16 13.60
N ASP A 480 16.53 -3.32 14.77
CA ASP A 480 17.64 -4.22 14.91
C ASP A 480 17.20 -5.66 14.81
N ASN A 481 15.92 -5.95 15.00
CA ASN A 481 15.50 -7.32 14.90
C ASN A 481 15.24 -7.72 13.49
N TRP A 482 15.28 -6.76 12.58
CA TRP A 482 14.99 -7.09 11.20
C TRP A 482 16.26 -7.04 10.42
N ARG A 483 17.22 -6.25 10.89
CA ARG A 483 18.48 -6.21 10.20
C ARG A 483 19.12 -7.58 10.24
N SER A 484 18.85 -8.33 11.30
CA SER A 484 19.40 -9.65 11.46
C SER A 484 18.96 -10.65 10.37
N GLU A 485 17.88 -10.36 9.65
CA GLU A 485 17.45 -11.23 8.56
C GLU A 485 17.65 -10.54 7.20
N LEU A 486 17.54 -9.21 7.18
CA LEU A 486 17.65 -8.46 5.94
C LEU A 486 19.05 -8.09 5.51
N TYR A 487 20.06 -8.31 6.35
CA TYR A 487 21.43 -7.96 6.01
C TYR A 487 21.96 -8.59 4.73
N LYS A 488 21.38 -9.68 4.29
CA LYS A 488 21.86 -10.33 3.09
C LYS A 488 21.24 -9.76 1.84
N TYR A 489 20.27 -8.87 1.96
CA TYR A 489 19.58 -8.43 0.77
C TYR A 489 19.70 -6.95 0.46
N LYS A 490 19.76 -6.63 -0.82
CA LYS A 490 19.81 -5.26 -1.28
C LYS A 490 18.85 -5.00 -2.44
N VAL A 491 18.22 -3.84 -2.47
CA VAL A 491 17.33 -3.51 -3.58
C VAL A 491 18.00 -2.65 -4.62
N VAL A 492 17.90 -3.06 -5.87
CA VAL A 492 18.46 -2.30 -6.96
C VAL A 492 17.41 -2.08 -8.03
N LYS A 493 17.62 -1.08 -8.87
CA LYS A 493 16.70 -0.84 -9.97
C LYS A 493 17.40 -1.19 -11.24
N ILE A 494 16.63 -1.62 -12.21
CA ILE A 494 17.19 -2.00 -13.48
C ILE A 494 17.05 -0.86 -14.45
N GLU A 495 18.15 -0.53 -15.10
CA GLU A 495 18.16 0.55 -16.09
C GLU A 495 18.66 0.05 -17.42
N PRO A 496 17.86 -0.70 -18.17
CA PRO A 496 18.25 -1.47 -19.32
C PRO A 496 18.37 -0.64 -20.57
N LEU A 497 19.14 0.44 -20.53
CA LEU A 497 19.35 1.26 -21.70
C LEU A 497 20.68 1.98 -21.61
N GLY A 498 21.47 1.85 -22.65
CA GLY A 498 22.75 2.54 -22.66
C GLY A 498 23.39 2.50 -24.02
N VAL A 499 24.56 3.09 -24.12
CA VAL A 499 25.26 3.19 -25.39
C VAL A 499 26.69 2.72 -25.30
N ALA A 500 27.26 2.42 -26.46
CA ALA A 500 28.67 2.06 -26.60
C ALA A 500 29.08 2.29 -28.06
N PRO A 501 30.37 2.54 -28.37
CA PRO A 501 30.88 2.66 -29.73
C PRO A 501 30.87 1.34 -30.48
N THR A 502 30.39 1.37 -31.73
CA THR A 502 30.35 0.22 -32.63
C THR A 502 30.76 0.59 -34.04
N ARG A 503 30.79 -0.40 -34.91
CA ARG A 503 31.17 -0.24 -36.31
C ARG A 503 30.05 0.10 -37.33
N CYS A 504 28.77 0.28 -36.89
CA CYS A 504 27.63 0.53 -37.78
C CYS A 504 27.21 2.01 -37.83
N LYS A 505 26.63 2.38 -38.96
CA LYS A 505 26.05 3.69 -39.24
C LYS A 505 24.79 3.39 -40.05
N ARG A 506 23.76 4.28 -40.05
CA ARG A 506 22.55 4.10 -40.87
C ARG A 506 22.77 4.73 -42.25
N GLY B 10 18.65 -16.71 -17.53
CA GLY B 10 18.15 -16.05 -16.34
C GLY B 10 18.28 -14.54 -16.50
N PHE B 11 17.47 -13.78 -15.72
CA PHE B 11 17.42 -12.31 -15.69
C PHE B 11 18.71 -11.83 -15.05
N LEU B 12 19.44 -11.00 -15.78
CA LEU B 12 20.77 -10.51 -15.38
C LEU B 12 21.76 -11.66 -15.32
N GLY B 13 21.46 -12.76 -15.99
CA GLY B 13 22.42 -13.81 -16.02
C GLY B 13 23.54 -13.22 -16.82
N ALA B 14 24.75 -13.63 -16.52
CA ALA B 14 25.93 -13.13 -17.19
C ALA B 14 26.10 -11.62 -17.01
N ALA B 15 25.59 -11.05 -15.93
CA ALA B 15 25.78 -9.63 -15.64
C ALA B 15 27.26 -9.30 -15.50
N GLY B 16 28.06 -10.24 -15.04
CA GLY B 16 29.49 -10.00 -14.88
C GLY B 16 30.29 -10.31 -16.15
N SER B 17 29.61 -10.72 -17.24
CA SER B 17 30.29 -11.08 -18.47
C SER B 17 30.68 -9.85 -19.25
N THR B 18 31.52 -9.99 -20.23
CA THR B 18 31.90 -8.79 -20.92
C THR B 18 30.84 -8.21 -21.82
N MET B 19 31.04 -6.95 -22.14
CA MET B 19 30.14 -6.28 -23.02
C MET B 19 30.24 -7.02 -24.32
N GLY B 20 29.11 -7.30 -24.92
CA GLY B 20 29.07 -8.01 -26.18
C GLY B 20 28.79 -9.49 -25.97
N ALA B 21 29.02 -9.97 -24.76
CA ALA B 21 28.72 -11.35 -24.45
C ALA B 21 27.36 -11.34 -23.81
N ALA B 22 27.20 -10.39 -22.91
CA ALA B 22 25.96 -10.24 -22.17
C ALA B 22 24.82 -9.93 -23.13
N SER B 23 25.14 -9.21 -24.20
CA SER B 23 24.22 -8.73 -25.22
C SER B 23 23.70 -9.82 -26.13
N MET B 24 24.22 -11.02 -26.00
CA MET B 24 23.69 -12.06 -26.85
C MET B 24 22.23 -12.31 -26.49
N THR B 25 21.82 -12.03 -25.24
CA THR B 25 20.44 -12.23 -24.86
C THR B 25 19.87 -11.00 -24.19
N LEU B 26 19.53 -9.99 -25.00
CA LEU B 26 18.97 -8.73 -24.51
C LEU B 26 17.46 -8.82 -24.35
N THR B 27 16.87 -9.90 -24.83
CA THR B 27 15.43 -10.04 -24.72
C THR B 27 15.06 -10.34 -23.29
N VAL B 28 15.96 -10.98 -22.56
CA VAL B 28 15.65 -11.38 -21.20
C VAL B 28 15.41 -10.19 -20.28
N GLN B 29 16.20 -9.15 -20.41
CA GLN B 29 16.04 -8.00 -19.54
C GLN B 29 15.11 -6.99 -20.14
N ALA B 30 14.55 -7.28 -21.31
CA ALA B 30 13.65 -6.34 -21.96
C ALA B 30 12.20 -6.79 -21.82
N ARG B 31 11.98 -8.11 -21.88
CA ARG B 31 10.65 -8.71 -21.84
C ARG B 31 10.15 -8.87 -20.43
N ASN B 32 11.00 -8.64 -19.45
CA ASN B 32 10.69 -8.81 -18.05
C ASN B 32 10.58 -7.51 -17.30
N LEU B 33 10.41 -6.40 -18.00
CA LEU B 33 10.31 -5.12 -17.34
C LEU B 33 8.90 -4.79 -16.87
N LEU B 34 7.90 -5.32 -17.55
CA LEU B 34 6.50 -5.14 -17.14
C LEU B 34 5.89 -6.29 -16.30
N SER B 35 6.67 -7.38 -16.02
CA SER B 35 6.27 -8.60 -15.31
C SER B 35 4.97 -9.18 -15.89
N TRP B 60 -2.47 -1.44 3.62
CA TRP B 60 -3.12 -1.21 2.33
C TRP B 60 -2.40 -1.92 1.18
N GLY B 61 -3.20 -2.31 0.16
CA GLY B 61 -2.78 -2.93 -1.11
C GLY B 61 -2.61 -1.83 -2.16
N ILE B 62 -2.71 -0.58 -1.72
CA ILE B 62 -2.59 0.56 -2.62
C ILE B 62 -1.23 0.57 -3.24
N LYS B 63 -0.24 0.07 -2.51
CA LYS B 63 1.11 0.01 -3.03
C LYS B 63 1.20 -0.83 -4.28
N GLN B 64 0.32 -1.80 -4.47
CA GLN B 64 0.41 -2.60 -5.67
C GLN B 64 -0.08 -1.80 -6.85
N LEU B 65 -1.03 -0.89 -6.64
CA LEU B 65 -1.55 -0.11 -7.73
C LEU B 65 -0.52 0.92 -8.09
N GLN B 66 0.11 1.47 -7.06
CA GLN B 66 1.11 2.49 -7.27
C GLN B 66 2.29 1.87 -8.00
N ALA B 67 2.65 0.62 -7.64
CA ALA B 67 3.72 -0.08 -8.31
C ALA B 67 3.38 -0.38 -9.76
N ARG B 68 2.13 -0.75 -10.06
CA ARG B 68 1.78 -1.01 -11.44
C ARG B 68 1.91 0.26 -12.26
N VAL B 69 1.48 1.38 -11.69
CA VAL B 69 1.55 2.62 -12.41
C VAL B 69 2.98 2.99 -12.64
N LEU B 70 3.84 2.83 -11.64
CA LEU B 70 5.22 3.18 -11.83
C LEU B 70 5.86 2.32 -12.91
N ALA B 71 5.60 1.02 -12.90
CA ALA B 71 6.24 0.19 -13.90
C ALA B 71 5.86 0.65 -15.29
N VAL B 72 4.60 1.04 -15.46
CA VAL B 72 4.19 1.53 -16.75
C VAL B 72 4.88 2.82 -17.09
N GLU B 73 4.96 3.74 -16.15
CA GLU B 73 5.59 5.00 -16.45
C GLU B 73 7.05 4.81 -16.81
N ARG B 74 7.77 3.93 -16.12
CA ARG B 74 9.16 3.76 -16.44
C ARG B 74 9.31 3.16 -17.82
N TYR B 75 8.47 2.18 -18.13
CA TYR B 75 8.51 1.54 -19.41
C TYR B 75 8.26 2.53 -20.52
N LEU B 76 7.21 3.33 -20.38
CA LEU B 76 6.91 4.27 -21.42
C LEU B 76 7.96 5.34 -21.55
N ARG B 77 8.56 5.80 -20.46
CA ARG B 77 9.59 6.81 -20.63
C ARG B 77 10.72 6.23 -21.46
N ASP B 78 11.09 4.97 -21.25
CA ASP B 78 12.16 4.39 -22.05
C ASP B 78 11.72 4.19 -23.49
N GLN B 79 10.48 3.77 -23.72
CA GLN B 79 10.08 3.57 -25.09
C GLN B 79 9.96 4.89 -25.82
N GLN B 80 9.51 5.94 -25.14
CA GLN B 80 9.42 7.23 -25.79
C GLN B 80 10.80 7.71 -26.12
N LEU B 81 11.74 7.49 -25.23
CA LEU B 81 13.08 7.96 -25.49
C LEU B 81 13.64 7.24 -26.69
N LEU B 82 13.44 5.93 -26.81
CA LEU B 82 13.96 5.28 -27.99
C LEU B 82 13.27 5.83 -29.22
N GLY B 83 11.99 6.10 -29.10
CA GLY B 83 11.22 6.58 -30.23
C GLY B 83 11.41 8.08 -30.53
N ILE B 84 12.24 8.78 -29.76
CA ILE B 84 12.42 10.19 -30.06
C ILE B 84 13.73 10.30 -30.82
N TRP B 85 14.41 9.17 -30.91
CA TRP B 85 15.66 8.94 -31.58
C TRP B 85 15.21 8.19 -32.80
N GLY B 86 16.12 7.76 -33.64
CA GLY B 86 15.68 7.00 -34.83
C GLY B 86 15.30 5.52 -34.59
N CYS B 87 15.38 5.07 -33.33
CA CYS B 87 15.15 3.73 -32.80
C CYS B 87 13.65 3.45 -32.67
N SER B 88 13.29 2.19 -32.80
CA SER B 88 11.91 1.78 -32.64
C SER B 88 11.82 0.45 -31.91
N GLY B 89 11.80 -0.64 -32.67
CA GLY B 89 11.69 -1.99 -32.10
C GLY B 89 13.01 -2.73 -31.96
N LYS B 90 14.13 -2.08 -32.24
CA LYS B 90 15.42 -2.72 -32.21
C LYS B 90 16.04 -2.72 -30.83
N LEU B 91 16.78 -3.76 -30.50
CA LEU B 91 17.48 -3.81 -29.23
C LEU B 91 18.94 -3.38 -29.38
N ILE B 92 19.35 -3.21 -30.63
CA ILE B 92 20.70 -2.85 -31.05
C ILE B 92 20.78 -1.68 -32.05
N CYS B 93 19.96 -0.65 -31.88
CA CYS B 93 19.78 0.47 -32.79
C CYS B 93 21.07 1.27 -33.08
N CYS B 94 21.38 1.41 -34.37
CA CYS B 94 22.54 2.13 -34.81
C CYS B 94 22.07 3.55 -35.07
N THR B 95 22.81 4.56 -34.62
CA THR B 95 22.37 5.92 -34.87
C THR B 95 23.47 6.76 -35.49
N ASN B 96 23.11 7.88 -36.11
CA ASN B 96 24.12 8.69 -36.77
C ASN B 96 24.73 9.77 -35.89
N VAL B 97 25.42 9.30 -34.88
CA VAL B 97 26.18 10.14 -33.96
C VAL B 97 27.56 9.54 -33.83
N PRO B 98 28.65 10.24 -34.16
CA PRO B 98 29.99 9.73 -34.09
C PRO B 98 30.39 9.59 -32.64
N TRP B 99 31.27 8.67 -32.34
CA TRP B 99 31.77 8.51 -30.99
C TRP B 99 32.90 9.50 -30.73
N ASN B 100 32.86 10.19 -29.57
CA ASN B 100 33.88 11.15 -29.12
C ASN B 100 34.89 10.47 -28.18
N SER B 101 36.20 10.71 -28.43
CA SER B 101 37.34 10.22 -27.63
C SER B 101 37.38 10.90 -26.26
N THR B 102 36.59 11.96 -26.15
CA THR B 102 36.46 12.71 -24.92
C THR B 102 35.49 12.01 -23.99
N TRP B 103 34.64 11.13 -24.52
CA TRP B 103 33.71 10.41 -23.69
C TRP B 103 34.46 9.24 -23.14
N SER B 104 35.14 8.54 -24.05
CA SER B 104 35.99 7.40 -23.71
C SER B 104 36.93 7.09 -24.86
N ASN B 105 38.20 6.85 -24.55
CA ASN B 105 39.16 6.53 -25.60
C ASN B 105 39.91 5.26 -25.28
N ARG B 106 39.42 4.16 -25.82
CA ARG B 106 39.98 2.84 -25.58
C ARG B 106 39.99 2.04 -26.86
N ASN B 107 40.76 0.96 -26.87
CA ASN B 107 40.79 0.08 -28.01
C ASN B 107 39.42 -0.54 -28.12
N LEU B 108 38.96 -0.85 -29.32
CA LEU B 108 37.65 -1.46 -29.42
C LEU B 108 37.60 -2.76 -28.59
N SER B 109 38.72 -3.49 -28.50
CA SER B 109 38.79 -4.73 -27.76
C SER B 109 38.70 -4.51 -26.26
N GLU B 110 38.88 -3.27 -25.82
CA GLU B 110 38.81 -2.90 -24.43
C GLU B 110 37.42 -2.44 -24.07
N ILE B 111 36.52 -2.42 -25.07
CA ILE B 111 35.14 -2.06 -24.87
C ILE B 111 34.33 -3.31 -24.94
N TRP B 112 34.56 -4.09 -25.98
CA TRP B 112 33.74 -5.28 -26.20
C TRP B 112 34.37 -6.56 -25.66
N ASP B 113 35.39 -6.38 -24.84
CA ASP B 113 36.03 -7.44 -24.08
C ASP B 113 36.72 -6.74 -22.92
N ASN B 114 37.30 -7.51 -22.02
CA ASN B 114 38.07 -7.04 -20.86
C ASN B 114 37.30 -6.09 -19.90
N MET B 115 35.98 -6.01 -20.05
CA MET B 115 35.15 -5.13 -19.24
C MET B 115 33.68 -5.47 -19.40
N THR B 116 32.91 -5.33 -18.33
CA THR B 116 31.47 -5.52 -18.39
C THR B 116 30.72 -4.21 -18.40
N TRP B 117 29.39 -4.31 -18.48
CA TRP B 117 28.53 -3.16 -18.59
C TRP B 117 28.48 -2.34 -17.34
N LEU B 118 28.72 -2.96 -16.20
CA LEU B 118 28.64 -2.23 -14.95
C LEU B 118 29.75 -1.18 -14.87
N GLN B 119 30.97 -1.50 -15.34
CA GLN B 119 32.03 -0.51 -15.29
C GLN B 119 31.85 0.48 -16.39
N TRP B 120 31.37 0.02 -17.53
CA TRP B 120 31.18 0.91 -18.64
C TRP B 120 30.15 1.96 -18.28
N ASP B 121 29.06 1.55 -17.65
CA ASP B 121 28.05 2.51 -17.28
C ASP B 121 28.65 3.55 -16.36
N LYS B 122 29.52 3.13 -15.43
CA LYS B 122 30.15 4.14 -14.60
C LYS B 122 31.07 5.04 -15.40
N GLU B 123 31.86 4.44 -16.30
CA GLU B 123 32.87 5.17 -17.05
C GLU B 123 32.34 6.34 -17.84
N ILE B 124 31.17 6.18 -18.44
CA ILE B 124 30.63 7.28 -19.22
C ILE B 124 29.36 7.87 -18.62
N SER B 125 29.17 7.71 -17.32
CA SER B 125 27.95 8.26 -16.71
C SER B 125 27.82 9.79 -16.81
N ASN B 126 28.94 10.53 -16.95
CA ASN B 126 29.00 11.99 -17.07
C ASN B 126 28.61 12.51 -18.48
N TYR B 127 28.46 11.61 -19.50
CA TYR B 127 28.18 11.98 -20.89
C TYR B 127 26.85 11.48 -21.40
N THR B 128 26.11 10.77 -20.59
CA THR B 128 24.88 10.15 -21.07
C THR B 128 23.88 11.16 -21.60
N GLN B 129 23.73 12.26 -20.90
CA GLN B 129 22.77 13.28 -21.25
C GLN B 129 23.19 14.04 -22.51
N ILE B 130 24.47 13.94 -22.87
CA ILE B 130 24.98 14.62 -24.04
C ILE B 130 24.70 13.75 -25.20
N ILE B 131 24.99 12.47 -25.03
CA ILE B 131 24.78 11.56 -26.11
C ILE B 131 23.30 11.52 -26.40
N TYR B 132 22.46 11.48 -25.39
CA TYR B 132 21.04 11.44 -25.66
C TYR B 132 20.58 12.68 -26.41
N GLY B 133 21.06 13.86 -26.04
CA GLY B 133 20.66 15.04 -26.79
C GLY B 133 21.11 14.96 -28.25
N LEU B 134 22.32 14.44 -28.47
CA LEU B 134 22.81 14.32 -29.83
C LEU B 134 22.01 13.33 -30.62
N LEU B 135 21.58 12.23 -29.98
CA LEU B 135 20.80 11.23 -30.69
C LEU B 135 19.47 11.80 -31.14
N GLU B 136 18.86 12.62 -30.30
CA GLU B 136 17.59 13.25 -30.63
C GLU B 136 17.77 14.17 -31.84
N GLU B 137 18.83 14.96 -31.85
CA GLU B 137 19.03 15.85 -32.99
C GLU B 137 19.41 15.08 -34.23
N SER B 138 20.19 14.01 -34.09
CA SER B 138 20.59 13.24 -35.24
C SER B 138 19.31 12.80 -35.95
N GLN B 139 18.31 12.35 -35.19
CA GLN B 139 17.06 12.02 -35.84
C GLN B 139 16.30 13.21 -36.40
N ASN B 140 16.31 14.37 -35.73
CA ASN B 140 15.57 15.50 -36.29
C ASN B 140 16.14 15.89 -37.66
N GLN B 141 17.45 15.70 -37.83
CA GLN B 141 18.14 16.00 -39.08
C GLN B 141 17.78 15.04 -40.21
N GLN B 142 17.13 13.93 -39.88
CA GLN B 142 16.70 12.95 -40.86
C GLN B 142 15.26 13.15 -41.26
N GLU B 143 14.56 14.12 -40.67
CA GLU B 143 13.14 14.28 -40.98
C GLU B 143 12.98 15.10 -42.27
N LYS B 144 13.37 14.48 -43.41
CA LYS B 144 13.45 15.07 -44.75
C LYS B 144 12.81 14.11 -45.75
N PHE C 11 7.46 23.08 -21.92
CA PHE C 11 8.60 23.95 -22.20
C PHE C 11 8.58 24.41 -23.68
N LEU C 12 7.38 24.86 -24.12
CA LEU C 12 7.05 25.30 -25.47
C LEU C 12 7.30 26.75 -25.78
N GLY C 13 8.27 27.00 -26.67
CA GLY C 13 8.62 28.36 -27.04
C GLY C 13 8.28 28.71 -28.49
N ALA C 14 7.60 27.81 -29.21
CA ALA C 14 7.32 28.10 -30.61
C ALA C 14 6.48 29.35 -30.73
N ALA C 15 5.56 29.52 -29.79
CA ALA C 15 4.72 30.68 -29.69
C ALA C 15 4.05 31.05 -31.01
N GLY C 16 4.30 32.27 -31.48
CA GLY C 16 3.70 32.82 -32.67
C GLY C 16 4.50 32.54 -33.93
N SER C 17 5.50 31.67 -33.83
CA SER C 17 6.31 31.34 -34.98
C SER C 17 5.40 30.64 -35.96
N THR C 18 5.63 30.84 -37.24
CA THR C 18 4.75 30.23 -38.21
C THR C 18 4.95 28.75 -38.39
N MET C 19 3.99 28.11 -39.03
CA MET C 19 4.10 26.69 -39.26
C MET C 19 5.31 26.45 -40.10
N GLY C 20 6.01 25.40 -39.75
CA GLY C 20 7.23 25.01 -40.44
C GLY C 20 8.45 25.52 -39.69
N ALA C 21 8.26 26.49 -38.79
CA ALA C 21 9.36 27.02 -38.01
C ALA C 21 9.55 26.15 -36.80
N ALA C 22 8.46 25.52 -36.37
CA ALA C 22 8.41 24.67 -35.20
C ALA C 22 8.78 23.23 -35.54
N SER C 23 9.08 22.96 -36.79
CA SER C 23 9.36 21.59 -37.19
C SER C 23 10.56 21.01 -36.46
N MET C 24 11.48 21.85 -36.02
CA MET C 24 12.64 21.37 -35.30
C MET C 24 12.44 21.36 -33.79
N THR C 25 11.25 21.72 -33.31
CA THR C 25 10.99 21.76 -31.87
C THR C 25 10.03 20.65 -31.51
N LEU C 26 9.69 19.83 -32.48
CA LEU C 26 8.69 18.81 -32.26
C LEU C 26 9.11 17.85 -31.14
N THR C 27 10.41 17.62 -30.97
CA THR C 27 10.86 16.73 -29.93
C THR C 27 10.88 17.40 -28.57
N VAL C 28 10.82 18.73 -28.56
CA VAL C 28 10.80 19.48 -27.33
C VAL C 28 9.44 19.30 -26.73
N GLN C 29 8.43 19.36 -27.56
CA GLN C 29 7.10 19.17 -27.01
C GLN C 29 6.86 17.71 -26.70
N ALA C 30 7.31 16.80 -27.55
CA ALA C 30 7.04 15.40 -27.29
C ALA C 30 7.67 14.89 -26.00
N ARG C 31 8.86 15.34 -25.68
CA ARG C 31 9.56 14.83 -24.51
C ARG C 31 8.99 15.35 -23.21
N ASN C 32 8.10 16.32 -23.27
CA ASN C 32 7.62 16.90 -22.04
C ASN C 32 6.35 16.21 -21.59
N LEU C 33 5.88 15.24 -22.36
CA LEU C 33 4.63 14.60 -22.04
C LEU C 33 4.76 13.53 -20.96
N LEU C 34 5.92 12.90 -20.85
CA LEU C 34 6.11 11.88 -19.82
C LEU C 34 7.20 12.33 -18.83
N SER C 35 6.79 12.89 -17.67
CA SER C 35 7.67 13.46 -16.65
C SER C 35 6.87 13.60 -15.35
N GLY C 61 -4.24 12.78 -2.02
CA GLY C 61 -3.21 11.86 -2.47
C GLY C 61 -3.66 11.00 -3.66
N ILE C 62 -4.89 10.44 -3.59
CA ILE C 62 -5.49 9.58 -4.63
C ILE C 62 -5.67 10.37 -5.92
N LYS C 63 -5.87 11.66 -5.77
CA LYS C 63 -6.01 12.55 -6.90
C LYS C 63 -4.76 12.57 -7.75
N GLN C 64 -3.56 12.40 -7.15
CA GLN C 64 -2.37 12.44 -7.95
C GLN C 64 -2.16 11.11 -8.61
N LEU C 65 -2.60 10.04 -7.96
CA LEU C 65 -2.46 8.73 -8.60
C LEU C 65 -3.36 8.75 -9.82
N GLN C 66 -4.56 9.31 -9.66
CA GLN C 66 -5.47 9.39 -10.77
C GLN C 66 -4.92 10.28 -11.85
N ALA C 67 -4.28 11.39 -11.48
CA ALA C 67 -3.73 12.27 -12.49
C ALA C 67 -2.65 11.60 -13.31
N ARG C 68 -1.79 10.80 -12.66
CA ARG C 68 -0.73 10.15 -13.42
C ARG C 68 -1.31 9.13 -14.37
N VAL C 69 -2.34 8.41 -13.94
CA VAL C 69 -2.93 7.43 -14.82
C VAL C 69 -3.55 8.12 -16.00
N LEU C 70 -4.23 9.23 -15.78
CA LEU C 70 -4.84 9.93 -16.87
C LEU C 70 -3.80 10.47 -17.83
N ALA C 71 -2.66 10.95 -17.33
CA ALA C 71 -1.62 11.44 -18.22
C ALA C 71 -1.12 10.32 -19.11
N VAL C 72 -1.00 9.11 -18.56
CA VAL C 72 -0.58 7.98 -19.34
C VAL C 72 -1.62 7.68 -20.39
N GLU C 73 -2.90 7.69 -20.01
CA GLU C 73 -3.92 7.40 -20.98
C GLU C 73 -3.91 8.40 -22.10
N ARG C 74 -3.70 9.68 -21.81
CA ARG C 74 -3.68 10.65 -22.88
C ARG C 74 -2.55 10.37 -23.86
N TYR C 75 -1.38 10.05 -23.32
CA TYR C 75 -0.24 9.74 -24.15
C TYR C 75 -0.55 8.55 -25.04
N LEU C 76 -1.07 7.48 -24.45
CA LEU C 76 -1.33 6.29 -25.22
C LEU C 76 -2.40 6.51 -26.24
N ARG C 77 -3.42 7.30 -25.96
CA ARG C 77 -4.42 7.49 -26.98
C ARG C 77 -3.82 8.14 -28.20
N ASP C 78 -2.93 9.11 -28.01
CA ASP C 78 -2.34 9.72 -29.19
C ASP C 78 -1.44 8.74 -29.92
N GLN C 79 -0.72 7.90 -29.19
CA GLN C 79 0.14 6.97 -29.88
C GLN C 79 -0.66 5.91 -30.62
N GLN C 80 -1.76 5.45 -30.03
CA GLN C 80 -2.58 4.45 -30.67
C GLN C 80 -3.18 5.03 -31.93
N LEU C 81 -3.57 6.29 -31.85
CA LEU C 81 -4.17 6.92 -32.99
C LEU C 81 -3.14 7.06 -34.10
N LEU C 82 -1.91 7.43 -33.78
CA LEU C 82 -0.95 7.49 -34.85
C LEU C 82 -0.76 6.11 -35.41
N GLY C 83 -0.74 5.10 -34.55
CA GLY C 83 -0.56 3.70 -34.93
C GLY C 83 -1.67 3.12 -35.81
N ILE C 84 -2.92 3.58 -35.64
CA ILE C 84 -4.00 3.10 -36.49
C ILE C 84 -3.84 3.70 -37.90
N TRP C 85 -3.32 4.92 -37.96
CA TRP C 85 -3.04 5.61 -39.20
C TRP C 85 -1.81 4.94 -39.78
N GLY C 86 -1.53 5.13 -41.05
CA GLY C 86 -0.39 4.42 -41.63
C GLY C 86 1.06 4.88 -41.27
N CYS C 87 1.37 4.99 -39.95
CA CYS C 87 2.68 5.36 -39.40
C CYS C 87 2.79 5.12 -37.90
N SER C 88 4.01 5.11 -37.41
CA SER C 88 4.27 5.06 -35.98
C SER C 88 5.68 5.52 -35.70
N GLY C 89 5.88 6.22 -34.60
CA GLY C 89 7.23 6.61 -34.20
C GLY C 89 7.78 7.77 -35.02
N LYS C 90 6.89 8.59 -35.57
CA LYS C 90 7.34 9.69 -36.39
C LYS C 90 6.88 10.99 -35.81
N LEU C 91 7.67 12.03 -36.04
CA LEU C 91 7.27 13.36 -35.64
C LEU C 91 6.42 13.96 -36.74
N ILE C 92 6.78 13.59 -37.97
CA ILE C 92 6.08 14.03 -39.16
C ILE C 92 5.68 12.77 -39.94
N CYS C 93 4.38 12.64 -40.27
CA CYS C 93 3.78 11.50 -40.97
C CYS C 93 2.98 11.94 -42.20
N CYS C 94 3.18 11.26 -43.31
CA CYS C 94 2.42 11.61 -44.50
C CYS C 94 2.04 10.39 -45.28
N THR C 95 0.80 10.01 -45.12
CA THR C 95 0.23 8.85 -45.75
C THR C 95 -0.47 9.30 -47.01
N ASN C 96 -0.94 8.38 -47.81
CA ASN C 96 -1.55 8.73 -49.09
C ASN C 96 -3.01 9.14 -49.04
N VAL C 97 -3.29 10.18 -48.28
CA VAL C 97 -4.62 10.77 -48.24
C VAL C 97 -4.48 12.15 -48.85
N PRO C 98 -5.16 12.45 -49.97
CA PRO C 98 -5.10 13.70 -50.68
C PRO C 98 -5.80 14.77 -49.90
N TRP C 99 -5.41 16.00 -50.11
CA TRP C 99 -6.02 17.13 -49.48
C TRP C 99 -7.21 17.64 -50.29
N ASN C 100 -8.32 17.89 -49.64
CA ASN C 100 -9.48 18.46 -50.31
C ASN C 100 -9.58 19.91 -49.89
N SER C 101 -9.37 20.81 -50.84
CA SER C 101 -9.31 22.25 -50.60
C SER C 101 -10.60 22.83 -50.02
N THR C 102 -11.68 22.07 -50.06
CA THR C 102 -12.93 22.54 -49.50
C THR C 102 -12.79 22.80 -48.00
N TRP C 103 -11.83 22.11 -47.35
CA TRP C 103 -11.59 22.21 -45.92
C TRP C 103 -11.02 23.58 -45.57
N SER C 104 -10.33 24.19 -46.52
CA SER C 104 -9.68 25.48 -46.36
C SER C 104 -9.40 26.10 -47.71
N ASN C 105 -10.01 27.24 -48.01
CA ASN C 105 -9.85 27.85 -49.32
C ASN C 105 -8.63 28.74 -49.43
N ARG C 106 -7.48 28.10 -49.27
CA ARG C 106 -6.16 28.74 -49.31
C ARG C 106 -5.19 27.81 -50.06
N ASN C 107 -4.18 28.37 -50.74
CA ASN C 107 -3.21 27.51 -51.43
C ASN C 107 -2.07 27.11 -50.48
N LEU C 108 -1.07 26.34 -50.96
CA LEU C 108 -0.04 25.89 -50.03
C LEU C 108 0.77 27.01 -49.40
N SER C 109 1.12 28.05 -50.15
CA SER C 109 1.90 29.13 -49.55
C SER C 109 1.06 29.88 -48.54
N GLU C 110 -0.21 30.06 -48.88
CA GLU C 110 -1.20 30.76 -48.07
C GLU C 110 -1.52 30.02 -46.77
N ILE C 111 -1.47 28.69 -46.79
CA ILE C 111 -1.73 27.96 -45.56
C ILE C 111 -0.49 27.73 -44.76
N TRP C 112 0.54 27.18 -45.38
CA TRP C 112 1.69 26.80 -44.62
C TRP C 112 2.42 28.03 -44.10
N ASP C 113 2.62 29.06 -44.91
CA ASP C 113 3.34 30.18 -44.34
C ASP C 113 2.34 31.22 -43.86
N ASN C 114 2.83 32.29 -43.28
CA ASN C 114 2.03 33.44 -42.83
C ASN C 114 0.98 33.07 -41.78
N MET C 115 1.11 31.90 -41.18
CA MET C 115 0.20 31.39 -40.18
C MET C 115 0.90 30.62 -39.12
N THR C 116 0.31 30.64 -37.94
CA THR C 116 0.79 29.87 -36.80
C THR C 116 -0.03 28.61 -36.67
N TRP C 117 0.42 27.66 -35.84
CA TRP C 117 -0.39 26.47 -35.65
C TRP C 117 -1.66 26.77 -34.91
N LEU C 118 -1.65 27.78 -34.03
CA LEU C 118 -2.86 28.08 -33.30
C LEU C 118 -3.91 28.61 -34.25
N GLN C 119 -3.49 29.47 -35.18
CA GLN C 119 -4.47 30.03 -36.11
C GLN C 119 -4.99 28.99 -37.05
N TRP C 120 -4.10 28.12 -37.50
CA TRP C 120 -4.52 27.08 -38.39
C TRP C 120 -5.50 26.15 -37.73
N ASP C 121 -5.21 25.75 -36.49
CA ASP C 121 -6.09 24.84 -35.79
C ASP C 121 -7.46 25.46 -35.63
N LYS C 122 -7.55 26.76 -35.36
CA LYS C 122 -8.86 27.36 -35.25
C LYS C 122 -9.61 27.33 -36.58
N GLU C 123 -8.92 27.63 -37.68
CA GLU C 123 -9.56 27.64 -38.98
C GLU C 123 -10.05 26.27 -39.39
N ILE C 124 -9.36 25.23 -38.97
CA ILE C 124 -9.82 23.89 -39.26
C ILE C 124 -10.17 23.15 -37.99
N SER C 125 -10.83 23.81 -37.04
CA SER C 125 -11.24 23.07 -35.84
C SER C 125 -12.25 21.93 -36.17
N ASN C 126 -13.05 22.07 -37.27
CA ASN C 126 -13.96 21.10 -37.84
C ASN C 126 -13.23 20.42 -39.01
N TYR C 127 -13.85 19.37 -39.65
CA TYR C 127 -13.23 18.58 -40.75
C TYR C 127 -11.96 17.86 -40.25
N THR C 128 -12.00 17.32 -39.04
CA THR C 128 -10.80 16.66 -38.54
C THR C 128 -11.02 15.18 -38.41
N GLN C 129 -12.21 14.82 -37.97
CA GLN C 129 -12.59 13.45 -37.72
C GLN C 129 -12.69 12.68 -39.02
N ILE C 130 -12.82 13.42 -40.10
CA ILE C 130 -12.97 12.88 -41.42
C ILE C 130 -11.60 12.45 -41.91
N ILE C 131 -10.57 13.18 -41.48
CA ILE C 131 -9.23 12.93 -41.89
C ILE C 131 -8.82 11.72 -41.15
N TYR C 132 -9.18 11.70 -39.89
CA TYR C 132 -8.78 10.59 -39.07
C TYR C 132 -9.37 9.33 -39.69
N GLY C 133 -10.62 9.39 -40.15
CA GLY C 133 -11.22 8.24 -40.79
C GLY C 133 -10.45 7.82 -42.05
N LEU C 134 -10.10 8.77 -42.90
CA LEU C 134 -9.38 8.44 -44.13
C LEU C 134 -8.00 7.84 -43.84
N LEU C 135 -7.34 8.37 -42.82
CA LEU C 135 -6.03 7.90 -42.44
C LEU C 135 -6.14 6.48 -41.89
N GLU C 136 -7.21 6.18 -41.14
CA GLU C 136 -7.46 4.84 -40.61
C GLU C 136 -7.74 3.85 -41.75
N GLU C 137 -8.48 4.30 -42.76
CA GLU C 137 -8.80 3.42 -43.88
C GLU C 137 -7.57 2.97 -44.68
N SER C 138 -6.57 3.89 -44.91
CA SER C 138 -5.33 3.59 -45.61
C SER C 138 -4.34 3.00 -44.59
N LEU D 39 -1.89 19.79 -51.23
CA LEU D 39 -2.14 18.66 -52.12
C LEU D 39 -2.35 17.34 -51.37
N TRP D 40 -1.52 17.05 -50.32
CA TRP D 40 -1.57 15.83 -49.48
C TRP D 40 -1.65 16.16 -47.99
N VAL D 41 -2.27 15.25 -47.23
CA VAL D 41 -2.40 15.41 -45.79
C VAL D 41 -1.16 15.02 -44.97
N THR D 42 -0.63 15.96 -44.17
CA THR D 42 0.51 15.66 -43.32
C THR D 42 0.15 15.80 -41.85
N VAL D 43 0.47 14.77 -41.11
CA VAL D 43 0.21 14.65 -39.69
C VAL D 43 1.45 15.01 -38.87
N TYR D 44 1.27 15.88 -37.90
CA TYR D 44 2.37 16.32 -37.05
C TYR D 44 2.10 15.95 -35.59
N TYR D 45 3.16 15.57 -34.87
CA TYR D 45 2.94 15.21 -33.47
C TYR D 45 3.31 16.27 -32.44
N GLY D 46 4.53 16.77 -32.39
CA GLY D 46 4.89 17.74 -31.33
C GLY D 46 4.41 19.18 -31.65
N VAL D 47 3.14 19.29 -31.94
CA VAL D 47 2.50 20.49 -32.39
C VAL D 47 2.35 21.52 -31.26
N PRO D 48 2.80 22.77 -31.45
CA PRO D 48 2.78 23.85 -30.48
C PRO D 48 1.40 24.49 -30.33
N VAL D 49 0.44 23.70 -29.89
CA VAL D 49 -0.95 24.12 -29.73
C VAL D 49 -1.54 23.82 -28.37
N TRP D 50 -2.34 24.78 -27.88
CA TRP D 50 -3.00 24.63 -26.61
C TRP D 50 -4.39 25.24 -26.58
N LYS D 51 -5.19 24.77 -25.63
CA LYS D 51 -6.55 25.27 -25.40
C LYS D 51 -6.90 25.47 -23.93
N ASP D 52 -7.86 26.34 -23.66
CA ASP D 52 -8.30 26.58 -22.30
C ASP D 52 -8.70 25.27 -21.67
N ALA D 53 -8.26 25.00 -20.45
CA ALA D 53 -8.64 23.74 -19.86
C ALA D 53 -8.71 23.77 -18.35
N GLU D 54 -9.48 22.86 -17.79
CA GLU D 54 -9.60 22.78 -16.35
C GLU D 54 -9.11 21.46 -15.82
N THR D 55 -8.07 21.52 -15.03
CA THR D 55 -7.48 20.35 -14.40
C THR D 55 -7.11 20.63 -12.99
N THR D 56 -6.54 19.63 -12.35
CA THR D 56 -6.13 19.77 -10.98
C THR D 56 -4.65 20.09 -10.94
N LEU D 57 -4.30 21.17 -10.27
CA LEU D 57 -2.90 21.58 -10.15
C LEU D 57 -2.41 21.07 -8.83
N PHE D 58 -1.11 20.93 -8.69
CA PHE D 58 -0.61 20.46 -7.39
C PHE D 58 0.26 21.55 -6.79
N CYS D 59 0.44 21.52 -5.44
CA CYS D 59 1.26 22.48 -4.72
C CYS D 59 2.70 22.01 -4.62
N ALA D 60 3.58 22.98 -4.67
CA ALA D 60 4.99 22.82 -4.46
C ALA D 60 5.49 23.98 -3.60
N SER D 61 6.57 23.75 -2.82
CA SER D 61 7.22 24.73 -1.93
C SER D 61 8.35 25.48 -2.70
N HIS D 71 6.34 22.19 11.54
CA HIS D 71 5.08 21.46 11.59
C HIS D 71 3.92 22.35 11.08
N ASN D 72 4.11 22.93 9.86
CA ASN D 72 3.16 23.76 9.13
C ASN D 72 2.01 22.93 8.55
N VAL D 73 0.81 23.47 8.53
CA VAL D 73 -0.34 22.77 7.96
C VAL D 73 -0.15 22.44 6.48
N TRP D 74 0.63 23.22 5.75
CA TRP D 74 0.87 22.95 4.34
C TRP D 74 2.07 22.04 4.13
N ALA D 75 2.74 21.64 5.21
CA ALA D 75 3.93 20.81 5.14
C ALA D 75 3.63 19.45 4.53
N THR D 76 2.42 18.96 4.74
CA THR D 76 2.01 17.65 4.29
C THR D 76 1.24 17.76 2.99
N HIS D 77 1.23 18.95 2.41
CA HIS D 77 0.58 19.17 1.14
C HIS D 77 1.61 19.52 0.06
N CYS D 78 2.42 20.56 0.32
CA CYS D 78 3.42 21.12 -0.58
C CYS D 78 4.70 20.33 -0.28
N CYS D 79 4.62 19.03 -0.57
CA CYS D 79 5.63 18.03 -0.22
C CYS D 79 6.80 17.96 -1.18
N VAL D 80 6.68 18.68 -2.27
CA VAL D 80 7.68 18.74 -3.30
C VAL D 80 8.17 20.18 -3.39
N PRO D 81 9.47 20.44 -3.43
CA PRO D 81 10.03 21.77 -3.60
C PRO D 81 9.89 22.21 -5.04
N THR D 82 9.88 23.50 -5.27
CA THR D 82 9.91 23.98 -6.65
C THR D 82 11.31 23.98 -7.14
N ASP D 83 11.46 24.11 -8.45
CA ASP D 83 12.78 24.21 -9.02
C ASP D 83 13.42 25.54 -8.61
N PRO D 84 14.75 25.60 -8.45
CA PRO D 84 15.54 26.80 -8.18
C PRO D 84 15.57 27.73 -9.39
N ASN D 85 15.18 27.19 -10.54
CA ASN D 85 15.13 27.89 -11.80
C ASN D 85 13.75 27.68 -12.40
N PRO D 86 12.86 28.69 -12.36
CA PRO D 86 11.52 28.68 -12.90
C PRO D 86 11.44 28.39 -14.39
N GLN D 87 12.53 28.61 -15.12
CA GLN D 87 12.55 28.34 -16.56
C GLN D 87 11.38 28.95 -17.32
N GLU D 88 11.14 30.23 -17.09
CA GLU D 88 10.08 30.94 -17.77
C GLU D 88 10.41 31.15 -19.24
N ILE D 89 9.45 30.86 -20.10
CA ILE D 89 9.65 31.04 -21.53
C ILE D 89 8.79 32.11 -22.17
N HIS D 90 9.42 33.14 -22.70
CA HIS D 90 8.67 34.20 -23.34
C HIS D 90 8.03 33.71 -24.63
N LEU D 91 6.77 34.03 -24.85
CA LEU D 91 6.17 33.63 -26.10
C LEU D 91 6.12 34.80 -27.04
N GLU D 92 6.92 34.73 -28.07
CA GLU D 92 7.01 35.81 -29.04
C GLU D 92 5.80 35.87 -29.95
N ASN D 93 5.31 37.08 -30.21
CA ASN D 93 4.23 37.30 -31.15
C ASN D 93 2.93 36.53 -30.89
N VAL D 94 2.45 36.52 -29.65
CA VAL D 94 1.18 35.86 -29.37
C VAL D 94 0.22 36.79 -28.67
N THR D 95 -1.05 36.44 -28.73
CA THR D 95 -2.10 37.13 -27.99
C THR D 95 -2.87 36.05 -27.29
N GLU D 96 -3.14 36.22 -26.01
CA GLU D 96 -3.89 35.21 -25.27
C GLU D 96 -5.00 35.86 -24.49
N GLU D 97 -6.20 35.32 -24.57
CA GLU D 97 -7.29 35.91 -23.83
C GLU D 97 -7.26 35.42 -22.38
N PHE D 98 -7.07 36.37 -21.47
CA PHE D 98 -7.01 36.09 -20.05
C PHE D 98 -8.25 36.62 -19.38
N ASN D 99 -8.67 35.95 -18.32
CA ASN D 99 -9.82 36.42 -17.58
C ASN D 99 -9.69 35.99 -16.14
N MET D 100 -9.51 36.95 -15.23
CA MET D 100 -9.36 36.63 -13.82
C MET D 100 -10.67 36.14 -13.20
N TRP D 101 -11.78 36.43 -13.86
CA TRP D 101 -13.10 36.06 -13.41
C TRP D 101 -13.39 34.72 -14.03
N LYS D 102 -14.18 33.88 -13.36
CA LYS D 102 -14.49 32.57 -13.93
C LYS D 102 -13.21 31.78 -14.22
N ASN D 103 -12.25 31.90 -13.31
CA ASN D 103 -10.95 31.26 -13.40
C ASN D 103 -10.86 30.09 -12.44
N ASN D 104 -10.78 28.89 -12.97
CA ASN D 104 -10.81 27.70 -12.14
C ASN D 104 -9.61 27.58 -11.22
N MET D 105 -8.54 28.34 -11.46
CA MET D 105 -7.39 28.24 -10.58
C MET D 105 -7.74 28.84 -9.24
N VAL D 106 -8.63 29.82 -9.25
CA VAL D 106 -9.02 30.52 -8.06
C VAL D 106 -9.92 29.59 -7.30
N GLU D 107 -10.81 28.95 -8.03
CA GLU D 107 -11.73 28.03 -7.39
C GLU D 107 -10.97 26.84 -6.82
N GLN D 108 -9.95 26.37 -7.55
CA GLN D 108 -9.18 25.25 -7.08
C GLN D 108 -8.40 25.62 -5.83
N MET D 109 -7.84 26.82 -5.79
CA MET D 109 -7.11 27.23 -4.60
C MET D 109 -8.04 27.22 -3.42
N HIS D 110 -9.23 27.75 -3.62
CA HIS D 110 -10.17 27.83 -2.54
C HIS D 110 -10.58 26.50 -2.00
N THR D 111 -10.99 25.57 -2.87
CA THR D 111 -11.45 24.31 -2.33
C THR D 111 -10.32 23.53 -1.67
N ASP D 112 -9.10 23.63 -2.18
CA ASP D 112 -8.03 22.88 -1.56
C ASP D 112 -7.66 23.45 -0.23
N ILE D 113 -7.69 24.77 -0.07
CA ILE D 113 -7.37 25.30 1.23
C ILE D 113 -8.41 24.87 2.22
N ILE D 114 -9.69 24.88 1.83
CA ILE D 114 -10.69 24.46 2.79
C ILE D 114 -10.44 23.03 3.16
N SER D 115 -10.12 22.18 2.20
CA SER D 115 -9.89 20.79 2.51
C SER D 115 -8.74 20.63 3.46
N LEU D 116 -7.62 21.32 3.24
CA LEU D 116 -6.51 21.14 4.13
C LEU D 116 -6.84 21.63 5.50
N TRP D 117 -7.58 22.72 5.57
CA TRP D 117 -7.95 23.27 6.84
C TRP D 117 -8.72 22.22 7.61
N ASP D 118 -9.68 21.58 6.95
CA ASP D 118 -10.51 20.54 7.55
C ASP D 118 -9.77 19.22 7.80
N GLN D 119 -8.72 18.92 7.02
CA GLN D 119 -7.92 17.73 7.28
C GLN D 119 -7.20 17.93 8.61
N SER D 120 -6.78 19.17 8.86
CA SER D 120 -6.20 19.50 10.13
C SER D 120 -7.42 19.67 10.98
N LEU D 121 -7.30 19.94 12.25
CA LEU D 121 -8.46 20.04 13.16
C LEU D 121 -9.16 18.67 13.38
N LYS D 122 -9.49 17.95 12.33
CA LYS D 122 -10.08 16.65 12.42
C LYS D 122 -9.45 15.76 13.51
N PRO D 123 -8.12 15.61 13.62
CA PRO D 123 -7.48 14.82 14.66
C PRO D 123 -7.24 15.52 16.03
N CYS D 124 -7.71 16.78 16.24
CA CYS D 124 -7.50 17.58 17.44
C CYS D 124 -8.63 17.28 18.45
N VAL D 125 -8.44 17.70 19.68
CA VAL D 125 -9.41 17.46 20.75
C VAL D 125 -10.76 18.16 20.48
N LYS D 126 -11.84 17.39 20.63
CA LYS D 126 -13.20 17.88 20.46
C LYS D 126 -13.66 18.40 21.80
N LEU D 127 -14.12 19.64 21.88
CA LEU D 127 -14.45 20.20 23.18
C LEU D 127 -15.89 19.99 23.59
N THR D 128 -16.26 18.72 23.64
CA THR D 128 -17.61 18.35 24.00
C THR D 128 -18.03 18.84 25.38
N PRO D 129 -17.23 18.66 26.44
CA PRO D 129 -17.63 18.99 27.77
C PRO D 129 -17.50 20.45 28.14
N LEU D 130 -17.31 21.34 27.16
CA LEU D 130 -17.38 22.74 27.56
C LEU D 130 -18.81 23.31 27.55
N CYS D 131 -19.83 22.54 27.04
CA CYS D 131 -21.21 23.00 26.95
C CYS D 131 -21.92 22.76 28.29
N VAL D 132 -21.47 23.51 29.25
CA VAL D 132 -21.95 23.45 30.61
C VAL D 132 -22.30 24.84 31.06
N THR D 133 -23.09 24.97 32.12
CA THR D 133 -23.36 26.31 32.58
C THR D 133 -22.11 26.85 33.22
N LEU D 134 -21.74 28.04 32.81
CA LEU D 134 -20.57 28.73 33.27
C LEU D 134 -20.97 29.80 34.27
N GLN D 135 -20.27 29.88 35.39
CA GLN D 135 -20.56 30.94 36.35
C GLN D 135 -19.55 31.99 35.96
N CYS D 136 -19.81 33.33 36.08
CA CYS D 136 -18.79 34.30 35.66
C CYS D 136 -19.02 35.70 36.22
N THR D 137 -17.88 36.39 36.47
CA THR D 137 -17.81 37.76 36.94
C THR D 137 -16.89 38.68 36.12
N ASN D 138 -16.79 39.92 36.56
CA ASN D 138 -16.01 40.95 35.89
C ASN D 138 -14.54 41.00 36.25
N VAL D 139 -13.83 41.92 35.59
CA VAL D 139 -12.43 42.22 35.79
C VAL D 139 -12.29 43.64 36.25
N THR D 140 -11.59 43.83 37.36
CA THR D 140 -11.29 45.15 37.93
C THR D 140 -9.78 45.35 38.04
N ASN D 141 -9.02 44.37 37.62
CA ASN D 141 -7.59 44.38 37.83
C ASN D 141 -6.79 45.13 36.79
N ASN D 142 -6.57 46.42 37.07
CA ASN D 142 -5.81 47.32 36.20
C ASN D 142 -6.38 47.35 34.79
N ILE D 143 -7.68 47.41 34.73
CA ILE D 143 -8.41 47.42 33.49
C ILE D 143 -8.92 48.80 33.19
N THR D 144 -8.69 49.25 31.97
CA THR D 144 -9.16 50.55 31.55
C THR D 144 -10.14 50.37 30.40
N ASP D 145 -10.99 51.39 30.16
CA ASP D 145 -12.01 51.44 29.10
C ASP D 145 -11.39 51.23 27.71
N GLU D 150 -13.78 43.74 26.45
CA GLU D 150 -13.18 43.36 27.72
C GLU D 150 -13.08 41.81 27.84
N LEU D 151 -12.54 41.36 29.00
CA LEU D 151 -12.30 39.98 29.43
C LEU D 151 -13.15 39.69 30.66
N LYS D 152 -13.61 38.45 30.76
CA LYS D 152 -14.39 37.99 31.90
C LYS D 152 -13.67 36.85 32.68
N ASN D 153 -13.90 36.82 34.00
CA ASN D 153 -13.36 35.82 34.95
C ASN D 153 -14.41 34.72 35.26
N CYS D 154 -14.30 33.52 34.63
CA CYS D 154 -15.36 32.48 34.65
C CYS D 154 -14.95 31.10 35.25
N SER D 155 -15.96 30.32 35.70
CA SER D 155 -15.69 28.97 36.22
C SER D 155 -16.78 27.92 35.93
N PHE D 156 -16.36 26.65 35.89
CA PHE D 156 -17.26 25.54 35.55
C PHE D 156 -16.86 24.15 36.10
N ASN D 157 -17.84 23.19 36.09
CA ASN D 157 -17.67 21.77 36.45
C ASN D 157 -17.33 20.95 35.19
N MET D 158 -16.07 20.44 35.13
CA MET D 158 -15.39 19.73 34.03
C MET D 158 -14.92 18.30 34.35
N THR D 159 -14.84 17.47 33.32
CA THR D 159 -14.39 16.10 33.44
C THR D 159 -12.90 16.00 33.64
N THR D 160 -12.44 14.81 33.98
CA THR D 160 -11.04 14.51 34.20
C THR D 160 -10.68 13.34 33.32
N GLU D 161 -9.46 12.83 33.45
CA GLU D 161 -9.03 11.69 32.65
C GLU D 161 -9.81 10.42 32.98
N LEU D 162 -10.45 10.39 34.14
CA LEU D 162 -11.26 9.25 34.55
C LEU D 162 -12.72 9.63 34.38
N ARG D 163 -13.58 8.63 34.35
CA ARG D 163 -15.00 8.90 34.19
C ARG D 163 -15.68 9.47 35.45
N ASP D 164 -15.01 9.35 36.58
CA ASP D 164 -15.47 9.81 37.87
C ASP D 164 -14.68 11.03 38.38
N LYS D 165 -14.99 11.50 39.59
CA LYS D 165 -14.26 12.63 40.20
C LYS D 165 -14.19 13.93 39.38
N LYS D 166 -15.36 14.48 39.04
CA LYS D 166 -15.48 15.72 38.25
C LYS D 166 -14.80 16.88 39.01
N GLN D 167 -14.12 17.78 38.27
CA GLN D 167 -13.35 18.90 38.83
C GLN D 167 -13.90 20.30 38.57
N LYS D 168 -13.58 21.24 39.46
CA LYS D 168 -13.94 22.64 39.24
C LYS D 168 -12.78 23.39 38.60
N VAL D 169 -13.07 24.07 37.50
CA VAL D 169 -12.08 24.80 36.73
C VAL D 169 -12.35 26.29 36.57
N TYR D 170 -11.29 27.08 36.77
CA TYR D 170 -11.35 28.54 36.57
C TYR D 170 -10.56 28.94 35.32
N SER D 171 -11.20 29.75 34.47
CA SER D 171 -10.60 30.21 33.21
C SER D 171 -11.05 31.59 32.78
N LEU D 172 -10.32 32.18 31.85
CA LEU D 172 -10.70 33.48 31.35
C LEU D 172 -11.27 33.38 29.96
N PHE D 173 -12.19 34.29 29.64
CA PHE D 173 -12.78 34.39 28.31
C PHE D 173 -12.91 35.81 27.80
N TYR D 174 -12.89 35.98 26.50
CA TYR D 174 -13.17 37.28 25.91
C TYR D 174 -14.67 37.44 25.82
N ARG D 175 -15.17 38.68 25.94
CA ARG D 175 -16.62 38.89 25.88
C ARG D 175 -17.27 38.35 24.64
N LEU D 176 -16.60 38.41 23.51
CA LEU D 176 -17.20 38.00 22.27
C LEU D 176 -17.56 36.52 22.23
N ASP D 177 -16.91 35.71 23.06
CA ASP D 177 -17.11 34.28 23.06
C ASP D 177 -18.07 33.78 24.12
N VAL D 178 -18.64 34.67 24.92
CA VAL D 178 -19.52 34.20 25.98
C VAL D 178 -20.92 34.83 25.83
N VAL D 179 -21.99 34.00 25.85
CA VAL D 179 -23.39 34.44 25.70
C VAL D 179 -24.16 34.29 27.02
N GLU D 195 -24.33 32.90 35.07
CA GLU D 195 -25.23 32.05 34.30
C GLU D 195 -24.99 32.25 32.78
N TYR D 196 -23.84 31.74 32.29
CA TYR D 196 -23.37 31.87 30.90
C TYR D 196 -23.13 30.57 30.16
N ARG D 197 -23.17 30.66 28.84
CA ARG D 197 -22.84 29.54 27.96
C ARG D 197 -21.86 30.04 26.92
N LEU D 198 -21.08 29.15 26.31
CA LEU D 198 -20.18 29.63 25.28
C LEU D 198 -20.95 29.77 23.99
N ILE D 199 -20.54 30.73 23.19
CA ILE D 199 -21.30 30.97 21.97
C ILE D 199 -21.34 29.77 21.07
N ASN D 200 -22.54 29.50 20.59
CA ASN D 200 -22.82 28.42 19.66
C ASN D 200 -22.48 26.99 20.13
N CYS D 201 -22.22 26.78 21.45
CA CYS D 201 -21.79 25.49 22.00
C CYS D 201 -22.90 24.46 21.81
N ASN D 202 -24.14 24.90 21.93
CA ASN D 202 -25.27 24.02 21.80
C ASN D 202 -25.78 23.90 20.37
N THR D 203 -25.07 24.50 19.43
CA THR D 203 -25.49 24.49 18.05
C THR D 203 -24.52 23.74 17.17
N SER D 204 -23.23 23.92 17.42
CA SER D 204 -22.19 23.32 16.61
C SER D 204 -21.13 22.72 17.48
N ALA D 205 -20.49 21.66 17.02
CA ALA D 205 -19.38 21.14 17.79
C ALA D 205 -18.23 22.12 17.71
N ILE D 206 -17.47 22.25 18.78
CA ILE D 206 -16.30 23.11 18.72
C ILE D 206 -15.04 22.25 18.80
N THR D 207 -14.16 22.41 17.83
CA THR D 207 -12.91 21.63 17.78
C THR D 207 -11.74 22.55 18.02
N GLN D 208 -10.84 22.21 18.92
CA GLN D 208 -9.74 23.15 19.10
C GLN D 208 -8.70 22.99 18.04
N ALA D 209 -8.01 24.08 17.79
CA ALA D 209 -6.88 24.02 16.88
C ALA D 209 -5.66 23.70 17.71
N CYS D 210 -5.23 22.43 17.71
CA CYS D 210 -4.15 21.90 18.53
C CYS D 210 -2.79 22.52 18.10
N PRO D 211 -1.97 22.94 19.09
CA PRO D 211 -0.73 23.70 18.95
C PRO D 211 0.37 23.02 18.20
N LYS D 212 0.26 21.72 18.00
CA LYS D 212 1.27 21.00 17.28
C LYS D 212 1.31 21.43 15.81
N VAL D 213 0.24 22.06 15.29
CA VAL D 213 0.24 22.47 13.90
C VAL D 213 0.17 23.98 13.74
N SER D 214 1.07 24.48 12.91
CA SER D 214 1.13 25.89 12.59
C SER D 214 0.33 26.20 11.35
N PHE D 215 -0.36 27.31 11.36
CA PHE D 215 -1.14 27.69 10.20
C PHE D 215 -0.51 28.86 9.46
N GLU D 216 0.76 29.11 9.74
CA GLU D 216 1.45 30.21 9.10
C GLU D 216 1.34 30.08 7.57
N PRO D 217 0.91 31.14 6.86
CA PRO D 217 0.71 31.16 5.43
C PRO D 217 1.98 31.25 4.64
N ILE D 218 2.73 30.18 4.64
CA ILE D 218 3.97 30.10 3.89
C ILE D 218 3.60 30.31 2.43
N PRO D 219 4.51 30.72 1.54
CA PRO D 219 4.23 30.88 0.14
C PRO D 219 4.04 29.50 -0.43
N ILE D 220 3.20 29.39 -1.44
CA ILE D 220 2.97 28.14 -2.12
C ILE D 220 3.03 28.36 -3.61
N HIS D 221 3.28 27.33 -4.39
CA HIS D 221 3.30 27.50 -5.83
C HIS D 221 2.43 26.47 -6.49
N TYR D 222 1.54 26.86 -7.41
CA TYR D 222 0.79 25.80 -8.10
C TYR D 222 1.51 25.43 -9.37
N CYS D 223 1.69 24.11 -9.60
CA CYS D 223 2.43 23.54 -10.72
C CYS D 223 1.52 22.68 -11.58
N ALA D 224 1.75 22.75 -12.89
CA ALA D 224 0.95 21.97 -13.84
C ALA D 224 1.31 20.49 -13.81
N PRO D 225 0.34 19.58 -14.00
CA PRO D 225 0.52 18.17 -14.21
C PRO D 225 1.00 17.94 -15.62
N ALA D 226 1.63 16.80 -15.89
CA ALA D 226 2.06 16.55 -17.25
C ALA D 226 0.88 16.63 -18.22
N GLY D 227 1.12 17.27 -19.36
CA GLY D 227 0.14 17.47 -20.43
C GLY D 227 -0.46 18.87 -20.39
N PHE D 228 -0.17 19.61 -19.32
CA PHE D 228 -0.66 20.96 -19.09
C PHE D 228 0.44 21.98 -18.89
N ALA D 229 0.08 23.24 -19.09
CA ALA D 229 1.02 24.34 -18.89
C ALA D 229 0.31 25.55 -18.32
N ILE D 230 1.06 26.41 -17.64
CA ILE D 230 0.47 27.60 -17.08
C ILE D 230 0.96 28.81 -17.85
N LEU D 231 0.03 29.60 -18.34
CA LEU D 231 0.41 30.79 -19.08
C LEU D 231 0.29 31.97 -18.15
N LYS D 232 1.14 32.96 -18.36
CA LYS D 232 1.10 34.15 -17.54
C LYS D 232 1.07 35.43 -18.39
N CYS D 233 0.25 36.41 -17.97
CA CYS D 233 0.10 37.73 -18.58
C CYS D 233 1.11 38.71 -17.97
N LYS D 234 1.94 39.32 -18.81
CA LYS D 234 2.94 40.27 -18.32
C LYS D 234 2.58 41.71 -18.63
N ASP D 235 1.38 41.96 -19.12
CA ASP D 235 0.99 43.31 -19.45
C ASP D 235 0.72 44.08 -18.16
N LYS D 236 1.54 45.09 -17.93
CA LYS D 236 1.54 45.87 -16.71
C LYS D 236 0.27 46.66 -16.52
N LYS D 237 -0.48 46.87 -17.59
CA LYS D 237 -1.73 47.60 -17.49
C LYS D 237 -2.93 46.69 -17.55
N PHE D 238 -2.73 45.39 -17.48
CA PHE D 238 -3.85 44.48 -17.59
C PHE D 238 -4.84 44.72 -16.44
N ASN D 239 -6.15 44.88 -16.80
CA ASN D 239 -7.28 45.18 -15.90
C ASN D 239 -8.07 43.93 -15.43
N GLY D 240 -7.54 42.73 -15.68
CA GLY D 240 -8.12 41.43 -15.33
C GLY D 240 -8.74 40.70 -16.51
N THR D 241 -9.08 41.40 -17.61
CA THR D 241 -9.62 40.65 -18.74
C THR D 241 -9.06 41.11 -20.07
N GLY D 242 -9.14 40.24 -21.07
CA GLY D 242 -8.85 40.67 -22.43
C GLY D 242 -7.60 40.08 -23.10
N PRO D 243 -7.30 40.57 -24.31
CA PRO D 243 -6.27 40.11 -25.23
C PRO D 243 -4.86 40.56 -24.85
N CYS D 244 -4.34 39.99 -23.76
CA CYS D 244 -3.02 40.23 -23.19
C CYS D 244 -1.91 39.75 -24.14
N THR D 245 -0.89 40.58 -24.25
CA THR D 245 0.29 40.25 -25.03
C THR D 245 1.45 40.06 -24.09
N ASN D 246 2.63 39.84 -24.64
CA ASN D 246 3.82 39.59 -23.83
C ASN D 246 3.55 38.45 -22.84
N VAL D 247 2.93 37.41 -23.34
CA VAL D 247 2.56 36.24 -22.58
C VAL D 247 3.76 35.31 -22.43
N SER D 248 3.95 34.75 -21.25
CA SER D 248 5.04 33.79 -21.05
C SER D 248 4.50 32.48 -20.50
N THR D 249 5.26 31.42 -20.69
CA THR D 249 4.88 30.12 -20.16
C THR D 249 5.73 29.68 -18.98
N VAL D 250 5.06 29.22 -17.94
CA VAL D 250 5.76 28.75 -16.77
C VAL D 250 5.29 27.37 -16.37
N GLN D 251 6.08 26.71 -15.55
CA GLN D 251 5.64 25.41 -15.01
C GLN D 251 4.90 25.52 -13.68
N CYS D 252 5.23 26.56 -12.86
CA CYS D 252 4.71 26.83 -11.53
C CYS D 252 4.42 28.32 -11.41
N THR D 253 3.42 28.66 -10.59
CA THR D 253 3.06 30.04 -10.27
C THR D 253 4.01 30.59 -9.25
N HIS D 254 3.92 31.90 -9.02
CA HIS D 254 4.68 32.55 -7.98
C HIS D 254 4.07 32.14 -6.64
N GLY D 255 4.61 32.67 -5.53
CA GLY D 255 4.24 32.28 -4.16
C GLY D 255 2.79 32.49 -3.71
N ILE D 256 2.02 33.40 -4.34
CA ILE D 256 0.60 33.61 -3.99
C ILE D 256 0.27 33.33 -2.52
N LYS D 257 1.02 33.95 -1.62
CA LYS D 257 0.91 33.63 -0.21
C LYS D 257 -0.56 33.64 0.24
N PRO D 258 -1.09 32.55 0.85
CA PRO D 258 -2.47 32.36 1.24
C PRO D 258 -2.84 33.10 2.51
N VAL D 259 -2.80 34.41 2.43
CA VAL D 259 -3.15 35.27 3.54
C VAL D 259 -4.64 35.48 3.54
N VAL D 260 -5.29 35.30 4.69
CA VAL D 260 -6.73 35.44 4.86
C VAL D 260 -7.09 36.75 5.54
N SER D 261 -7.93 37.55 4.88
CA SER D 261 -8.37 38.85 5.35
C SER D 261 -9.75 39.18 4.78
N THR D 262 -10.28 40.37 5.10
CA THR D 262 -11.59 40.81 4.64
C THR D 262 -11.51 42.08 3.79
N GLN D 263 -11.56 43.23 4.43
CA GLN D 263 -11.62 44.54 3.78
C GLN D 263 -10.35 44.96 3.04
N LEU D 264 -9.20 44.61 3.59
CA LEU D 264 -7.93 44.97 2.98
C LEU D 264 -7.19 43.71 2.67
N LEU D 265 -6.42 43.73 1.60
CA LEU D 265 -5.59 42.62 1.19
C LEU D 265 -4.19 42.85 1.68
N LEU D 266 -3.70 41.88 2.44
CA LEU D 266 -2.38 41.99 3.02
C LEU D 266 -1.34 41.12 2.33
N ASN D 267 -0.08 41.60 2.36
CA ASN D 267 1.15 41.03 1.82
C ASN D 267 1.00 40.70 0.32
N GLY D 268 1.24 39.45 -0.18
CA GLY D 268 1.11 39.17 -1.64
C GLY D 268 2.08 40.03 -2.49
N SER D 269 1.57 40.75 -3.49
CA SER D 269 2.42 41.57 -4.34
C SER D 269 1.80 42.92 -4.78
N LEU D 270 2.67 43.80 -5.26
CA LEU D 270 2.29 45.11 -5.76
C LEU D 270 2.17 45.18 -7.26
N ALA D 271 1.39 46.14 -7.72
CA ALA D 271 1.22 46.44 -9.15
C ALA D 271 2.43 47.14 -9.80
N GLU D 272 3.34 47.74 -8.98
CA GLU D 272 4.53 48.51 -9.36
C GLU D 272 4.17 49.62 -10.37
N VAL D 275 -2.02 53.02 -10.01
CA VAL D 275 -2.79 52.01 -9.31
C VAL D 275 -3.78 51.43 -10.33
N ILE D 276 -4.06 50.11 -10.24
CA ILE D 276 -4.96 49.42 -11.18
C ILE D 276 -6.24 49.01 -10.50
N ILE D 277 -7.33 49.45 -11.10
CA ILE D 277 -8.66 49.19 -10.58
C ILE D 277 -9.24 48.05 -11.39
N ARG D 278 -9.47 46.90 -10.75
CA ARG D 278 -9.97 45.75 -11.50
C ARG D 278 -11.29 45.22 -10.96
N SER D 279 -12.28 45.12 -11.80
CA SER D 279 -13.56 44.59 -11.34
C SER D 279 -14.34 44.05 -12.50
N GLU D 280 -15.37 43.27 -12.22
CA GLU D 280 -16.24 42.77 -13.25
C GLU D 280 -17.37 43.78 -13.42
N ASN D 281 -17.69 44.19 -14.68
CA ASN D 281 -18.80 45.10 -15.02
C ASN D 281 -18.82 46.37 -14.15
N ILE D 282 -17.66 47.07 -14.06
CA ILE D 282 -17.47 48.21 -13.16
C ILE D 282 -18.47 49.32 -13.38
N THR D 283 -18.96 49.82 -12.25
CA THR D 283 -19.97 50.88 -12.07
C THR D 283 -21.39 50.40 -12.31
N ASN D 284 -21.59 49.18 -12.85
CA ASN D 284 -22.93 48.76 -13.18
C ASN D 284 -23.63 47.89 -12.15
N ASN D 285 -22.91 47.31 -11.20
CA ASN D 285 -23.60 46.44 -10.27
C ASN D 285 -22.91 46.39 -8.91
N ALA D 286 -23.48 45.62 -7.99
CA ALA D 286 -22.98 45.48 -6.63
C ALA D 286 -21.88 44.45 -6.56
N LYS D 287 -20.77 44.79 -7.16
CA LYS D 287 -19.63 43.90 -7.24
C LYS D 287 -18.43 44.50 -6.57
N ASN D 288 -17.53 43.66 -6.10
CA ASN D 288 -16.32 44.13 -5.46
C ASN D 288 -15.31 44.67 -6.43
N ILE D 289 -14.63 45.72 -6.03
CA ILE D 289 -13.55 46.29 -6.81
C ILE D 289 -12.24 45.93 -6.18
N LEU D 290 -11.37 45.31 -6.94
CA LEU D 290 -10.09 44.92 -6.40
C LEU D 290 -9.06 45.96 -6.81
N VAL D 291 -8.53 46.64 -5.83
CA VAL D 291 -7.58 47.71 -6.11
C VAL D 291 -6.18 47.27 -5.79
N GLN D 292 -5.30 47.25 -6.78
CA GLN D 292 -3.94 46.80 -6.50
C GLN D 292 -3.01 48.00 -6.55
N LEU D 293 -2.35 48.23 -5.44
CA LEU D 293 -1.52 49.40 -5.23
C LEU D 293 -0.16 49.28 -5.87
N ASN D 294 0.42 50.43 -6.23
CA ASN D 294 1.78 50.46 -6.76
C ASN D 294 2.81 50.49 -5.65
N GLU D 295 2.35 50.82 -4.46
CA GLU D 295 3.20 50.95 -3.29
C GLU D 295 2.51 50.32 -2.11
N SER D 296 3.27 49.72 -1.22
CA SER D 296 2.72 49.12 -0.02
C SER D 296 2.59 50.11 1.12
N VAL D 297 1.67 49.82 2.04
CA VAL D 297 1.56 50.60 3.28
C VAL D 297 1.78 49.71 4.48
N GLN D 298 2.71 50.08 5.34
CA GLN D 298 2.93 49.24 6.50
C GLN D 298 1.99 49.59 7.63
N ILE D 299 1.41 48.54 8.23
CA ILE D 299 0.53 48.65 9.38
C ILE D 299 1.18 47.94 10.59
N ASN D 300 1.30 48.65 11.73
CA ASN D 300 1.90 48.16 12.97
C ASN D 300 0.80 47.64 13.93
N CYS D 301 0.57 46.29 13.95
CA CYS D 301 -0.48 45.67 14.78
C CYS D 301 0.09 44.94 15.98
N THR D 302 -0.49 45.22 17.14
CA THR D 302 -0.08 44.54 18.36
C THR D 302 -1.21 44.15 19.29
N ARG D 303 -0.84 43.34 20.28
CA ARG D 303 -1.75 42.84 21.29
C ARG D 303 -1.09 42.93 22.67
N PRO D 304 -1.04 44.11 23.30
CA PRO D 304 -0.21 44.43 24.45
C PRO D 304 -0.80 43.94 25.74
N ASN D 305 -1.04 42.64 25.83
CA ASN D 305 -1.63 42.07 27.03
C ASN D 305 -0.78 41.14 27.90
N ASN D 306 0.28 40.52 27.33
CA ASN D 306 1.15 39.51 27.98
C ASN D 306 0.35 38.37 28.65
N ASN D 307 -0.58 37.76 27.88
CA ASN D 307 -1.44 36.67 28.34
C ASN D 307 -0.67 35.40 28.62
N THR D 308 -1.17 34.67 29.59
CA THR D 308 -0.65 33.40 30.01
C THR D 308 -1.74 32.38 29.79
N ARG D 309 -1.40 31.10 29.92
CA ARG D 309 -2.41 30.08 29.71
C ARG D 309 -2.33 28.98 30.73
N LYS D 310 -3.43 28.27 30.89
CA LYS D 310 -3.54 27.14 31.78
C LYS D 310 -3.89 25.88 31.02
N SER D 311 -3.06 24.86 31.17
CA SER D 311 -3.29 23.60 30.48
C SER D 311 -3.99 22.63 31.40
N ILE D 312 -5.15 22.13 30.99
CA ILE D 312 -5.89 21.23 31.85
C ILE D 312 -6.23 19.94 31.13
N ARG D 313 -6.54 18.92 31.91
CA ARG D 313 -6.93 17.65 31.34
C ARG D 313 -8.43 17.57 31.25
N ILE D 314 -8.92 17.30 30.06
CA ILE D 314 -10.32 17.12 29.79
C ILE D 314 -10.59 15.64 29.88
N GLY D 315 -9.65 14.92 29.32
CA GLY D 315 -9.72 13.48 29.21
C GLY D 315 -8.32 12.87 29.18
N PRO D 316 -8.17 11.60 28.83
CA PRO D 316 -6.93 10.84 28.86
C PRO D 316 -5.98 11.24 27.75
N GLY D 317 -5.26 12.34 27.98
CA GLY D 317 -4.34 12.90 27.00
C GLY D 317 -5.03 13.95 26.16
N GLN D 318 -6.22 14.33 26.59
CA GLN D 318 -7.01 15.31 25.89
C GLN D 318 -6.77 16.62 26.61
N TRP D 319 -5.84 17.41 26.10
CA TRP D 319 -5.46 18.65 26.73
C TRP D 319 -6.17 19.85 26.14
N PHE D 320 -6.60 20.74 27.01
CA PHE D 320 -7.26 21.98 26.64
C PHE D 320 -6.50 23.16 27.15
N TYR D 321 -6.33 24.16 26.29
CA TYR D 321 -5.59 25.32 26.71
C TYR D 321 -6.49 26.50 26.95
N ALA D 322 -6.60 26.85 28.22
CA ALA D 322 -7.47 27.91 28.69
C ALA D 322 -6.70 29.22 28.81
N THR D 323 -7.38 30.38 28.58
CA THR D 323 -6.81 31.72 28.75
C THR D 323 -6.63 31.97 30.27
N ALA D 333 -5.39 45.57 22.28
CA ALA D 333 -5.11 45.27 20.89
C ALA D 333 -5.55 46.46 20.00
N HIS D 334 -4.62 46.89 19.12
CA HIS D 334 -4.79 48.01 18.17
C HIS D 334 -3.81 47.89 17.01
N CYS D 335 -4.10 48.61 15.89
CA CYS D 335 -3.21 48.75 14.73
C CYS D 335 -2.97 50.22 14.45
N ASN D 336 -1.70 50.55 14.28
CA ASN D 336 -1.23 51.89 13.95
C ASN D 336 -0.95 51.97 12.45
N VAL D 337 -1.80 52.70 11.69
CA VAL D 337 -1.71 52.83 10.23
C VAL D 337 -0.63 53.85 9.94
N SER D 338 0.37 53.53 9.12
CA SER D 338 1.39 54.53 8.93
C SER D 338 0.78 55.84 8.45
N LYS D 339 1.14 56.89 9.18
CA LYS D 339 0.67 58.24 8.99
C LYS D 339 1.18 58.83 7.70
N ALA D 340 0.34 59.63 7.06
CA ALA D 340 0.63 60.35 5.81
C ALA D 340 0.64 59.43 4.60
N THR D 341 1.38 58.34 4.66
CA THR D 341 1.46 57.43 3.55
C THR D 341 0.09 56.82 3.28
N TRP D 342 -0.74 56.61 4.31
CA TRP D 342 -2.07 56.12 3.98
C TRP D 342 -2.82 57.14 3.11
N ASN D 343 -2.75 58.47 3.43
CA ASN D 343 -3.43 59.52 2.66
C ASN D 343 -2.86 59.61 1.23
N GLU D 344 -1.52 59.37 1.05
CA GLU D 344 -0.84 59.36 -0.26
C GLU D 344 -1.37 58.20 -1.09
N THR D 345 -1.59 57.07 -0.42
CA THR D 345 -2.10 55.87 -1.04
C THR D 345 -3.50 56.13 -1.53
N LEU D 346 -4.30 56.78 -0.70
CA LEU D 346 -5.65 57.08 -1.11
C LEU D 346 -5.57 58.06 -2.25
N GLY D 347 -4.60 58.99 -2.19
CA GLY D 347 -4.39 60.00 -3.21
C GLY D 347 -4.15 59.38 -4.57
N LYS D 348 -3.50 58.23 -4.59
CA LYS D 348 -3.24 57.52 -5.83
C LYS D 348 -4.50 56.86 -6.39
N VAL D 349 -5.41 56.44 -5.51
CA VAL D 349 -6.65 55.79 -5.92
C VAL D 349 -7.69 56.80 -6.39
N VAL D 350 -7.80 57.87 -5.64
CA VAL D 350 -8.82 58.85 -5.94
C VAL D 350 -8.57 59.46 -7.29
N LYS D 351 -9.67 59.74 -7.96
CA LYS D 351 -9.71 60.31 -9.29
C LYS D 351 -9.22 59.34 -10.36
N GLN D 352 -9.05 58.06 -9.98
CA GLN D 352 -8.78 57.06 -10.99
C GLN D 352 -10.09 56.35 -11.23
N LEU D 353 -10.92 56.32 -10.20
CA LEU D 353 -12.19 55.65 -10.26
C LEU D 353 -13.08 56.34 -11.26
N ARG D 354 -12.97 57.67 -11.36
CA ARG D 354 -13.78 58.49 -12.23
C ARG D 354 -13.49 58.23 -13.70
N LYS D 355 -12.42 57.49 -13.99
CA LYS D 355 -12.07 57.17 -15.37
C LYS D 355 -12.98 56.05 -15.83
N HIS D 356 -13.63 55.39 -14.88
CA HIS D 356 -14.61 54.34 -15.08
C HIS D 356 -16.03 54.88 -14.74
N PHE D 357 -16.12 55.65 -13.61
CA PHE D 357 -17.31 56.31 -13.05
C PHE D 357 -17.35 57.71 -13.66
N VAL D 375 -18.14 40.97 8.99
CA VAL D 375 -17.16 41.54 8.06
C VAL D 375 -17.17 43.10 7.99
N THR D 376 -17.53 43.76 9.13
CA THR D 376 -17.61 45.22 9.29
C THR D 376 -16.25 45.74 9.68
N THR D 377 -15.41 44.80 10.04
CA THR D 377 -14.04 44.98 10.47
C THR D 377 -13.04 44.28 9.57
N HIS D 378 -11.78 44.61 9.82
CA HIS D 378 -10.67 44.02 9.10
C HIS D 378 -10.09 42.83 9.88
N SER D 379 -10.26 41.64 9.32
CA SER D 379 -9.80 40.46 10.00
C SER D 379 -8.31 40.25 9.76
N PHE D 380 -7.73 39.40 10.60
CA PHE D 380 -6.33 39.01 10.62
C PHE D 380 -6.28 37.61 11.22
N ASN D 381 -5.07 37.02 11.31
CA ASN D 381 -4.80 35.74 11.94
C ASN D 381 -3.57 35.98 12.81
N GLY D 383 -0.08 37.18 13.54
CA GLY D 383 0.03 37.23 14.99
C GLY D 383 -0.46 35.96 15.74
N GLY D 384 -1.21 35.07 15.06
CA GLY D 384 -1.78 33.82 15.60
C GLY D 384 -3.19 33.99 16.17
N GLU D 385 -3.66 35.22 16.25
CA GLU D 385 -4.99 35.54 16.76
C GLU D 385 -5.77 36.38 15.78
N PHE D 386 -7.06 36.34 15.94
CA PHE D 386 -7.98 37.00 15.06
C PHE D 386 -8.52 38.28 15.68
N PHE D 387 -8.02 39.41 15.16
CA PHE D 387 -8.20 40.78 15.62
C PHE D 387 -9.49 41.56 15.31
N TYR D 388 -10.15 41.30 14.19
CA TYR D 388 -11.37 42.06 13.87
C TYR D 388 -11.27 43.57 14.16
N CYS D 389 -10.35 44.30 13.49
CA CYS D 389 -10.04 45.71 13.78
C CYS D 389 -11.00 46.70 13.11
N ASN D 390 -11.27 47.79 13.84
CA ASN D 390 -12.11 48.88 13.33
C ASN D 390 -11.32 49.71 12.32
N THR D 391 -12.05 50.35 11.37
CA THR D 391 -11.54 51.19 10.28
C THR D 391 -11.35 52.60 10.78
N SER D 392 -10.61 52.71 11.88
CA SER D 392 -10.45 53.97 12.57
C SER D 392 -9.41 54.83 11.92
N GLY D 393 -9.88 55.91 11.32
CA GLY D 393 -9.02 56.81 10.60
C GLY D 393 -8.64 56.19 9.26
N LEU D 394 -9.39 55.18 8.82
CA LEU D 394 -9.02 54.49 7.58
C LEU D 394 -9.86 54.94 6.34
N PHE D 395 -11.17 55.21 6.53
CA PHE D 395 -12.13 55.61 5.48
C PHE D 395 -12.91 56.84 5.98
N PRO D 420 -7.71 49.88 17.61
CA PRO D 420 -9.00 49.50 18.19
C PRO D 420 -9.46 48.16 17.61
N CYS D 421 -8.93 47.05 18.19
CA CYS D 421 -9.16 45.67 17.76
C CYS D 421 -9.77 44.83 18.89
N ARG D 422 -10.44 43.74 18.51
CA ARG D 422 -11.01 42.82 19.47
C ARG D 422 -10.77 41.38 19.09
N ILE D 423 -10.20 40.65 20.00
CA ILE D 423 -9.86 39.25 19.81
C ILE D 423 -11.05 38.34 20.03
N LYS D 424 -11.28 37.45 19.08
CA LYS D 424 -12.37 36.48 19.21
C LYS D 424 -11.76 35.08 19.20
N GLN D 425 -12.05 34.26 20.21
CA GLN D 425 -11.46 32.94 20.32
C GLN D 425 -12.25 31.79 19.64
N ILE D 426 -13.58 31.83 19.64
CA ILE D 426 -14.34 30.74 19.02
C ILE D 426 -14.74 31.19 17.64
N ILE D 427 -14.18 30.53 16.65
CA ILE D 427 -14.28 30.98 15.29
C ILE D 427 -15.05 30.18 14.28
N ASN D 428 -16.02 30.84 13.67
CA ASN D 428 -16.80 30.25 12.60
C ASN D 428 -16.22 30.80 11.32
N MET D 429 -15.37 30.02 10.68
CA MET D 429 -14.69 30.53 9.50
C MET D 429 -15.14 29.90 8.20
N TRP D 430 -14.73 30.53 7.11
CA TRP D 430 -15.06 30.17 5.74
C TRP D 430 -16.55 30.28 5.49
N GLN D 431 -17.19 31.13 6.28
CA GLN D 431 -18.62 31.39 6.27
C GLN D 431 -19.44 30.12 6.49
N ARG D 432 -18.99 29.23 7.39
CA ARG D 432 -19.73 28.03 7.70
C ARG D 432 -20.19 28.05 9.15
N ILE D 433 -21.19 27.25 9.48
CA ILE D 433 -21.76 27.22 10.83
C ILE D 433 -21.35 26.07 11.74
N GLY D 434 -21.26 24.86 11.20
CA GLY D 434 -21.09 23.64 12.00
C GLY D 434 -19.66 23.21 12.36
N GLN D 435 -18.69 24.02 11.99
CA GLN D 435 -17.29 23.68 12.19
C GLN D 435 -16.55 24.68 13.06
N ALA D 436 -17.16 25.13 14.14
CA ALA D 436 -16.51 26.13 14.97
C ALA D 436 -15.17 25.65 15.46
N MET D 437 -14.19 26.54 15.40
CA MET D 437 -12.84 26.28 15.85
C MET D 437 -12.50 26.98 17.16
N TYR D 438 -11.79 26.31 18.05
CA TYR D 438 -11.36 27.02 19.27
C TYR D 438 -9.90 27.38 19.18
N ALA D 439 -9.62 28.66 19.11
CA ALA D 439 -8.23 29.04 19.02
C ALA D 439 -7.63 29.01 20.43
N PRO D 440 -6.49 28.36 20.67
CA PRO D 440 -5.85 28.32 21.95
C PRO D 440 -5.30 29.71 22.19
N PRO D 441 -5.05 30.11 23.42
CA PRO D 441 -4.42 31.37 23.78
C PRO D 441 -2.95 31.32 23.42
N ILE D 442 -2.38 32.48 23.13
CA ILE D 442 -0.95 32.57 22.84
C ILE D 442 -0.17 33.39 23.86
N GLN D 443 0.86 32.75 24.43
CA GLN D 443 1.69 33.40 25.43
C GLN D 443 2.38 34.64 24.88
N GLY D 444 2.24 35.78 25.61
CA GLY D 444 2.83 37.06 25.25
C GLY D 444 1.83 37.92 24.50
N VAL D 449 2.68 44.42 11.91
CA VAL D 449 3.86 44.24 11.04
C VAL D 449 3.51 43.65 9.63
N SER D 450 2.37 44.11 9.04
CA SER D 450 1.85 43.65 7.72
C SER D 450 1.80 44.77 6.69
N ASN D 451 1.82 44.41 5.39
CA ASN D 451 1.74 45.35 4.26
C ASN D 451 0.35 45.32 3.60
N ILE D 452 -0.25 46.52 3.37
CA ILE D 452 -1.49 46.65 2.58
C ILE D 452 -1.04 46.77 1.16
N THR D 453 -1.45 45.83 0.34
CA THR D 453 -1.05 45.82 -1.05
C THR D 453 -2.23 46.03 -1.95
N GLY D 454 -3.42 45.90 -1.36
CA GLY D 454 -4.63 46.15 -2.12
C GLY D 454 -5.82 46.26 -1.20
N LEU D 455 -6.89 46.74 -1.78
CA LEU D 455 -8.15 46.97 -1.07
C LEU D 455 -9.31 46.33 -1.77
N ILE D 456 -10.35 45.93 -1.02
CA ILE D 456 -11.56 45.54 -1.71
C ILE D 456 -12.61 46.58 -1.43
N LEU D 457 -13.08 47.23 -2.48
CA LEU D 457 -14.05 48.31 -2.32
C LEU D 457 -15.42 48.01 -2.85
N THR D 458 -16.39 48.70 -2.28
CA THR D 458 -17.79 48.70 -2.74
C THR D 458 -18.27 50.16 -2.86
N ARG D 459 -19.24 50.39 -3.78
CA ARG D 459 -19.83 51.71 -4.08
C ARG D 459 -20.42 52.37 -2.83
N PHE D 471 -17.75 55.70 -1.51
CA PHE D 471 -17.16 54.37 -1.41
C PHE D 471 -16.96 53.96 0.06
N ARG D 472 -16.99 52.64 0.29
CA ARG D 472 -16.85 51.92 1.57
C ARG D 472 -16.09 50.64 1.32
N PRO D 473 -15.43 50.04 2.31
CA PRO D 473 -14.80 48.75 2.17
C PRO D 473 -15.83 47.67 1.94
N GLY D 474 -15.46 46.73 1.09
CA GLY D 474 -16.26 45.55 0.75
C GLY D 474 -15.49 44.29 1.10
N GLY D 475 -15.62 43.25 0.25
CA GLY D 475 -14.92 41.98 0.51
C GLY D 475 -15.71 41.04 1.41
N GLY D 476 -14.98 40.04 1.97
CA GLY D 476 -15.55 38.97 2.80
C GLY D 476 -15.66 37.62 2.08
N ASP D 477 -15.57 37.64 0.74
CA ASP D 477 -15.62 36.45 -0.09
C ASP D 477 -14.19 35.99 -0.40
N MET D 478 -13.82 34.83 0.12
CA MET D 478 -12.47 34.33 -0.01
C MET D 478 -12.03 34.09 -1.43
N ARG D 479 -12.97 33.92 -2.32
CA ARG D 479 -12.58 33.71 -3.69
C ARG D 479 -11.97 34.99 -4.23
N ASP D 480 -12.44 36.16 -3.80
CA ASP D 480 -11.90 37.40 -4.30
C ASP D 480 -10.58 37.64 -3.64
N ASN D 481 -10.48 37.20 -2.39
CA ASN D 481 -9.22 37.35 -1.67
C ASN D 481 -8.13 36.60 -2.42
N TRP D 482 -8.50 35.42 -2.94
CA TRP D 482 -7.58 34.60 -3.71
C TRP D 482 -7.64 34.78 -5.20
N ARG D 483 -8.55 35.61 -5.70
CA ARG D 483 -8.55 35.93 -7.11
C ARG D 483 -7.32 36.79 -7.30
N SER D 484 -7.10 37.67 -6.34
CA SER D 484 -5.95 38.52 -6.40
C SER D 484 -4.74 37.63 -6.36
N GLU D 485 -3.67 38.07 -7.00
CA GLU D 485 -2.40 37.35 -7.16
C GLU D 485 -2.47 36.25 -8.24
N LEU D 486 -3.67 35.77 -8.60
CA LEU D 486 -3.85 34.79 -9.67
C LEU D 486 -4.49 35.37 -10.91
N TYR D 487 -4.66 36.68 -10.96
CA TYR D 487 -5.35 37.33 -12.07
C TYR D 487 -4.62 37.19 -13.39
N LYS D 488 -3.32 36.99 -13.31
CA LYS D 488 -2.46 36.89 -14.44
C LYS D 488 -2.22 35.47 -14.91
N TYR D 489 -2.82 34.48 -14.26
CA TYR D 489 -2.54 33.12 -14.71
C TYR D 489 -3.70 32.40 -15.37
N LYS D 490 -3.35 31.56 -16.33
CA LYS D 490 -4.29 30.72 -17.04
C LYS D 490 -3.78 29.30 -17.24
N VAL D 491 -4.66 28.31 -17.15
CA VAL D 491 -4.24 26.92 -17.41
C VAL D 491 -4.70 26.43 -18.75
N VAL D 492 -3.75 25.88 -19.52
CA VAL D 492 -4.12 25.36 -20.82
C VAL D 492 -3.64 23.94 -20.99
N LYS D 493 -4.35 23.22 -21.83
CA LYS D 493 -4.03 21.85 -22.16
C LYS D 493 -3.21 21.84 -23.40
N ILE D 494 -2.18 21.02 -23.42
CA ILE D 494 -1.36 20.89 -24.60
C ILE D 494 -1.98 19.80 -25.44
N GLU D 495 -2.15 20.08 -26.73
CA GLU D 495 -2.74 19.12 -27.64
C GLU D 495 -1.77 18.77 -28.76
N PRO D 496 -0.84 17.84 -28.53
CA PRO D 496 0.27 17.52 -29.39
C PRO D 496 -0.16 16.66 -30.56
N LEU D 497 -1.03 17.17 -31.40
CA LEU D 497 -1.41 16.46 -32.59
C LEU D 497 -2.13 17.40 -33.55
N GLY D 498 -1.73 17.41 -34.81
CA GLY D 498 -2.44 18.26 -35.76
C GLY D 498 -2.12 17.91 -37.20
N VAL D 499 -2.86 18.53 -38.11
CA VAL D 499 -2.76 18.28 -39.54
C VAL D 499 -2.63 19.53 -40.37
N ALA D 500 -1.84 19.47 -41.43
CA ALA D 500 -1.66 20.56 -42.38
C ALA D 500 -1.41 19.95 -43.77
N PRO D 501 -1.69 20.65 -44.88
CA PRO D 501 -1.43 20.22 -46.25
C PRO D 501 0.05 20.30 -46.57
N THR D 502 0.49 19.53 -47.59
CA THR D 502 1.84 19.57 -48.17
C THR D 502 1.78 19.41 -49.69
N PHE E 11 -17.57 -5.22 -34.28
CA PHE E 11 -16.98 -5.71 -33.04
C PHE E 11 -17.51 -7.13 -32.81
N LEU E 12 -16.64 -8.14 -33.12
CA LEU E 12 -16.86 -9.59 -33.06
C LEU E 12 -17.90 -10.03 -34.07
N GLY E 13 -18.14 -9.17 -35.06
CA GLY E 13 -19.03 -9.56 -36.10
C GLY E 13 -18.34 -10.71 -36.78
N ALA E 14 -19.12 -11.67 -37.23
CA ALA E 14 -18.62 -12.85 -37.90
C ALA E 14 -17.68 -13.66 -37.01
N ALA E 15 -17.81 -13.58 -35.69
CA ALA E 15 -16.96 -14.38 -34.80
C ALA E 15 -17.11 -15.86 -35.05
N GLY E 16 -18.29 -16.31 -35.47
CA GLY E 16 -18.53 -17.72 -35.72
C GLY E 16 -18.17 -18.14 -37.15
N SER E 17 -17.65 -17.20 -37.93
CA SER E 17 -17.32 -17.47 -39.32
C SER E 17 -15.97 -18.18 -39.36
N THR E 18 -15.61 -18.70 -40.51
CA THR E 18 -14.36 -19.42 -40.58
C THR E 18 -13.18 -18.47 -40.50
N MET E 19 -12.01 -19.04 -40.23
CA MET E 19 -10.79 -18.26 -40.12
C MET E 19 -10.54 -17.55 -41.41
N GLY E 20 -10.85 -18.22 -42.52
CA GLY E 20 -10.67 -17.66 -43.84
C GLY E 20 -11.53 -16.43 -43.98
N ALA E 21 -12.83 -16.58 -43.72
CA ALA E 21 -13.75 -15.46 -43.84
C ALA E 21 -13.36 -14.29 -42.97
N ALA E 22 -12.86 -14.60 -41.80
CA ALA E 22 -12.46 -13.62 -40.83
C ALA E 22 -11.04 -13.10 -41.06
N SER E 23 -10.32 -13.60 -42.05
CA SER E 23 -8.94 -13.21 -42.25
C SER E 23 -8.80 -11.75 -42.64
N MET E 24 -9.90 -11.18 -43.10
CA MET E 24 -10.01 -9.79 -43.51
C MET E 24 -10.81 -8.92 -42.55
N THR E 25 -11.07 -9.39 -41.33
CA THR E 25 -11.90 -8.62 -40.40
C THR E 25 -11.13 -8.14 -39.17
N LEU E 26 -9.81 -8.16 -39.25
CA LEU E 26 -8.92 -7.89 -38.12
C LEU E 26 -8.74 -6.43 -37.81
N THR E 27 -9.35 -5.57 -38.59
CA THR E 27 -9.27 -4.16 -38.39
C THR E 27 -10.19 -3.77 -37.26
N VAL E 28 -11.05 -4.72 -36.89
CA VAL E 28 -12.05 -4.56 -35.89
C VAL E 28 -11.54 -5.38 -34.71
N GLN E 29 -12.03 -5.12 -33.51
CA GLN E 29 -11.51 -5.78 -32.30
C GLN E 29 -10.06 -5.40 -32.17
N ALA E 30 -9.71 -4.21 -32.62
CA ALA E 30 -8.35 -3.82 -32.58
C ALA E 30 -8.26 -2.32 -32.48
N ARG E 31 -7.17 -1.84 -31.88
CA ARG E 31 -6.90 -0.40 -31.78
C ARG E 31 -8.07 0.33 -31.11
N ASN E 32 -8.65 -0.28 -30.08
CA ASN E 32 -9.78 0.27 -29.37
C ASN E 32 -9.77 0.04 -27.88
N LEU E 33 -8.61 -0.19 -27.27
CA LEU E 33 -8.60 -0.55 -25.85
C LEU E 33 -8.37 0.60 -24.90
N LEU E 34 -8.23 1.79 -25.44
CA LEU E 34 -7.95 2.96 -24.64
C LEU E 34 -9.16 3.90 -24.55
N SER E 35 -10.29 3.41 -25.03
CA SER E 35 -11.54 4.17 -25.09
C SER E 35 -12.08 4.53 -23.70
N GLY E 36 -12.66 5.75 -23.55
CA GLY E 36 -13.24 6.26 -22.32
C GLY E 36 -14.53 5.54 -21.94
N TRP E 60 -14.96 0.69 -2.77
CA TRP E 60 -14.88 2.09 -3.15
C TRP E 60 -14.47 2.22 -4.65
N GLY E 61 -14.36 3.49 -5.15
CA GLY E 61 -14.05 3.91 -6.53
C GLY E 61 -12.67 3.48 -7.01
N ILE E 62 -11.89 3.00 -6.06
CA ILE E 62 -10.57 2.50 -6.32
C ILE E 62 -10.67 1.33 -7.28
N LYS E 63 -11.78 0.59 -7.25
CA LYS E 63 -11.90 -0.53 -8.16
C LYS E 63 -11.92 -0.08 -9.62
N GLN E 64 -12.38 1.16 -9.90
CA GLN E 64 -12.42 1.58 -11.28
C GLN E 64 -11.06 2.07 -11.67
N LEU E 65 -10.34 2.63 -10.70
CA LEU E 65 -9.00 3.10 -11.03
C LEU E 65 -8.16 1.87 -11.34
N GLN E 66 -8.35 0.81 -10.57
CA GLN E 66 -7.62 -0.40 -10.82
C GLN E 66 -7.97 -0.97 -12.17
N ALA E 67 -9.25 -0.92 -12.54
CA ALA E 67 -9.64 -1.43 -13.84
C ALA E 67 -8.98 -0.66 -14.97
N ARG E 68 -8.88 0.66 -14.83
CA ARG E 68 -8.26 1.46 -15.87
C ARG E 68 -6.79 1.13 -16.01
N VAL E 69 -6.11 0.94 -14.89
CA VAL E 69 -4.70 0.62 -14.96
C VAL E 69 -4.49 -0.72 -15.61
N LEU E 70 -5.32 -1.71 -15.27
CA LEU E 70 -5.15 -3.02 -15.87
C LEU E 70 -5.43 -2.97 -17.36
N ALA E 71 -6.39 -2.18 -17.79
CA ALA E 71 -6.61 -2.11 -19.23
C ALA E 71 -5.36 -1.60 -19.93
N VAL E 72 -4.67 -0.63 -19.32
CA VAL E 72 -3.44 -0.15 -19.90
C VAL E 72 -2.39 -1.22 -19.89
N GLU E 73 -2.26 -1.94 -18.79
CA GLU E 73 -1.27 -2.99 -18.73
C GLU E 73 -1.49 -4.02 -19.81
N ARG E 74 -2.74 -4.43 -20.04
CA ARG E 74 -2.98 -5.43 -21.06
C ARG E 74 -2.62 -4.89 -22.43
N TYR E 75 -2.96 -3.63 -22.68
CA TYR E 75 -2.64 -3.03 -23.95
C TYR E 75 -1.15 -3.08 -24.18
N LEU E 76 -0.38 -2.63 -23.20
CA LEU E 76 1.05 -2.59 -23.36
C LEU E 76 1.64 -3.97 -23.43
N ARG E 77 1.11 -4.92 -22.69
CA ARG E 77 1.67 -6.25 -22.74
C ARG E 77 1.57 -6.82 -24.15
N ASP E 78 0.44 -6.62 -24.81
CA ASP E 78 0.32 -7.16 -26.15
C ASP E 78 1.21 -6.40 -27.11
N GLN E 79 1.31 -5.09 -26.94
CA GLN E 79 2.14 -4.37 -27.87
C GLN E 79 3.61 -4.68 -27.66
N GLN E 80 4.04 -4.89 -26.42
CA GLN E 80 5.42 -5.22 -26.20
C GLN E 80 5.70 -6.57 -26.79
N LEU E 81 4.78 -7.50 -26.64
CA LEU E 81 5.04 -8.82 -27.16
C LEU E 81 5.20 -8.75 -28.67
N LEU E 82 4.34 -7.98 -29.34
CA LEU E 82 4.51 -7.89 -30.78
C LEU E 82 5.84 -7.22 -31.10
N GLY E 83 6.20 -6.20 -30.32
CA GLY E 83 7.44 -5.46 -30.47
C GLY E 83 8.72 -6.27 -30.23
N ILE E 84 8.70 -7.23 -29.30
CA ILE E 84 9.90 -8.03 -29.01
C ILE E 84 10.07 -9.04 -30.13
N TRP E 85 8.95 -9.52 -30.66
CA TRP E 85 8.97 -10.41 -31.79
C TRP E 85 9.43 -9.59 -32.96
N GLY E 86 9.56 -10.17 -34.12
CA GLY E 86 10.11 -9.38 -35.23
C GLY E 86 9.20 -8.49 -36.07
N CYS E 87 7.90 -8.44 -35.74
CA CYS E 87 6.88 -7.68 -36.47
C CYS E 87 5.79 -7.18 -35.54
N SER E 88 5.51 -5.89 -35.68
CA SER E 88 4.50 -5.19 -34.94
C SER E 88 3.89 -4.14 -35.84
N GLY E 89 2.80 -3.51 -35.40
CA GLY E 89 2.14 -2.47 -36.19
C GLY E 89 1.11 -3.09 -37.13
N LYS E 90 1.58 -4.06 -37.89
CA LYS E 90 0.76 -4.80 -38.83
C LYS E 90 -0.22 -5.71 -38.10
N LEU E 91 -1.41 -5.86 -38.67
CA LEU E 91 -2.40 -6.78 -38.10
C LEU E 91 -2.03 -8.21 -38.43
N ILE E 92 -1.41 -8.39 -39.59
CA ILE E 92 -0.97 -9.71 -40.00
C ILE E 92 0.53 -9.67 -40.23
N CYS E 93 1.29 -10.51 -39.49
CA CYS E 93 2.74 -10.63 -39.57
C CYS E 93 3.19 -12.04 -39.86
N CYS E 94 3.89 -12.26 -40.95
CA CYS E 94 4.38 -13.60 -41.16
C CYS E 94 5.85 -13.62 -40.79
N THR E 95 6.33 -14.74 -40.29
CA THR E 95 7.73 -14.77 -39.91
C THR E 95 8.51 -15.95 -40.45
N ASN E 96 9.73 -16.07 -39.97
CA ASN E 96 10.68 -17.07 -40.40
C ASN E 96 10.78 -18.30 -39.51
N VAL E 97 9.77 -18.48 -38.68
CA VAL E 97 9.65 -19.65 -37.86
C VAL E 97 8.73 -20.52 -38.67
N PRO E 98 9.14 -21.72 -39.10
CA PRO E 98 8.39 -22.62 -39.93
C PRO E 98 7.28 -23.18 -39.11
N TRP E 99 6.20 -23.59 -39.74
CA TRP E 99 5.19 -24.22 -38.94
C TRP E 99 5.58 -25.68 -38.75
N ASN E 100 5.57 -26.14 -37.51
CA ASN E 100 5.84 -27.50 -37.07
C ASN E 100 4.49 -28.24 -36.98
N SER E 101 4.30 -29.30 -37.77
CA SER E 101 3.07 -30.07 -37.87
C SER E 101 2.67 -30.73 -36.56
N THR E 102 3.61 -30.86 -35.63
CA THR E 102 3.29 -31.51 -34.37
C THR E 102 2.46 -30.61 -33.49
N TRP E 103 2.33 -29.34 -33.86
CA TRP E 103 1.54 -28.38 -33.11
C TRP E 103 0.08 -28.41 -33.50
N SER E 104 -0.26 -29.15 -34.56
CA SER E 104 -1.65 -29.17 -34.99
C SER E 104 -2.06 -30.52 -35.58
N ASN E 105 -1.20 -31.08 -36.43
CA ASN E 105 -1.47 -32.28 -37.21
C ASN E 105 -2.71 -32.08 -38.08
N ARG E 106 -2.84 -30.86 -38.59
CA ARG E 106 -3.92 -30.44 -39.46
C ARG E 106 -3.33 -29.67 -40.62
N ASN E 107 -4.11 -29.53 -41.68
CA ASN E 107 -3.64 -28.84 -42.86
C ASN E 107 -4.72 -27.94 -43.42
N LEU E 108 -4.47 -27.38 -44.60
CA LEU E 108 -5.33 -26.38 -45.21
C LEU E 108 -6.62 -26.93 -45.78
N SER E 109 -6.83 -28.23 -45.67
CA SER E 109 -8.11 -28.79 -46.06
C SER E 109 -9.16 -28.39 -45.01
N GLU E 110 -8.69 -27.97 -43.83
CA GLU E 110 -9.54 -27.53 -42.72
C GLU E 110 -9.22 -26.10 -42.26
N ILE E 111 -7.93 -25.83 -42.10
CA ILE E 111 -7.46 -24.58 -41.55
C ILE E 111 -7.65 -23.54 -42.62
N TRP E 112 -8.26 -22.43 -42.24
CA TRP E 112 -8.62 -21.32 -43.13
C TRP E 112 -9.74 -21.68 -44.09
N ASP E 113 -10.37 -22.85 -43.91
CA ASP E 113 -11.46 -23.25 -44.77
C ASP E 113 -12.76 -23.47 -43.98
N ASN E 114 -12.77 -24.48 -43.11
CA ASN E 114 -13.96 -24.83 -42.35
C ASN E 114 -13.90 -24.43 -40.89
N MET E 115 -12.70 -24.31 -40.37
CA MET E 115 -12.58 -24.00 -38.96
C MET E 115 -12.78 -22.53 -38.69
N THR E 116 -13.36 -22.25 -37.53
CA THR E 116 -13.55 -20.90 -37.02
C THR E 116 -12.37 -20.53 -36.16
N TRP E 117 -12.21 -19.24 -35.86
CA TRP E 117 -11.11 -18.87 -34.99
C TRP E 117 -11.30 -19.40 -33.58
N LEU E 118 -12.55 -19.53 -33.15
CA LEU E 118 -12.79 -20.04 -31.82
C LEU E 118 -12.37 -21.49 -31.73
N GLN E 119 -12.69 -22.29 -32.77
CA GLN E 119 -12.30 -23.69 -32.70
C GLN E 119 -10.80 -23.83 -32.82
N TRP E 120 -10.20 -23.00 -33.64
CA TRP E 120 -8.77 -23.02 -33.86
C TRP E 120 -8.04 -22.72 -32.58
N ASP E 121 -8.49 -21.68 -31.88
CA ASP E 121 -7.85 -21.31 -30.66
C ASP E 121 -7.89 -22.47 -29.70
N LYS E 122 -9.01 -23.20 -29.68
CA LYS E 122 -9.07 -24.34 -28.80
C LYS E 122 -8.14 -25.47 -29.24
N GLU E 123 -8.05 -25.73 -30.54
CA GLU E 123 -7.24 -26.84 -31.03
C GLU E 123 -5.76 -26.72 -30.74
N ILE E 124 -5.24 -25.50 -30.72
CA ILE E 124 -3.82 -25.36 -30.44
C ILE E 124 -3.60 -24.60 -29.14
N SER E 125 -4.57 -24.66 -28.24
CA SER E 125 -4.52 -23.84 -27.04
C SER E 125 -3.35 -24.01 -26.08
N ASN E 126 -2.68 -25.20 -26.01
CA ASN E 126 -1.54 -25.40 -25.09
C ASN E 126 -0.19 -25.54 -25.83
N TYR E 127 -0.07 -24.97 -27.06
CA TYR E 127 1.17 -24.89 -27.85
C TYR E 127 1.63 -23.44 -27.98
N THR E 128 0.87 -22.55 -27.36
CA THR E 128 1.08 -21.12 -27.47
C THR E 128 2.43 -20.68 -26.97
N GLN E 129 2.84 -21.23 -25.86
CA GLN E 129 4.10 -20.88 -25.22
C GLN E 129 5.29 -21.38 -26.02
N ILE E 130 5.07 -22.33 -26.92
CA ILE E 130 6.15 -22.86 -27.70
C ILE E 130 6.36 -21.89 -28.81
N ILE E 131 5.26 -21.48 -29.42
CA ILE E 131 5.34 -20.59 -30.52
C ILE E 131 5.95 -19.30 -30.07
N TYR E 132 5.51 -18.80 -28.92
CA TYR E 132 6.00 -17.54 -28.48
C TYR E 132 7.48 -17.58 -28.18
N GLY E 133 7.96 -18.65 -27.56
CA GLY E 133 9.39 -18.72 -27.30
C GLY E 133 10.17 -18.70 -28.61
N LEU E 134 9.69 -19.43 -29.61
CA LEU E 134 10.39 -19.49 -30.89
C LEU E 134 10.39 -18.16 -31.61
N LEU E 135 9.30 -17.41 -31.52
CA LEU E 135 9.26 -16.14 -32.20
C LEU E 135 10.29 -15.20 -31.59
N GLU E 136 10.46 -15.23 -30.26
CA GLU E 136 11.46 -14.37 -29.65
C GLU E 136 12.87 -14.78 -30.03
N GLU E 137 13.12 -16.09 -30.12
CA GLU E 137 14.44 -16.56 -30.46
C GLU E 137 14.82 -16.16 -31.86
N SER E 138 13.86 -16.24 -32.78
CA SER E 138 14.15 -15.88 -34.14
C SER E 138 14.52 -14.43 -34.27
N GLN E 139 13.76 -13.54 -33.64
CA GLN E 139 14.14 -12.16 -33.81
C GLN E 139 15.44 -11.87 -33.13
N ASN E 140 15.74 -12.50 -31.99
CA ASN E 140 17.01 -12.19 -31.37
C ASN E 140 18.16 -12.53 -32.34
N GLN E 141 18.02 -13.62 -33.11
CA GLN E 141 19.06 -13.92 -34.09
C GLN E 141 19.09 -12.88 -35.20
N GLN E 142 17.93 -12.39 -35.61
CA GLN E 142 17.91 -11.39 -36.66
C GLN E 142 18.59 -10.13 -36.18
N GLU E 143 18.43 -9.79 -34.90
CA GLU E 143 19.05 -8.58 -34.39
C GLU E 143 20.57 -8.76 -34.46
N LYS E 144 21.07 -9.93 -34.12
CA LYS E 144 22.52 -10.09 -34.20
C LYS E 144 22.98 -9.93 -35.64
N ASN E 145 22.21 -10.48 -36.58
CA ASN E 145 22.64 -10.41 -37.97
C ASN E 145 22.69 -8.96 -38.43
N GLU E 146 21.75 -8.13 -37.97
CA GLU E 146 21.71 -6.72 -38.34
C GLU E 146 22.88 -5.96 -37.71
N GLN E 147 23.28 -6.36 -36.49
CA GLN E 147 24.42 -5.69 -35.84
C GLN E 147 25.72 -5.96 -36.59
N ASP E 148 25.88 -7.19 -37.07
CA ASP E 148 27.08 -7.55 -37.80
C ASP E 148 27.15 -6.95 -39.22
N LEU E 149 25.99 -6.84 -39.92
CA LEU E 149 25.84 -6.30 -41.27
C LEU E 149 26.11 -4.80 -41.25
N LEU F 39 4.68 -24.47 -44.70
CA LEU F 39 3.93 -23.34 -44.17
C LEU F 39 4.77 -22.73 -43.04
N TRP F 40 4.51 -21.45 -42.74
CA TRP F 40 5.22 -20.60 -41.77
C TRP F 40 4.27 -20.10 -40.69
N VAL F 41 4.82 -19.79 -39.53
CA VAL F 41 3.97 -19.24 -38.48
C VAL F 41 3.61 -17.81 -38.81
N THR F 42 2.31 -17.49 -38.75
CA THR F 42 1.85 -16.13 -38.93
C THR F 42 1.12 -15.68 -37.68
N VAL F 43 1.47 -14.48 -37.23
CA VAL F 43 0.91 -13.86 -36.06
C VAL F 43 -0.21 -12.92 -36.44
N TYR F 44 -1.33 -13.06 -35.78
CA TYR F 44 -2.46 -12.21 -36.04
C TYR F 44 -2.86 -11.41 -34.82
N TYR F 45 -3.27 -10.17 -35.07
CA TYR F 45 -3.79 -9.31 -34.02
C TYR F 45 -5.17 -8.82 -34.41
N GLY F 46 -6.11 -8.89 -33.46
CA GLY F 46 -7.50 -8.48 -33.69
C GLY F 46 -8.35 -9.70 -33.96
N VAL F 47 -7.85 -10.86 -33.58
CA VAL F 47 -8.56 -12.10 -33.81
C VAL F 47 -9.81 -12.13 -32.91
N PRO F 48 -11.02 -12.34 -33.45
CA PRO F 48 -12.28 -12.30 -32.73
C PRO F 48 -12.58 -13.52 -31.87
N VAL F 49 -11.77 -13.73 -30.86
CA VAL F 49 -11.97 -14.84 -29.93
C VAL F 49 -11.97 -14.38 -28.49
N TRP F 50 -12.51 -15.21 -27.61
CA TRP F 50 -12.62 -14.88 -26.21
C TRP F 50 -12.64 -16.05 -25.24
N LYS F 51 -12.41 -15.70 -23.97
CA LYS F 51 -12.42 -16.62 -22.83
C LYS F 51 -13.36 -16.17 -21.71
N ASP F 52 -13.86 -17.11 -20.93
CA ASP F 52 -14.70 -16.76 -19.78
C ASP F 52 -13.88 -15.90 -18.85
N ALA F 53 -14.46 -14.84 -18.28
CA ALA F 53 -13.65 -14.03 -17.39
C ALA F 53 -14.41 -13.29 -16.32
N GLU F 54 -13.70 -12.97 -15.25
CA GLU F 54 -14.26 -12.17 -14.16
C GLU F 54 -13.53 -10.85 -14.04
N THR F 55 -14.25 -9.76 -14.17
CA THR F 55 -13.62 -8.46 -14.04
C THR F 55 -14.50 -7.50 -13.29
N THR F 56 -14.01 -6.28 -13.17
CA THR F 56 -14.75 -5.22 -12.53
C THR F 56 -15.59 -4.53 -13.59
N LEU F 57 -16.88 -4.44 -13.35
CA LEU F 57 -17.77 -3.77 -14.27
C LEU F 57 -18.07 -2.40 -13.73
N PHE F 58 -18.51 -1.50 -14.59
CA PHE F 58 -18.87 -0.20 -14.08
C PHE F 58 -20.36 0.04 -14.26
N CYS F 59 -20.92 0.96 -13.45
CA CYS F 59 -22.33 1.34 -13.47
C CYS F 59 -22.55 2.48 -14.45
N ALA F 60 -23.65 2.38 -15.18
CA ALA F 60 -24.04 3.42 -16.08
C ALA F 60 -25.55 3.58 -16.09
N SER F 61 -26.00 4.76 -16.52
CA SER F 61 -27.42 5.07 -16.55
C SER F 61 -27.79 5.92 -17.73
N ASP F 62 -29.07 6.19 -17.91
CA ASP F 62 -29.52 7.03 -19.00
C ASP F 62 -29.71 8.53 -18.67
N ALA F 63 -29.19 9.01 -17.49
CA ALA F 63 -29.24 10.40 -17.00
C ALA F 63 -30.68 10.94 -17.03
N HIS F 71 -31.15 13.73 -5.02
CA HIS F 71 -30.35 13.16 -3.93
C HIS F 71 -30.56 11.62 -3.83
N ASN F 72 -30.64 10.95 -4.99
CA ASN F 72 -30.77 9.49 -5.19
C ASN F 72 -29.44 8.80 -5.09
N VAL F 73 -29.33 7.87 -4.18
CA VAL F 73 -28.07 7.21 -3.91
C VAL F 73 -27.54 6.43 -5.10
N TRP F 74 -28.43 5.87 -5.90
CA TRP F 74 -27.98 5.08 -7.01
C TRP F 74 -27.42 5.99 -8.04
N ALA F 75 -28.12 7.10 -8.25
CA ALA F 75 -27.66 8.06 -9.23
C ALA F 75 -26.36 8.73 -8.79
N THR F 76 -26.26 9.00 -7.50
CA THR F 76 -25.11 9.70 -6.95
C THR F 76 -23.86 8.94 -7.24
N HIS F 77 -23.93 7.64 -7.10
CA HIS F 77 -22.77 6.81 -7.35
C HIS F 77 -22.75 6.03 -8.68
N CYS F 78 -23.55 6.46 -9.69
CA CYS F 78 -23.64 5.86 -11.02
C CYS F 78 -23.68 7.04 -12.00
N CYS F 79 -22.51 7.56 -12.31
CA CYS F 79 -22.43 8.80 -13.08
C CYS F 79 -21.95 8.67 -14.50
N VAL F 80 -22.09 7.51 -15.09
CA VAL F 80 -21.69 7.33 -16.48
C VAL F 80 -22.93 7.19 -17.35
N PRO F 81 -23.20 8.09 -18.29
CA PRO F 81 -24.31 8.03 -19.21
C PRO F 81 -24.20 6.84 -20.17
N THR F 82 -25.35 6.30 -20.61
CA THR F 82 -25.49 5.24 -21.62
C THR F 82 -26.92 5.21 -22.15
N GLN F 87 -25.43 -0.03 -28.32
CA GLN F 87 -26.01 -0.84 -29.40
C GLN F 87 -25.74 -2.33 -29.11
N GLU F 88 -26.23 -3.22 -30.01
CA GLU F 88 -26.12 -4.68 -29.92
C GLU F 88 -25.72 -5.29 -31.25
N ILE F 89 -24.74 -6.19 -31.20
CA ILE F 89 -24.27 -6.88 -32.38
C ILE F 89 -24.63 -8.34 -32.38
N HIS F 90 -25.38 -8.76 -33.38
CA HIS F 90 -25.78 -10.15 -33.46
C HIS F 90 -24.59 -10.99 -33.85
N LEU F 91 -24.37 -12.15 -33.21
CA LEU F 91 -23.26 -12.94 -33.66
C LEU F 91 -23.75 -14.08 -34.52
N GLU F 92 -23.47 -14.00 -35.80
CA GLU F 92 -23.95 -15.03 -36.68
C GLU F 92 -23.12 -16.29 -36.45
N ASN F 93 -23.80 -17.47 -36.46
CA ASN F 93 -23.24 -18.82 -36.32
C ASN F 93 -22.40 -19.03 -35.02
N VAL F 94 -22.85 -18.46 -33.88
CA VAL F 94 -22.16 -18.60 -32.58
C VAL F 94 -22.98 -19.32 -31.53
N THR F 95 -22.38 -20.35 -30.98
CA THR F 95 -22.98 -21.11 -29.89
C THR F 95 -22.15 -20.78 -28.67
N GLU F 96 -22.81 -20.43 -27.58
CA GLU F 96 -22.11 -20.06 -26.36
C GLU F 96 -22.74 -20.70 -25.14
N GLU F 97 -21.92 -21.24 -24.25
CA GLU F 97 -22.41 -21.84 -23.00
C GLU F 97 -22.64 -20.77 -21.94
N PHE F 98 -23.84 -20.77 -21.37
CA PHE F 98 -24.20 -19.84 -20.31
C PHE F 98 -24.57 -20.60 -19.05
N ASN F 99 -24.32 -20.03 -17.87
CA ASN F 99 -24.72 -20.67 -16.62
C ASN F 99 -25.08 -19.60 -15.62
N MET F 100 -26.36 -19.42 -15.36
CA MET F 100 -26.73 -18.29 -14.52
C MET F 100 -26.68 -18.62 -13.05
N TRP F 101 -26.31 -19.85 -12.73
CA TRP F 101 -26.19 -20.27 -11.35
C TRP F 101 -24.75 -20.13 -10.93
N LYS F 102 -23.89 -19.79 -11.89
CA LYS F 102 -22.47 -19.61 -11.67
C LYS F 102 -22.09 -18.38 -12.44
N ASN F 103 -22.48 -17.24 -11.92
CA ASN F 103 -22.36 -16.00 -12.67
C ASN F 103 -21.85 -14.90 -11.78
N ASN F 104 -20.64 -14.46 -12.05
CA ASN F 104 -19.98 -13.49 -11.21
C ASN F 104 -20.57 -12.11 -11.35
N MET F 105 -21.46 -11.90 -12.31
CA MET F 105 -22.08 -10.61 -12.41
C MET F 105 -23.07 -10.48 -11.27
N VAL F 106 -23.62 -11.62 -10.82
CA VAL F 106 -24.60 -11.62 -9.76
C VAL F 106 -23.88 -11.36 -8.48
N GLU F 107 -22.76 -12.01 -8.32
CA GLU F 107 -22.03 -11.82 -7.09
C GLU F 107 -21.51 -10.39 -7.02
N GLN F 108 -21.04 -9.85 -8.14
CA GLN F 108 -20.54 -8.50 -8.08
C GLN F 108 -21.64 -7.52 -7.78
N MET F 109 -22.83 -7.71 -8.37
CA MET F 109 -23.91 -6.80 -8.05
C MET F 109 -24.25 -6.90 -6.59
N HIS F 110 -24.29 -8.12 -6.06
CA HIS F 110 -24.64 -8.26 -4.66
C HIS F 110 -23.70 -7.42 -3.83
N THR F 111 -22.41 -7.54 -4.09
CA THR F 111 -21.44 -6.77 -3.33
C THR F 111 -21.64 -5.27 -3.49
N ASP F 112 -21.87 -4.80 -4.72
CA ASP F 112 -22.05 -3.37 -4.95
C ASP F 112 -23.24 -2.81 -4.20
N ILE F 113 -24.32 -3.59 -4.11
CA ILE F 113 -25.51 -3.10 -3.43
C ILE F 113 -25.21 -2.94 -1.96
N ILE F 114 -24.53 -3.92 -1.38
CA ILE F 114 -24.26 -3.84 0.04
C ILE F 114 -23.33 -2.69 0.33
N SER F 115 -22.30 -2.55 -0.48
CA SER F 115 -21.33 -1.51 -0.26
C SER F 115 -21.93 -0.13 -0.37
N LEU F 116 -22.78 0.08 -1.38
CA LEU F 116 -23.36 1.39 -1.53
C LEU F 116 -24.24 1.73 -0.36
N TRP F 117 -25.00 0.75 0.09
CA TRP F 117 -25.91 0.95 1.19
C TRP F 117 -25.13 1.45 2.39
N ASP F 118 -24.01 0.79 2.71
CA ASP F 118 -23.23 1.21 3.85
C ASP F 118 -22.60 2.57 3.65
N GLN F 119 -22.16 2.88 2.45
CA GLN F 119 -21.55 4.18 2.24
C GLN F 119 -22.57 5.26 2.51
N SER F 120 -23.82 4.99 2.15
CA SER F 120 -24.90 5.94 2.33
C SER F 120 -25.22 6.18 3.79
N LEU F 121 -25.27 5.11 4.60
CA LEU F 121 -25.60 5.26 6.01
C LEU F 121 -24.43 5.65 6.89
N LYS F 122 -23.23 5.32 6.48
CA LYS F 122 -22.05 5.62 7.27
C LYS F 122 -22.04 7.02 7.92
N PRO F 123 -22.25 8.14 7.20
CA PRO F 123 -22.22 9.49 7.75
C PRO F 123 -23.49 10.01 8.45
N CYS F 124 -24.54 9.17 8.65
CA CYS F 124 -25.82 9.59 9.22
C CYS F 124 -25.77 9.50 10.75
N VAL F 125 -26.63 10.26 11.38
CA VAL F 125 -26.71 10.34 12.83
C VAL F 125 -27.00 9.00 13.49
N LYS F 126 -26.29 8.73 14.56
CA LYS F 126 -26.43 7.51 15.32
C LYS F 126 -27.57 7.69 16.28
N LEU F 127 -28.26 6.61 16.65
CA LEU F 127 -29.34 6.73 17.62
C LEU F 127 -29.00 6.16 18.98
N THR F 128 -27.72 6.04 19.27
CA THR F 128 -27.27 5.54 20.56
C THR F 128 -28.02 6.16 21.74
N PRO F 129 -28.28 7.50 21.82
CA PRO F 129 -28.96 8.16 22.89
C PRO F 129 -30.35 7.61 23.21
N LEU F 130 -30.96 6.86 22.30
CA LEU F 130 -32.28 6.32 22.57
C LEU F 130 -32.31 4.99 23.34
N CYS F 131 -31.15 4.27 23.52
CA CYS F 131 -31.11 3.02 24.28
C CYS F 131 -31.10 3.24 25.78
N VAL F 132 -32.27 3.56 26.25
CA VAL F 132 -32.56 3.81 27.64
C VAL F 132 -33.75 2.94 27.94
N THR F 133 -34.03 2.68 29.21
CA THR F 133 -35.23 1.95 29.48
C THR F 133 -36.35 2.81 28.95
N LEU F 134 -37.22 2.22 28.17
CA LEU F 134 -38.32 2.93 27.56
C LEU F 134 -39.60 2.66 28.33
N GLN F 135 -40.44 3.68 28.53
CA GLN F 135 -41.72 3.47 29.21
C GLN F 135 -42.87 3.55 28.22
N CYS F 136 -43.60 2.44 27.98
CA CYS F 136 -44.66 2.38 26.96
C CYS F 136 -45.99 1.98 27.58
N THR F 137 -47.05 2.50 27.01
CA THR F 137 -48.36 2.10 27.47
C THR F 137 -49.17 1.48 26.30
N ASN F 138 -50.07 2.26 25.65
CA ASN F 138 -50.98 1.80 24.59
C ASN F 138 -51.55 2.99 23.82
N VAL F 139 -52.23 2.70 22.69
CA VAL F 139 -53.01 3.68 21.91
C VAL F 139 -54.40 3.10 21.71
N THR F 140 -55.39 3.85 22.15
CA THR F 140 -56.78 3.47 22.02
C THR F 140 -57.52 4.52 21.21
N ASN F 141 -56.75 5.37 20.58
CA ASN F 141 -57.32 6.51 19.90
C ASN F 141 -57.83 6.26 18.51
N ASN F 142 -59.10 5.91 18.44
CA ASN F 142 -59.77 5.66 17.17
C ASN F 142 -59.12 4.61 16.26
N ILE F 143 -58.83 3.47 16.85
CA ILE F 143 -58.27 2.35 16.10
C ILE F 143 -59.39 1.39 15.81
N THR F 144 -59.46 0.93 14.57
CA THR F 144 -60.50 -0.02 14.19
C THR F 144 -60.21 -1.38 14.81
N ASP F 145 -60.99 -2.39 14.45
CA ASP F 145 -60.89 -3.70 15.12
C ASP F 145 -59.52 -4.38 15.01
N ASP F 146 -58.79 -4.11 13.94
CA ASP F 146 -57.50 -4.73 13.74
C ASP F 146 -56.46 -3.90 14.47
N MET F 147 -55.21 -4.33 14.42
CA MET F 147 -54.11 -3.59 15.04
C MET F 147 -54.30 -3.30 16.51
N ARG F 148 -54.85 -4.23 17.27
CA ARG F 148 -54.98 -3.92 18.67
C ARG F 148 -53.62 -3.96 19.35
N GLY F 149 -52.81 -4.95 18.99
CA GLY F 149 -51.48 -5.09 19.54
C GLY F 149 -50.51 -4.28 18.70
N GLU F 150 -50.77 -2.98 18.58
CA GLU F 150 -50.01 -2.18 17.65
C GLU F 150 -49.93 -0.69 18.05
N LEU F 151 -48.92 0.00 17.53
CA LEU F 151 -48.67 1.44 17.76
C LEU F 151 -48.49 1.87 19.21
N LYS F 152 -47.67 1.18 19.96
CA LYS F 152 -47.51 1.61 21.36
C LYS F 152 -46.88 3.02 21.48
N ASN F 153 -47.43 3.83 22.42
CA ASN F 153 -47.01 5.18 22.79
C ASN F 153 -45.95 5.10 23.90
N CYS F 154 -44.70 5.47 23.58
CA CYS F 154 -43.53 5.32 24.45
C CYS F 154 -42.87 6.65 24.82
N SER F 155 -42.39 6.73 26.07
CA SER F 155 -41.68 7.89 26.58
C SER F 155 -40.24 7.55 26.94
N PHE F 156 -39.36 8.53 26.77
CA PHE F 156 -37.95 8.39 27.04
C PHE F 156 -37.42 9.37 28.07
N ASN F 157 -36.45 8.90 28.87
CA ASN F 157 -35.60 9.69 29.76
C ASN F 157 -34.26 9.89 29.02
N MET F 158 -34.11 11.02 28.29
CA MET F 158 -32.96 11.23 27.38
C MET F 158 -32.15 12.44 27.85
N LYS F 166 -31.00 16.93 30.80
CA LYS F 166 -31.77 15.90 30.13
C LYS F 166 -33.16 16.46 29.79
N GLN F 167 -33.89 15.74 28.89
CA GLN F 167 -35.25 16.05 28.46
C GLN F 167 -36.14 14.81 28.43
N LYS F 168 -37.43 15.02 28.63
CA LYS F 168 -38.40 13.94 28.48
C LYS F 168 -39.04 14.06 27.13
N VAL F 169 -38.95 13.00 26.35
CA VAL F 169 -39.52 13.03 25.00
C VAL F 169 -40.38 11.81 24.78
N TYR F 170 -41.21 11.81 23.75
CA TYR F 170 -42.01 10.62 23.47
C TYR F 170 -42.17 10.41 21.99
N SER F 171 -42.50 9.19 21.61
CA SER F 171 -42.74 8.79 20.22
C SER F 171 -43.61 7.56 20.07
N LEU F 172 -44.10 7.32 18.86
CA LEU F 172 -44.87 6.10 18.65
C LEU F 172 -44.03 5.06 17.93
N PHE F 173 -44.18 3.81 18.33
CA PHE F 173 -43.47 2.67 17.73
C PHE F 173 -44.40 1.59 17.27
N TYR F 174 -43.97 0.78 16.32
CA TYR F 174 -44.78 -0.34 15.92
C TYR F 174 -44.50 -1.43 16.91
N ARG F 175 -45.43 -2.35 17.08
CA ARG F 175 -45.19 -3.38 18.06
C ARG F 175 -43.95 -4.17 17.75
N LEU F 176 -43.62 -4.32 16.48
CA LEU F 176 -42.51 -5.14 16.06
C LEU F 176 -41.15 -4.47 16.30
N ASP F 177 -41.16 -3.22 16.75
CA ASP F 177 -39.94 -2.48 17.02
C ASP F 177 -39.49 -2.63 18.48
N VAL F 178 -40.37 -3.10 19.37
CA VAL F 178 -40.01 -3.13 20.79
C VAL F 178 -40.24 -4.46 21.51
N VAL F 179 -39.54 -4.64 22.62
CA VAL F 179 -39.72 -5.80 23.48
C VAL F 179 -39.82 -5.43 24.95
N GLN F 180 -40.50 -6.25 25.72
CA GLN F 180 -40.55 -5.99 27.15
C GLN F 180 -39.22 -6.36 27.80
N ILE F 181 -38.85 -5.63 28.88
CA ILE F 181 -37.70 -5.84 29.75
C ILE F 181 -36.41 -5.80 28.91
N LYS F 194 -44.99 -2.24 31.37
CA LYS F 194 -44.70 -0.92 30.80
C LYS F 194 -43.19 -0.67 30.53
N GLU F 195 -42.29 -1.60 30.96
CA GLU F 195 -40.82 -1.54 30.77
C GLU F 195 -40.39 -2.20 29.47
N TYR F 196 -39.88 -1.39 28.54
CA TYR F 196 -39.49 -1.78 27.18
C TYR F 196 -38.09 -1.40 26.73
N ARG F 197 -37.64 -2.14 25.75
CA ARG F 197 -36.40 -1.87 25.06
C ARG F 197 -36.61 -1.90 23.57
N LEU F 198 -35.74 -1.25 22.83
CA LEU F 198 -35.83 -1.30 21.38
C LEU F 198 -35.20 -2.59 20.92
N ILE F 199 -35.69 -3.16 19.84
CA ILE F 199 -35.00 -4.34 19.32
C ILE F 199 -33.67 -3.86 18.79
N ASN F 200 -32.69 -4.74 18.72
CA ASN F 200 -31.35 -4.34 18.25
C ASN F 200 -30.73 -3.21 19.07
N CYS F 201 -30.89 -3.29 20.41
CA CYS F 201 -30.36 -2.38 21.41
C CYS F 201 -29.26 -3.11 22.17
N ASN F 202 -29.51 -4.38 22.54
CA ASN F 202 -28.51 -5.18 23.26
C ASN F 202 -27.27 -5.46 22.38
N THR F 203 -27.50 -5.63 21.07
CA THR F 203 -26.54 -5.85 20.01
C THR F 203 -26.90 -4.95 18.87
N SER F 204 -26.03 -4.85 17.88
CA SER F 204 -26.35 -4.16 16.63
C SER F 204 -26.85 -2.73 16.76
N ALA F 205 -26.04 -1.85 17.33
CA ALA F 205 -26.48 -0.46 17.51
C ALA F 205 -26.99 0.12 16.21
N ILE F 206 -28.10 0.85 16.34
CA ILE F 206 -28.88 1.47 15.30
C ILE F 206 -28.43 2.84 14.80
N THR F 207 -28.36 2.97 13.47
CA THR F 207 -28.03 4.22 12.78
C THR F 207 -29.28 4.73 12.06
N GLN F 208 -29.61 6.00 12.17
CA GLN F 208 -30.79 6.52 11.48
C GLN F 208 -30.47 6.81 10.04
N ALA F 209 -31.33 6.40 9.14
CA ALA F 209 -31.08 6.74 7.75
C ALA F 209 -31.28 8.24 7.58
N CYS F 210 -30.49 8.89 6.70
CA CYS F 210 -30.60 10.32 6.39
C CYS F 210 -31.90 10.56 5.58
N PRO F 211 -32.77 11.48 6.01
CA PRO F 211 -34.06 11.76 5.41
C PRO F 211 -33.95 12.37 4.04
N LYS F 212 -32.79 12.89 3.71
CA LYS F 212 -32.58 13.52 2.43
C LYS F 212 -32.08 12.56 1.38
N VAL F 213 -31.80 11.32 1.76
CA VAL F 213 -31.24 10.39 0.81
C VAL F 213 -32.29 9.41 0.32
N SER F 214 -32.46 9.37 -0.99
CA SER F 214 -33.42 8.46 -1.56
C SER F 214 -32.77 7.18 -1.98
N PHE F 215 -33.45 6.07 -1.69
CA PHE F 215 -33.00 4.76 -2.09
C PHE F 215 -33.85 4.21 -3.21
N GLU F 216 -34.71 5.06 -3.78
CA GLU F 216 -35.61 4.63 -4.82
C GLU F 216 -34.79 4.01 -5.94
N PRO F 217 -35.10 2.80 -6.38
CA PRO F 217 -34.35 2.13 -7.40
C PRO F 217 -34.48 2.86 -8.71
N ILE F 218 -33.42 2.86 -9.49
CA ILE F 218 -33.43 3.45 -10.80
C ILE F 218 -32.86 2.33 -11.62
N PRO F 219 -33.03 2.27 -12.93
CA PRO F 219 -32.39 1.27 -13.73
C PRO F 219 -30.88 1.44 -13.65
N ILE F 220 -30.19 0.34 -13.50
CA ILE F 220 -28.74 0.25 -13.46
C ILE F 220 -28.25 -0.56 -14.61
N HIS F 221 -27.31 -0.04 -15.37
CA HIS F 221 -26.77 -0.82 -16.47
C HIS F 221 -25.37 -1.25 -16.08
N TYR F 222 -25.06 -2.52 -16.21
CA TYR F 222 -23.68 -2.93 -15.95
C TYR F 222 -22.94 -2.96 -17.27
N CYS F 223 -21.76 -2.31 -17.34
CA CYS F 223 -20.97 -2.14 -18.56
C CYS F 223 -19.57 -2.69 -18.42
N ALA F 224 -19.09 -3.32 -19.50
CA ALA F 224 -17.76 -3.89 -19.54
C ALA F 224 -16.68 -2.81 -19.74
N PRO F 225 -15.49 -2.96 -19.13
CA PRO F 225 -14.32 -2.15 -19.35
C PRO F 225 -13.69 -2.56 -20.66
N ALA F 226 -12.87 -1.70 -21.23
CA ALA F 226 -12.24 -2.07 -22.50
C ALA F 226 -11.45 -3.36 -22.36
N GLY F 227 -11.57 -4.19 -23.39
CA GLY F 227 -10.91 -5.49 -23.47
C GLY F 227 -11.90 -6.60 -23.15
N PHE F 228 -13.05 -6.22 -22.61
CA PHE F 228 -14.11 -7.13 -22.25
C PHE F 228 -15.37 -6.88 -23.03
N ALA F 229 -16.18 -7.90 -23.08
CA ALA F 229 -17.46 -7.81 -23.75
C ALA F 229 -18.50 -8.59 -23.00
N ILE F 230 -19.76 -8.21 -23.16
CA ILE F 230 -20.79 -8.98 -22.50
C ILE F 230 -21.59 -9.72 -23.54
N LEU F 231 -21.70 -11.01 -23.39
CA LEU F 231 -22.47 -11.76 -24.33
C LEU F 231 -23.82 -11.97 -23.74
N LYS F 232 -24.84 -11.98 -24.57
CA LYS F 232 -26.15 -12.26 -24.04
C LYS F 232 -26.87 -13.29 -24.89
N CYS F 233 -27.74 -14.09 -24.24
CA CYS F 233 -28.56 -15.11 -24.88
C CYS F 233 -29.93 -14.56 -25.26
N LYS F 234 -30.27 -14.68 -26.54
CA LYS F 234 -31.54 -14.24 -27.09
C LYS F 234 -32.57 -15.36 -27.12
N ASP F 235 -32.19 -16.55 -26.73
CA ASP F 235 -33.11 -17.65 -26.81
C ASP F 235 -34.20 -17.53 -25.77
N LYS F 236 -35.43 -17.36 -26.26
CA LYS F 236 -36.64 -17.13 -25.49
C LYS F 236 -36.97 -18.27 -24.55
N LYS F 237 -36.44 -19.44 -24.87
CA LYS F 237 -36.67 -20.65 -24.10
C LYS F 237 -35.51 -21.02 -23.20
N PHE F 238 -34.49 -20.18 -23.08
CA PHE F 238 -33.35 -20.59 -22.28
C PHE F 238 -33.76 -20.76 -20.81
N ASN F 239 -33.36 -21.91 -20.18
CA ASN F 239 -33.66 -22.30 -18.80
C ASN F 239 -32.51 -22.02 -17.79
N GLY F 240 -31.49 -21.24 -18.18
CA GLY F 240 -30.34 -20.84 -17.33
C GLY F 240 -29.04 -21.60 -17.47
N THR F 241 -29.05 -22.78 -18.07
CA THR F 241 -27.81 -23.52 -18.25
C THR F 241 -27.70 -24.09 -19.65
N GLY F 242 -26.49 -24.50 -20.01
CA GLY F 242 -26.29 -25.14 -21.30
C GLY F 242 -26.03 -24.10 -22.39
N PRO F 243 -25.85 -24.56 -23.63
CA PRO F 243 -25.56 -23.76 -24.78
C PRO F 243 -26.77 -22.96 -25.18
N CYS F 244 -26.52 -21.81 -25.80
CA CYS F 244 -27.48 -20.91 -26.39
C CYS F 244 -26.99 -20.73 -27.82
N THR F 245 -27.91 -20.90 -28.75
CA THR F 245 -27.58 -20.80 -30.17
C THR F 245 -27.97 -19.49 -30.89
N ASN F 246 -28.44 -18.48 -30.12
CA ASN F 246 -28.83 -17.16 -30.57
C ASN F 246 -28.17 -16.17 -29.59
N VAL F 247 -26.95 -15.71 -29.92
CA VAL F 247 -26.07 -14.93 -29.06
C VAL F 247 -25.72 -13.61 -29.71
N SER F 248 -25.64 -12.58 -28.89
CA SER F 248 -25.26 -11.26 -29.34
C SER F 248 -24.32 -10.61 -28.35
N THR F 249 -23.60 -9.61 -28.81
CA THR F 249 -22.67 -8.89 -27.95
C THR F 249 -23.10 -7.48 -27.67
N VAL F 250 -23.00 -7.12 -26.41
CA VAL F 250 -23.32 -5.77 -25.99
C VAL F 250 -22.21 -5.16 -25.16
N GLN F 251 -22.25 -3.85 -25.06
CA GLN F 251 -21.35 -3.12 -24.17
C GLN F 251 -21.85 -3.07 -22.72
N CYS F 252 -23.20 -2.94 -22.55
CA CYS F 252 -23.91 -2.77 -21.31
C CYS F 252 -25.14 -3.66 -21.30
N THR F 253 -25.56 -4.06 -20.12
CA THR F 253 -26.79 -4.81 -19.91
C THR F 253 -27.92 -3.84 -20.01
N HIS F 254 -29.15 -4.35 -20.04
CA HIS F 254 -30.31 -3.50 -20.04
C HIS F 254 -30.36 -2.92 -18.66
N GLY F 255 -31.23 -1.95 -18.43
CA GLY F 255 -31.25 -1.43 -17.09
C GLY F 255 -31.98 -2.38 -16.17
N ILE F 256 -31.41 -2.57 -15.00
CA ILE F 256 -31.98 -3.40 -13.96
C ILE F 256 -32.32 -2.58 -12.75
N LYS F 257 -33.55 -2.68 -12.28
CA LYS F 257 -33.89 -1.91 -11.10
C LYS F 257 -33.51 -2.72 -9.87
N PRO F 258 -32.70 -2.22 -8.93
CA PRO F 258 -32.26 -2.91 -7.73
C PRO F 258 -33.37 -2.91 -6.69
N VAL F 259 -34.43 -3.63 -7.00
CA VAL F 259 -35.60 -3.74 -6.14
C VAL F 259 -35.40 -4.86 -5.15
N VAL F 260 -35.67 -4.60 -3.88
CA VAL F 260 -35.51 -5.59 -2.84
C VAL F 260 -36.85 -6.19 -2.46
N SER F 261 -36.95 -7.51 -2.51
CA SER F 261 -38.19 -8.17 -2.13
C SER F 261 -37.99 -9.64 -1.83
N THR F 262 -38.98 -10.24 -1.20
CA THR F 262 -38.98 -11.69 -1.04
C THR F 262 -40.29 -12.27 -1.52
N GLN F 263 -40.29 -13.57 -1.84
CA GLN F 263 -41.46 -14.33 -2.32
C GLN F 263 -41.93 -13.87 -3.72
N LEU F 264 -42.31 -12.61 -3.84
CA LEU F 264 -42.71 -12.05 -5.12
C LEU F 264 -41.66 -11.08 -5.59
N LEU F 265 -41.30 -11.21 -6.87
CA LEU F 265 -40.31 -10.36 -7.49
C LEU F 265 -41.00 -9.30 -8.27
N LEU F 266 -40.75 -8.07 -7.87
CA LEU F 266 -41.44 -6.95 -8.46
C LEU F 266 -40.58 -6.14 -9.42
N ASN F 267 -41.26 -5.52 -10.41
CA ASN F 267 -40.76 -4.56 -11.41
C ASN F 267 -39.54 -5.06 -12.21
N GLY F 268 -39.49 -6.36 -12.60
CA GLY F 268 -38.41 -6.96 -13.40
C GLY F 268 -38.87 -7.17 -14.83
N SER F 269 -38.22 -8.09 -15.51
CA SER F 269 -38.54 -8.39 -16.89
C SER F 269 -39.59 -9.47 -17.01
N LEU F 270 -40.35 -9.42 -18.07
CA LEU F 270 -41.31 -10.47 -18.36
C LEU F 270 -40.76 -11.40 -19.38
N ALA F 271 -41.20 -12.64 -19.34
CA ALA F 271 -40.82 -13.66 -20.29
C ALA F 271 -41.36 -13.28 -21.65
N GLU F 272 -40.61 -13.57 -22.71
CA GLU F 272 -41.15 -13.27 -24.02
C GLU F 272 -42.36 -14.13 -24.30
N GLU F 273 -42.28 -15.38 -23.88
CA GLU F 273 -43.35 -16.33 -24.09
C GLU F 273 -43.60 -17.18 -22.86
N GLU F 274 -44.85 -17.57 -22.69
CA GLU F 274 -45.33 -18.49 -21.66
C GLU F 274 -44.83 -18.17 -20.24
N VAL F 275 -44.44 -19.21 -19.53
CA VAL F 275 -43.88 -19.11 -18.20
C VAL F 275 -42.60 -19.90 -18.16
N ILE F 276 -41.56 -19.32 -17.63
CA ILE F 276 -40.31 -20.06 -17.63
C ILE F 276 -39.94 -20.46 -16.23
N ILE F 277 -39.73 -21.75 -16.06
CA ILE F 277 -39.38 -22.31 -14.76
C ILE F 277 -37.90 -22.56 -14.73
N ARG F 278 -37.17 -21.95 -13.80
CA ARG F 278 -35.72 -22.15 -13.76
C ARG F 278 -35.24 -22.55 -12.39
N SER F 279 -34.26 -23.43 -12.35
CA SER F 279 -33.66 -23.85 -11.09
C SER F 279 -32.29 -24.37 -11.41
N GLU F 280 -31.43 -24.53 -10.41
CA GLU F 280 -30.12 -25.16 -10.69
C GLU F 280 -30.24 -26.67 -10.95
N ASN F 281 -31.11 -27.36 -10.17
CA ASN F 281 -31.41 -28.79 -10.20
C ASN F 281 -32.87 -28.97 -9.77
N ILE F 282 -33.79 -29.11 -10.76
CA ILE F 282 -35.26 -29.11 -10.57
C ILE F 282 -35.78 -30.27 -9.72
N THR F 283 -35.08 -31.40 -9.73
CA THR F 283 -35.51 -32.55 -8.94
C THR F 283 -34.85 -32.61 -7.58
N ASN F 284 -34.05 -31.59 -7.23
CA ASN F 284 -33.36 -31.60 -5.95
C ASN F 284 -34.30 -31.34 -4.79
N ASN F 285 -35.30 -30.49 -5.01
CA ASN F 285 -36.31 -30.11 -4.02
C ASN F 285 -35.72 -29.47 -2.77
N ALA F 286 -34.56 -28.86 -2.92
CA ALA F 286 -33.91 -28.14 -1.85
C ALA F 286 -33.19 -26.97 -2.46
N LYS F 287 -33.80 -26.45 -3.50
CA LYS F 287 -33.32 -25.31 -4.27
C LYS F 287 -34.50 -24.45 -4.61
N ASN F 288 -34.28 -23.16 -4.72
CA ASN F 288 -35.33 -22.28 -5.15
C ASN F 288 -35.66 -22.43 -6.61
N ILE F 289 -36.94 -22.29 -6.91
CA ILE F 289 -37.41 -22.29 -8.28
C ILE F 289 -37.80 -20.87 -8.63
N LEU F 290 -37.20 -20.36 -9.67
CA LEU F 290 -37.48 -19.00 -10.08
C LEU F 290 -38.49 -19.06 -11.20
N VAL F 291 -39.61 -18.39 -11.03
CA VAL F 291 -40.65 -18.44 -12.03
C VAL F 291 -40.82 -17.10 -12.68
N GLN F 292 -40.68 -17.06 -14.00
CA GLN F 292 -40.85 -15.80 -14.71
C GLN F 292 -42.13 -15.80 -15.54
N LEU F 293 -42.93 -14.77 -15.38
CA LEU F 293 -44.21 -14.68 -16.05
C LEU F 293 -44.08 -13.88 -17.35
N ASN F 294 -44.94 -14.14 -18.39
CA ASN F 294 -44.96 -13.35 -19.65
C ASN F 294 -45.86 -12.10 -19.57
N GLU F 295 -46.62 -11.93 -18.48
CA GLU F 295 -47.53 -10.83 -18.23
C GLU F 295 -47.37 -10.46 -16.78
N SER F 296 -47.62 -9.21 -16.46
CA SER F 296 -47.52 -8.76 -15.10
C SER F 296 -48.80 -8.93 -14.31
N VAL F 297 -48.64 -9.01 -12.99
CA VAL F 297 -49.80 -9.00 -12.11
C VAL F 297 -49.72 -7.74 -11.28
N GLN F 298 -50.76 -6.94 -11.34
CA GLN F 298 -50.68 -5.69 -10.62
C GLN F 298 -51.03 -5.81 -9.14
N ILE F 299 -50.21 -5.17 -8.31
CA ILE F 299 -50.48 -5.08 -6.88
C ILE F 299 -50.68 -3.62 -6.47
N ASN F 300 -51.82 -3.30 -5.83
CA ASN F 300 -52.15 -1.98 -5.30
C ASN F 300 -51.98 -1.98 -3.78
N CYS F 301 -50.92 -1.32 -3.27
CA CYS F 301 -50.55 -1.27 -1.85
C CYS F 301 -50.79 0.10 -1.26
N THR F 302 -51.12 0.10 0.02
CA THR F 302 -51.30 1.35 0.71
C THR F 302 -51.12 1.31 2.22
N ARG F 303 -50.77 2.47 2.73
CA ARG F 303 -50.64 2.70 4.16
C ARG F 303 -51.39 3.99 4.49
N PRO F 304 -52.72 3.97 4.52
CA PRO F 304 -53.59 5.14 4.59
C PRO F 304 -53.80 5.69 5.98
N ASN F 305 -52.74 6.01 6.70
CA ASN F 305 -52.91 6.50 8.08
C ASN F 305 -52.53 7.93 8.44
N ASN F 306 -52.20 8.78 7.44
CA ASN F 306 -51.83 10.20 7.56
C ASN F 306 -50.91 10.46 8.78
N ASN F 307 -49.68 9.93 8.72
CA ASN F 307 -48.70 10.01 9.79
C ASN F 307 -48.06 11.37 9.88
N THR F 308 -47.64 11.68 11.07
CA THR F 308 -47.00 12.92 11.37
C THR F 308 -45.58 12.66 11.79
N ARG F 309 -44.69 13.58 11.47
CA ARG F 309 -43.32 13.44 11.91
C ARG F 309 -42.99 14.44 13.00
N LYS F 310 -42.33 13.96 14.04
CA LYS F 310 -41.92 14.80 15.16
C LYS F 310 -40.40 14.93 15.24
N SER F 311 -39.91 16.16 15.11
CA SER F 311 -38.46 16.35 15.10
C SER F 311 -37.91 16.59 16.50
N ILE F 312 -37.01 15.71 16.93
CA ILE F 312 -36.42 15.82 18.25
C ILE F 312 -34.93 16.07 18.19
N ARG F 313 -34.47 17.13 18.83
CA ARG F 313 -33.04 17.36 18.80
C ARG F 313 -32.41 16.41 19.80
N ILE F 314 -31.35 15.72 19.39
CA ILE F 314 -30.66 14.80 20.29
C ILE F 314 -29.24 15.29 20.58
N GLY F 315 -28.77 16.26 19.80
CA GLY F 315 -27.44 16.83 20.01
C GLY F 315 -27.22 18.04 19.08
N PRO F 316 -26.06 18.69 19.15
CA PRO F 316 -25.71 19.87 18.40
C PRO F 316 -25.53 19.61 16.92
N GLY F 317 -26.69 19.55 16.24
CA GLY F 317 -26.79 19.24 14.82
C GLY F 317 -27.30 17.83 14.56
N GLN F 318 -27.71 17.15 15.61
CA GLN F 318 -28.19 15.79 15.49
C GLN F 318 -29.66 15.71 15.81
N TRP F 319 -30.41 15.14 14.89
CA TRP F 319 -31.85 15.00 15.04
C TRP F 319 -32.37 13.60 14.86
N PHE F 320 -33.37 13.29 15.66
CA PHE F 320 -34.10 12.06 15.58
C PHE F 320 -35.48 12.31 15.05
N TYR F 321 -35.91 11.48 14.13
CA TYR F 321 -37.23 11.68 13.61
C TYR F 321 -38.18 10.63 14.13
N ALA F 322 -39.09 11.09 14.95
CA ALA F 322 -40.04 10.26 15.64
C ALA F 322 -41.37 10.21 14.96
N THR F 323 -42.09 9.11 15.15
CA THR F 323 -43.47 9.10 14.66
C THR F 323 -44.24 9.94 15.68
N GLY F 324 -45.01 10.96 15.22
CA GLY F 324 -45.76 11.88 16.05
C GLY F 324 -47.22 11.46 16.21
N ILE F 326 -51.18 11.31 14.92
CA ILE F 326 -51.65 10.65 13.72
C ILE F 326 -52.98 11.33 13.39
N ILE F 327 -53.29 11.56 12.08
CA ILE F 327 -54.50 12.24 11.62
C ILE F 327 -55.55 11.29 11.06
N GLY F 328 -56.73 11.29 11.66
CA GLY F 328 -57.82 10.45 11.19
C GLY F 328 -57.79 9.05 11.77
N ASP F 329 -58.58 8.16 11.17
CA ASP F 329 -58.76 6.79 11.63
C ASP F 329 -57.50 5.99 11.49
N ILE F 330 -57.31 5.04 12.38
CA ILE F 330 -56.19 4.14 12.21
C ILE F 330 -56.69 2.87 11.54
N ARG F 331 -56.08 2.59 10.38
CA ARG F 331 -56.44 1.51 9.48
C ARG F 331 -55.26 0.55 9.23
N GLN F 332 -55.58 -0.70 8.94
CA GLN F 332 -54.56 -1.70 8.64
C GLN F 332 -53.96 -1.48 7.25
N ALA F 333 -52.62 -1.48 7.16
CA ALA F 333 -51.94 -1.38 5.87
C ALA F 333 -52.23 -2.65 5.10
N HIS F 334 -52.35 -2.54 3.78
CA HIS F 334 -52.69 -3.70 2.96
C HIS F 334 -52.31 -3.58 1.48
N CYS F 335 -52.33 -4.73 0.75
CA CYS F 335 -52.11 -4.85 -0.70
C CYS F 335 -53.22 -5.67 -1.39
N ASN F 336 -53.66 -5.21 -2.57
CA ASN F 336 -54.68 -5.91 -3.35
C ASN F 336 -54.14 -6.42 -4.70
N VAL F 337 -54.63 -7.61 -5.14
CA VAL F 337 -54.43 -8.20 -6.49
C VAL F 337 -55.82 -8.63 -6.96
N SER F 338 -56.04 -8.83 -8.27
CA SER F 338 -57.37 -9.29 -8.67
C SER F 338 -57.47 -10.80 -8.54
N LYS F 339 -58.69 -11.32 -8.40
CA LYS F 339 -58.84 -12.77 -8.31
C LYS F 339 -58.56 -13.45 -9.62
N ALA F 340 -59.06 -12.86 -10.69
CA ALA F 340 -58.89 -13.48 -11.97
C ALA F 340 -57.45 -13.48 -12.41
N THR F 341 -56.72 -12.40 -12.12
CA THR F 341 -55.37 -12.37 -12.60
C THR F 341 -54.57 -13.40 -11.88
N TRP F 342 -54.75 -13.48 -10.57
CA TRP F 342 -53.98 -14.41 -9.80
C TRP F 342 -54.29 -15.84 -10.21
N ASN F 343 -55.57 -16.16 -10.38
CA ASN F 343 -55.94 -17.52 -10.73
C ASN F 343 -55.36 -17.92 -12.08
N GLU F 344 -55.44 -17.04 -13.08
CA GLU F 344 -54.91 -17.37 -14.39
C GLU F 344 -53.41 -17.53 -14.34
N THR F 345 -52.76 -16.70 -13.53
CA THR F 345 -51.32 -16.75 -13.40
C THR F 345 -50.89 -18.09 -12.84
N LEU F 346 -51.57 -18.57 -11.80
CA LEU F 346 -51.18 -19.84 -11.25
C LEU F 346 -51.44 -20.94 -12.25
N GLY F 347 -52.52 -20.82 -13.02
CA GLY F 347 -52.86 -21.82 -14.02
C GLY F 347 -51.67 -22.01 -14.97
N LYS F 348 -51.13 -20.92 -15.47
CA LYS F 348 -49.99 -21.04 -16.37
C LYS F 348 -48.78 -21.64 -15.67
N VAL F 349 -48.56 -21.29 -14.41
CA VAL F 349 -47.41 -21.84 -13.71
C VAL F 349 -47.55 -23.34 -13.55
N VAL F 350 -48.74 -23.82 -13.18
CA VAL F 350 -48.86 -25.26 -13.02
C VAL F 350 -48.72 -25.98 -14.35
N LYS F 351 -49.19 -25.39 -15.45
CA LYS F 351 -48.99 -26.07 -16.71
C LYS F 351 -47.51 -26.34 -16.97
N GLN F 352 -46.64 -25.41 -16.56
CA GLN F 352 -45.23 -25.61 -16.79
C GLN F 352 -44.60 -26.49 -15.73
N LEU F 353 -45.10 -26.44 -14.49
CA LEU F 353 -44.53 -27.30 -13.46
C LEU F 353 -44.77 -28.74 -13.84
N ARG F 354 -45.89 -29.01 -14.48
CA ARG F 354 -46.28 -30.35 -14.91
C ARG F 354 -45.34 -30.92 -15.97
N LYS F 355 -44.45 -30.12 -16.54
CA LYS F 355 -43.53 -30.66 -17.51
C LYS F 355 -42.31 -31.26 -16.81
N HIS F 356 -42.19 -31.00 -15.51
CA HIS F 356 -41.07 -31.51 -14.73
C HIS F 356 -41.52 -32.36 -13.56
N PHE F 357 -42.72 -32.11 -13.06
CA PHE F 357 -43.19 -32.81 -11.88
C PHE F 357 -44.40 -33.68 -12.13
N GLY F 358 -44.16 -34.96 -12.36
CA GLY F 358 -45.23 -35.91 -12.62
C GLY F 358 -45.87 -35.70 -14.00
N ASN F 359 -47.11 -36.20 -14.14
CA ASN F 359 -47.94 -36.15 -15.34
C ASN F 359 -49.41 -36.12 -14.89
N ASN F 360 -50.02 -37.29 -14.55
CA ASN F 360 -51.39 -37.41 -14.03
C ASN F 360 -51.32 -37.21 -12.53
N THR F 361 -50.96 -36.01 -12.15
CA THR F 361 -50.72 -35.62 -10.77
C THR F 361 -51.50 -34.39 -10.35
N ILE F 362 -51.30 -34.00 -9.11
CA ILE F 362 -51.96 -32.86 -8.51
C ILE F 362 -50.97 -31.85 -7.98
N ILE F 363 -51.18 -30.57 -8.32
CA ILE F 363 -50.30 -29.54 -7.79
C ILE F 363 -51.05 -28.64 -6.85
N ARG F 364 -50.52 -28.52 -5.65
CA ARG F 364 -51.14 -27.68 -4.66
C ARG F 364 -50.24 -26.54 -4.27
N PHE F 365 -50.84 -25.42 -3.96
CA PHE F 365 -50.09 -24.30 -3.44
C PHE F 365 -50.49 -24.07 -2.01
N ALA F 366 -49.51 -23.66 -1.24
CA ALA F 366 -49.66 -23.36 0.18
C ALA F 366 -48.72 -22.21 0.56
N ASN F 367 -48.90 -21.61 1.76
CA ASN F 367 -48.09 -20.51 2.27
C ASN F 367 -46.78 -21.05 2.88
N SER F 368 -45.91 -20.17 3.44
CA SER F 368 -44.59 -20.57 3.98
C SER F 368 -44.69 -21.58 5.11
N SER F 369 -43.79 -22.54 5.10
CA SER F 369 -43.75 -23.59 6.12
C SER F 369 -43.24 -23.07 7.46
N GLY F 370 -42.63 -21.90 7.45
CA GLY F 370 -42.07 -21.31 8.65
C GLY F 370 -40.78 -20.58 8.34
N GLY F 371 -40.29 -19.81 9.30
CA GLY F 371 -39.09 -19.03 9.11
C GLY F 371 -39.26 -17.69 9.81
N ASP F 372 -38.33 -16.79 9.57
CA ASP F 372 -38.37 -15.48 10.20
C ASP F 372 -39.28 -14.54 9.41
N LEU F 373 -39.44 -13.30 9.85
CA LEU F 373 -40.43 -12.45 9.20
C LEU F 373 -40.13 -12.22 7.73
N GLU F 374 -38.86 -12.07 7.40
CA GLU F 374 -38.40 -11.82 6.04
C GLU F 374 -38.55 -13.04 5.14
N VAL F 375 -38.89 -14.18 5.73
CA VAL F 375 -39.07 -15.40 4.98
C VAL F 375 -40.54 -15.69 4.80
N THR F 376 -41.31 -15.58 5.89
CA THR F 376 -42.70 -15.97 5.85
C THR F 376 -43.61 -14.92 5.25
N THR F 377 -43.16 -13.68 5.23
CA THR F 377 -43.94 -12.61 4.62
C THR F 377 -43.27 -12.15 3.35
N HIS F 378 -44.00 -11.35 2.61
CA HIS F 378 -43.49 -10.71 1.42
C HIS F 378 -42.81 -9.44 1.82
N SER F 379 -41.49 -9.48 1.82
CA SER F 379 -40.76 -8.31 2.23
C SER F 379 -40.93 -7.37 1.09
N PHE F 380 -41.40 -6.19 1.39
CA PHE F 380 -41.72 -5.19 0.39
C PHE F 380 -41.34 -3.79 0.82
N ASN F 381 -40.75 -3.05 -0.07
CA ASN F 381 -40.36 -1.69 0.25
C ASN F 381 -40.93 -0.71 -0.75
N CYS F 382 -41.71 0.29 -0.28
CA CYS F 382 -42.33 1.27 -1.16
C CYS F 382 -42.59 2.57 -0.40
N GLY F 383 -42.16 3.66 -1.00
CA GLY F 383 -42.32 5.00 -0.43
C GLY F 383 -41.22 5.25 0.57
N GLY F 384 -40.39 4.24 0.77
CA GLY F 384 -39.34 4.26 1.74
C GLY F 384 -39.80 3.48 2.98
N GLU F 385 -41.05 2.99 2.98
CA GLU F 385 -41.54 2.24 4.11
C GLU F 385 -41.21 0.77 3.94
N PHE F 386 -41.06 0.09 5.06
CA PHE F 386 -40.79 -1.34 5.07
C PHE F 386 -41.99 -2.16 5.52
N PHE F 387 -42.52 -2.94 4.58
CA PHE F 387 -43.71 -3.74 4.78
C PHE F 387 -43.37 -5.21 4.80
N TYR F 388 -44.15 -5.94 5.57
CA TYR F 388 -44.06 -7.39 5.66
C TYR F 388 -45.46 -7.97 5.46
N CYS F 389 -45.85 -8.19 4.18
CA CYS F 389 -47.22 -8.54 3.79
C CYS F 389 -47.50 -10.05 3.88
N ASN F 390 -48.71 -10.35 4.31
CA ASN F 390 -49.20 -11.72 4.48
C ASN F 390 -49.75 -12.25 3.16
N THR F 391 -49.05 -13.24 2.57
CA THR F 391 -49.32 -13.86 1.27
C THR F 391 -50.08 -15.15 1.40
N SER F 392 -50.59 -15.46 2.59
CA SER F 392 -51.36 -16.70 2.75
C SER F 392 -52.71 -16.61 2.06
N GLY F 393 -53.09 -15.40 1.65
CA GLY F 393 -54.33 -15.19 0.91
C GLY F 393 -54.13 -15.59 -0.55
N LEU F 394 -52.87 -15.79 -0.91
CA LEU F 394 -52.40 -16.21 -2.21
C LEU F 394 -51.89 -17.61 -2.00
N PHE F 395 -51.57 -18.33 -3.06
CA PHE F 395 -50.97 -19.66 -2.87
C PHE F 395 -51.80 -20.55 -1.97
N ASN F 396 -53.08 -20.63 -2.25
CA ASN F 396 -53.96 -21.47 -1.46
C ASN F 396 -54.96 -22.10 -2.40
N SER F 397 -54.50 -23.12 -3.13
CA SER F 397 -55.34 -23.76 -4.15
C SER F 397 -54.84 -25.14 -4.55
N THR F 398 -55.72 -25.92 -5.17
CA THR F 398 -55.30 -27.21 -5.72
C THR F 398 -55.66 -27.28 -7.20
N TRP F 399 -54.68 -27.62 -8.02
CA TRP F 399 -54.86 -27.69 -9.45
C TRP F 399 -54.84 -29.11 -10.00
N ILE F 400 -55.87 -29.44 -10.76
CA ILE F 400 -56.03 -30.75 -11.37
C ILE F 400 -56.34 -30.58 -12.86
N SER F 401 -56.16 -31.65 -13.69
CA SER F 401 -56.49 -31.68 -15.11
C SER F 401 -57.98 -31.39 -15.36
N ASP F 415 -63.54 -8.26 -9.10
CA ASP F 415 -63.42 -8.68 -7.71
C ASP F 415 -61.93 -8.56 -7.32
N SER F 416 -61.56 -8.89 -6.05
CA SER F 416 -60.17 -8.80 -5.53
C SER F 416 -59.82 -9.65 -4.33
N ILE F 417 -58.51 -9.81 -4.15
CA ILE F 417 -57.91 -10.49 -3.02
C ILE F 417 -57.16 -9.47 -2.19
N THR F 418 -57.50 -9.35 -0.93
CA THR F 418 -56.84 -8.36 -0.09
C THR F 418 -55.92 -9.02 0.92
N LEU F 419 -54.72 -8.50 1.04
CA LEU F 419 -53.72 -9.02 1.95
C LEU F 419 -53.34 -7.97 3.00
N PRO F 420 -53.38 -8.27 4.31
CA PRO F 420 -52.98 -7.37 5.38
C PRO F 420 -51.48 -7.32 5.37
N CYS F 421 -50.88 -6.18 5.83
CA CYS F 421 -49.43 -5.99 5.95
C CYS F 421 -48.99 -5.44 7.31
N ARG F 422 -47.80 -5.85 7.75
CA ARG F 422 -47.19 -5.32 8.97
C ARG F 422 -46.06 -4.38 8.61
N ILE F 423 -45.73 -3.45 9.51
CA ILE F 423 -44.65 -2.48 9.28
C ILE F 423 -43.61 -2.42 10.38
N LYS F 424 -42.34 -2.22 10.00
CA LYS F 424 -41.27 -2.04 10.99
C LYS F 424 -40.46 -0.79 10.70
N GLN F 425 -39.90 -0.18 11.75
CA GLN F 425 -39.00 0.95 11.55
C GLN F 425 -37.57 0.56 11.81
N ILE F 426 -37.35 -0.44 12.65
CA ILE F 426 -35.97 -0.85 12.89
C ILE F 426 -35.71 -2.02 11.97
N ILE F 427 -34.80 -1.80 11.04
CA ILE F 427 -34.53 -2.71 9.97
C ILE F 427 -33.17 -3.37 9.98
N ASN F 428 -33.17 -4.68 9.84
CA ASN F 428 -31.92 -5.42 9.70
C ASN F 428 -31.83 -5.82 8.25
N MET F 429 -31.00 -5.13 7.50
CA MET F 429 -30.95 -5.42 6.09
C MET F 429 -30.26 -6.73 5.81
N TRP F 430 -30.82 -7.46 4.87
CA TRP F 430 -30.32 -8.74 4.42
C TRP F 430 -30.14 -9.68 5.59
N GLN F 431 -28.95 -10.22 5.72
CA GLN F 431 -28.64 -11.15 6.80
C GLN F 431 -27.67 -10.51 7.76
N ARG F 432 -27.55 -9.20 7.70
CA ARG F 432 -26.61 -8.52 8.54
C ARG F 432 -27.19 -8.30 9.92
N ILE F 433 -27.17 -9.35 10.69
CA ILE F 433 -27.78 -9.39 12.01
C ILE F 433 -27.11 -8.39 12.93
N GLY F 434 -25.79 -8.25 12.79
CA GLY F 434 -24.93 -7.39 13.61
C GLY F 434 -25.07 -5.87 13.37
N GLN F 435 -25.86 -5.45 12.38
CA GLN F 435 -26.05 -4.03 12.12
C GLN F 435 -27.53 -3.70 12.01
N ALA F 436 -27.91 -2.45 12.31
CA ALA F 436 -29.31 -2.09 12.18
C ALA F 436 -29.48 -0.64 11.76
N MET F 437 -30.58 -0.39 11.06
CA MET F 437 -30.91 0.93 10.60
C MET F 437 -32.30 1.36 11.00
N TYR F 438 -32.46 2.66 11.30
CA TYR F 438 -33.78 3.17 11.63
C TYR F 438 -34.35 3.94 10.49
N ALA F 439 -35.51 3.50 10.07
CA ALA F 439 -36.19 4.14 8.98
C ALA F 439 -37.06 5.25 9.54
N PRO F 440 -36.87 6.51 9.14
CA PRO F 440 -37.62 7.62 9.65
C PRO F 440 -39.01 7.42 9.13
N PRO F 441 -40.03 7.94 9.79
CA PRO F 441 -41.42 7.87 9.41
C PRO F 441 -41.72 8.72 8.19
N ILE F 442 -42.75 8.33 7.49
CA ILE F 442 -43.20 9.07 6.33
C ILE F 442 -44.45 9.86 6.62
N GLN F 443 -44.34 11.15 6.40
CA GLN F 443 -45.41 12.10 6.61
C GLN F 443 -46.49 11.88 5.55
N GLY F 444 -47.75 11.81 5.98
CA GLY F 444 -48.83 11.60 5.03
C GLY F 444 -49.13 10.11 4.81
N VAL F 445 -49.50 9.76 3.58
CA VAL F 445 -49.92 8.41 3.27
C VAL F 445 -49.20 7.83 2.10
N ILE F 446 -49.24 6.51 2.00
CA ILE F 446 -48.64 5.85 0.85
C ILE F 446 -49.64 5.20 -0.06
N ARG F 447 -49.50 5.54 -1.33
CA ARG F 447 -50.24 4.94 -2.42
C ARG F 447 -49.13 4.37 -3.30
N CYS F 448 -49.17 3.05 -3.61
CA CYS F 448 -48.13 2.36 -4.37
C CYS F 448 -48.66 1.29 -5.30
N VAL F 449 -48.21 1.31 -6.54
CA VAL F 449 -48.62 0.27 -7.47
C VAL F 449 -47.40 -0.41 -8.06
N SER F 450 -47.32 -1.72 -7.89
CA SER F 450 -46.18 -2.50 -8.38
C SER F 450 -46.60 -3.64 -9.31
N ASN F 451 -45.66 -4.09 -10.18
CA ASN F 451 -45.83 -5.21 -11.11
C ASN F 451 -45.14 -6.48 -10.62
N ILE F 452 -45.88 -7.61 -10.48
CA ILE F 452 -45.25 -8.91 -10.15
C ILE F 452 -44.78 -9.45 -11.47
N THR F 453 -43.47 -9.68 -11.58
CA THR F 453 -42.91 -10.17 -12.80
C THR F 453 -42.44 -11.61 -12.60
N GLY F 454 -42.30 -12.00 -11.34
CA GLY F 454 -41.89 -13.36 -11.06
C GLY F 454 -42.10 -13.78 -9.61
N LEU F 455 -41.87 -15.06 -9.37
CA LEU F 455 -42.07 -15.67 -8.07
C LEU F 455 -40.90 -16.53 -7.64
N ILE F 456 -40.67 -16.65 -6.33
CA ILE F 456 -39.71 -17.64 -5.86
C ILE F 456 -40.41 -18.72 -5.07
N LEU F 457 -40.38 -19.93 -5.60
CA LEU F 457 -41.04 -21.07 -4.99
C LEU F 457 -40.05 -22.09 -4.43
N THR F 458 -40.52 -22.92 -3.48
CA THR F 458 -39.78 -24.02 -2.84
C THR F 458 -40.79 -25.10 -2.43
N THR F 467 -48.88 -39.88 -5.93
CA THR F 467 -47.91 -38.86 -5.63
C THR F 467 -48.40 -37.50 -6.19
N THR F 468 -48.49 -36.50 -5.29
CA THR F 468 -48.87 -35.11 -5.55
C THR F 468 -47.76 -34.24 -5.03
N GLU F 469 -47.74 -32.98 -5.45
CA GLU F 469 -46.70 -32.06 -4.98
C GLU F 469 -47.33 -30.77 -4.48
N THR F 470 -46.68 -30.16 -3.49
CA THR F 470 -47.13 -28.89 -2.97
C THR F 470 -46.00 -27.89 -3.03
N PHE F 471 -46.29 -26.72 -3.54
CA PHE F 471 -45.29 -25.69 -3.61
C PHE F 471 -45.63 -24.54 -2.70
N ARG F 472 -44.60 -23.96 -2.12
CA ARG F 472 -44.75 -22.84 -1.21
C ARG F 472 -43.83 -21.72 -1.61
N PRO F 473 -44.15 -20.46 -1.34
CA PRO F 473 -43.27 -19.33 -1.51
C PRO F 473 -42.05 -19.54 -0.66
N GLY F 474 -40.90 -19.12 -1.16
CA GLY F 474 -39.67 -19.25 -0.41
C GLY F 474 -38.99 -17.92 -0.12
N GLY F 475 -37.81 -18.01 0.46
CA GLY F 475 -37.00 -16.85 0.81
C GLY F 475 -35.68 -16.94 0.07
N GLY F 476 -34.74 -16.08 0.44
CA GLY F 476 -33.44 -16.04 -0.21
C GLY F 476 -32.60 -14.92 0.38
N ASP F 477 -31.37 -14.78 -0.13
CA ASP F 477 -30.42 -13.79 0.35
C ASP F 477 -30.25 -12.64 -0.63
N MET F 478 -31.20 -12.51 -1.53
CA MET F 478 -31.25 -11.54 -2.62
C MET F 478 -30.43 -11.92 -3.83
N ARG F 479 -29.54 -12.89 -3.73
CA ARG F 479 -28.74 -13.19 -4.89
C ARG F 479 -29.64 -13.74 -5.95
N ASP F 480 -30.62 -14.52 -5.50
CA ASP F 480 -31.57 -15.15 -6.38
C ASP F 480 -32.49 -14.16 -7.05
N ASN F 481 -32.61 -12.94 -6.54
CA ASN F 481 -33.50 -12.04 -7.21
C ASN F 481 -32.72 -11.46 -8.37
N TRP F 482 -31.46 -11.15 -8.10
CA TRP F 482 -30.65 -10.54 -9.14
C TRP F 482 -30.32 -11.49 -10.25
N ARG F 483 -30.32 -12.78 -9.94
CA ARG F 483 -30.09 -13.79 -10.96
C ARG F 483 -31.15 -13.71 -12.04
N SER F 484 -32.34 -13.18 -11.74
CA SER F 484 -33.39 -13.14 -12.72
C SER F 484 -33.18 -12.08 -13.80
N GLU F 485 -32.37 -11.04 -13.51
CA GLU F 485 -32.18 -10.00 -14.51
C GLU F 485 -30.81 -10.14 -15.17
N LEU F 486 -29.86 -10.70 -14.43
CA LEU F 486 -28.50 -10.90 -14.93
C LEU F 486 -28.42 -12.25 -15.60
N TYR F 487 -29.57 -12.87 -15.67
CA TYR F 487 -29.86 -14.16 -16.23
C TYR F 487 -29.33 -14.41 -17.61
N LYS F 488 -29.46 -13.43 -18.48
CA LYS F 488 -29.05 -13.60 -19.86
C LYS F 488 -27.62 -13.24 -20.14
N TYR F 489 -26.88 -12.72 -19.17
CA TYR F 489 -25.57 -12.19 -19.51
C TYR F 489 -24.35 -12.95 -19.01
N LYS F 490 -23.31 -12.92 -19.83
CA LYS F 490 -22.00 -13.49 -19.51
C LYS F 490 -20.85 -12.55 -19.84
N VAL F 491 -19.83 -12.51 -18.99
CA VAL F 491 -18.67 -11.67 -19.29
C VAL F 491 -17.51 -12.45 -19.86
N VAL F 492 -16.99 -11.98 -21.00
CA VAL F 492 -15.86 -12.65 -21.61
C VAL F 492 -14.73 -11.66 -21.89
N LYS F 493 -13.52 -12.18 -21.81
CA LYS F 493 -12.32 -11.43 -22.10
C LYS F 493 -11.91 -11.66 -23.52
N ILE F 494 -11.61 -10.59 -24.22
CA ILE F 494 -11.16 -10.73 -25.59
C ILE F 494 -9.67 -10.96 -25.62
N GLU F 495 -9.26 -11.94 -26.41
CA GLU F 495 -7.87 -12.32 -26.56
C GLU F 495 -7.43 -12.11 -28.01
N PRO F 496 -7.01 -10.88 -28.40
CA PRO F 496 -6.75 -10.47 -29.76
C PRO F 496 -5.55 -11.12 -30.45
N LEU F 497 -4.64 -11.75 -29.70
CA LEU F 497 -3.49 -12.38 -30.34
C LEU F 497 -3.59 -13.87 -30.48
N GLY F 498 -3.05 -14.34 -31.58
CA GLY F 498 -2.94 -15.77 -31.82
C GLY F 498 -2.20 -16.03 -33.12
N VAL F 499 -1.98 -17.31 -33.42
CA VAL F 499 -1.24 -17.67 -34.63
C VAL F 499 -1.95 -18.74 -35.43
N ALA F 500 -1.51 -18.88 -36.68
CA ALA F 500 -1.96 -19.93 -37.59
C ALA F 500 -0.89 -20.14 -38.67
N PRO F 501 -0.77 -21.33 -39.30
CA PRO F 501 0.13 -21.58 -40.40
C PRO F 501 -0.33 -20.86 -41.67
N THR F 502 0.60 -20.26 -42.40
CA THR F 502 0.29 -19.60 -43.66
C THR F 502 1.33 -19.77 -44.77
N ARG F 503 0.91 -19.47 -46.00
CA ARG F 503 1.83 -19.46 -47.14
C ARG F 503 2.52 -18.08 -47.29
N CYS F 504 3.36 -17.70 -46.30
CA CYS F 504 4.06 -16.41 -46.25
C CYS F 504 5.32 -16.42 -45.38
N LYS F 505 6.39 -15.88 -45.93
CA LYS F 505 7.63 -15.68 -45.20
C LYS F 505 8.15 -14.30 -45.53
N ARG F 506 8.51 -13.53 -44.52
CA ARG F 506 9.09 -12.23 -44.76
C ARG F 506 10.59 -12.38 -45.00
N ARG F 507 11.20 -11.46 -45.79
CA ARG F 507 12.63 -11.32 -46.14
C ARG F 507 13.61 -12.06 -45.19
N UNK G 1 36.68 -32.88 28.32
CA UNK G 1 37.09 -32.09 27.17
C UNK G 1 37.17 -33.00 25.94
N UNK G 2 36.95 -32.42 24.73
CA UNK G 2 36.98 -33.10 23.44
C UNK G 2 38.35 -33.62 23.09
N UNK G 3 38.37 -34.77 22.44
CA UNK G 3 39.61 -35.41 22.03
C UNK G 3 39.39 -36.19 20.75
N UNK G 4 40.46 -36.50 20.04
CA UNK G 4 40.29 -37.27 18.81
C UNK G 4 41.43 -38.22 18.58
N UNK G 5 41.14 -39.27 17.83
CA UNK G 5 42.11 -40.26 17.44
C UNK G 5 41.80 -40.73 16.04
N UNK G 6 42.81 -41.27 15.36
CA UNK G 6 42.61 -41.72 13.99
C UNK G 6 43.42 -42.95 13.66
N UNK G 7 42.97 -43.66 12.62
CA UNK G 7 43.68 -44.84 12.15
C UNK G 7 43.50 -45.07 10.65
N UNK G 8 44.51 -45.70 10.06
CA UNK G 8 44.55 -46.04 8.64
C UNK G 8 45.56 -47.12 8.40
N UNK G 9 45.48 -47.80 7.27
CA UNK G 9 46.58 -48.68 6.97
C UNK G 9 47.81 -47.81 6.83
N UNK G 10 48.93 -48.25 7.38
CA UNK G 10 50.17 -47.50 7.31
C UNK G 10 50.99 -47.85 6.08
N UNK G 11 50.48 -48.72 5.25
CA UNK G 11 51.21 -49.19 4.09
C UNK G 11 50.32 -49.25 2.87
N UNK G 12 50.12 -48.09 2.27
CA UNK G 12 49.30 -47.95 1.09
C UNK G 12 50.10 -48.43 -0.09
N UNK G 13 49.40 -48.89 -1.12
CA UNK G 13 50.08 -49.28 -2.35
C UNK G 13 50.54 -48.04 -3.04
N UNK G 14 51.55 -48.12 -3.86
CA UNK G 14 51.91 -46.92 -4.57
C UNK G 14 50.76 -46.57 -5.48
N UNK G 15 50.47 -45.29 -5.60
CA UNK G 15 49.39 -44.85 -6.45
C UNK G 15 48.11 -45.55 -5.98
N UNK G 16 47.45 -46.34 -6.81
CA UNK G 16 46.22 -46.96 -6.34
C UNK G 16 45.30 -45.90 -5.73
N UNK G 17 44.96 -46.06 -4.45
CA UNK G 17 44.08 -45.16 -3.71
C UNK G 17 44.35 -45.35 -2.22
N UNK G 18 43.98 -44.38 -1.40
CA UNK G 18 44.16 -44.51 0.04
C UNK G 18 43.06 -43.79 0.83
N UNK G 19 42.86 -44.24 2.07
CA UNK G 19 41.85 -43.63 2.93
C UNK G 19 42.22 -43.75 4.39
N UNK G 20 41.60 -42.89 5.21
CA UNK G 20 41.79 -42.87 6.66
C UNK G 20 40.51 -42.46 7.36
N UNK G 21 40.41 -42.80 8.64
CA UNK G 21 39.22 -42.40 9.39
C UNK G 21 39.56 -42.04 10.82
N UNK G 22 38.68 -41.27 11.42
CA UNK G 22 38.86 -40.77 12.76
C UNK G 22 37.55 -40.66 13.51
N UNK G 23 37.66 -40.62 14.83
CA UNK G 23 36.45 -40.41 15.62
C UNK G 23 36.78 -39.63 16.87
N UNK G 24 35.81 -38.82 17.28
CA UNK G 24 35.98 -38.00 18.45
C UNK G 24 35.44 -38.61 19.72
N UNK G 25 35.98 -38.12 20.81
CA UNK G 25 35.57 -38.46 22.16
C UNK G 25 35.09 -37.20 22.84
N UNK G 26 34.08 -37.32 23.72
CA UNK G 26 33.56 -36.17 24.44
C UNK G 26 33.20 -35.07 23.46
N UNK G 27 32.60 -35.48 22.36
CA UNK G 27 32.23 -34.61 21.28
C UNK G 27 31.18 -35.23 20.39
N UNK G 28 30.60 -34.42 19.53
CA UNK G 28 29.66 -34.89 18.54
C UNK G 28 30.12 -34.39 17.19
N UNK G 29 29.76 -35.08 16.12
CA UNK G 29 30.09 -34.57 14.80
C UNK G 29 29.02 -33.56 14.41
N UNK G 30 28.96 -32.48 15.17
CA UNK G 30 27.99 -31.43 15.05
C UNK G 30 28.55 -30.16 15.66
N UNK G 31 28.02 -29.03 15.22
CA UNK G 31 28.43 -27.70 15.71
C UNK G 31 29.88 -27.39 15.38
N UNK G 32 30.25 -26.13 15.47
CA UNK G 32 31.62 -25.74 15.18
C UNK G 32 32.07 -26.32 13.83
N UNK G 33 33.31 -26.83 13.79
CA UNK G 33 33.89 -27.34 12.56
C UNK G 33 35.01 -28.32 12.85
N UNK G 34 35.37 -29.11 11.85
CA UNK G 34 36.47 -30.08 11.98
C UNK G 34 37.26 -30.19 10.68
N UNK G 35 38.53 -30.58 10.78
CA UNK G 35 39.39 -30.66 9.60
C UNK G 35 40.49 -31.70 9.68
N UNK G 36 41.05 -32.03 8.50
CA UNK G 36 42.19 -32.93 8.42
C UNK G 36 43.38 -32.19 7.82
N UNK G 37 44.57 -32.49 8.34
CA UNK G 37 45.82 -31.88 7.87
C UNK G 37 46.94 -32.89 7.89
N UNK G 38 47.98 -32.64 7.11
CA UNK G 38 49.08 -33.58 7.05
C UNK G 38 50.42 -32.94 6.75
N UNK G 39 51.50 -33.67 7.07
CA UNK G 39 52.83 -33.18 6.76
C UNK G 39 53.78 -34.26 6.32
N UNK G 40 54.59 -33.91 5.35
CA UNK G 40 55.63 -34.78 4.89
C UNK G 40 56.71 -34.74 5.92
N UNK G 41 57.58 -35.72 5.96
CA UNK G 41 58.63 -35.63 6.93
C UNK G 41 59.46 -34.40 6.61
N UNK G 42 59.91 -33.71 7.66
CA UNK G 42 60.75 -32.52 7.52
C UNK G 42 60.11 -31.49 6.59
N UNK G 43 58.85 -31.19 6.83
CA UNK G 43 58.13 -30.25 6.00
C UNK G 43 57.05 -29.54 6.79
N UNK G 44 56.64 -28.38 6.30
CA UNK G 44 55.56 -27.62 6.89
C UNK G 44 54.26 -28.37 6.78
N UNK G 45 53.43 -28.31 7.80
CA UNK G 45 52.13 -28.95 7.73
C UNK G 45 51.18 -28.11 6.92
N UNK G 46 50.20 -28.76 6.29
CA UNK G 46 49.17 -28.03 5.57
C UNK G 46 47.83 -28.74 5.61
N UNK G 47 46.76 -27.95 5.59
CA UNK G 47 45.41 -28.50 5.58
C UNK G 47 45.16 -29.25 4.32
N UNK G 48 44.45 -30.37 4.43
CA UNK G 48 44.09 -31.09 3.25
C UNK G 48 42.65 -30.80 2.89
N UNK G 49 41.80 -30.80 3.90
CA UNK G 49 40.37 -30.57 3.72
C UNK G 49 39.71 -30.15 5.00
N UNK G 50 38.57 -29.47 4.91
CA UNK G 50 37.82 -29.10 6.10
C UNK G 50 36.34 -28.93 5.85
N UNK G 51 35.55 -29.04 6.89
CA UNK G 51 34.13 -28.72 6.75
C UNK G 51 33.52 -28.32 8.05
N UNK G 52 32.52 -27.46 7.99
CA UNK G 52 31.76 -27.13 9.17
C UNK G 52 30.96 -28.36 9.53
N UNK G 53 30.71 -28.58 10.81
CA UNK G 53 29.92 -29.75 11.16
C UNK G 53 28.44 -29.40 11.20
N UNK G 54 28.15 -28.13 11.46
CA UNK G 54 26.78 -27.62 11.55
C UNK G 54 26.08 -27.76 10.19
N UNK G 55 26.85 -27.57 9.15
CA UNK G 55 26.42 -27.67 7.77
C UNK G 55 27.62 -28.08 6.99
N UNK G 56 27.47 -28.78 5.88
CA UNK G 56 28.66 -29.22 5.15
C UNK G 56 29.26 -28.15 4.26
N UNK G 57 29.69 -27.07 4.87
CA UNK G 57 30.30 -25.97 4.19
C UNK G 57 31.75 -26.32 4.01
N UNK G 58 31.98 -27.30 3.15
CA UNK G 58 33.27 -27.89 2.89
C UNK G 58 34.15 -26.98 2.08
N UNK G 59 35.44 -27.15 2.27
CA UNK G 59 36.49 -26.47 1.54
C UNK G 59 37.67 -27.43 1.41
N UNK G 60 38.53 -27.22 0.42
CA UNK G 60 39.67 -28.11 0.29
C UNK G 60 40.85 -27.40 -0.32
N UNK G 61 42.04 -27.94 -0.07
CA UNK G 61 43.22 -27.38 -0.67
C UNK G 61 43.05 -27.50 -2.15
N UNK G 62 43.42 -26.47 -2.91
CA UNK G 62 43.23 -26.58 -4.35
C UNK G 62 43.99 -27.77 -4.90
N UNK G 63 45.16 -28.02 -4.35
CA UNK G 63 46.03 -29.09 -4.78
C UNK G 63 45.40 -30.48 -4.69
N UNK G 64 44.51 -30.68 -3.74
CA UNK G 64 43.91 -31.98 -3.54
C UNK G 64 42.50 -32.01 -4.05
N UNK G 65 42.04 -30.96 -4.72
CA UNK G 65 40.65 -30.93 -5.08
C UNK G 65 40.23 -32.10 -5.95
N UNK G 66 41.12 -32.54 -6.83
CA UNK G 66 40.86 -33.64 -7.75
C UNK G 66 41.14 -35.01 -7.16
N UNK G 67 41.60 -35.04 -5.92
CA UNK G 67 41.96 -36.27 -5.26
C UNK G 67 41.56 -36.17 -3.83
N UNK G 68 40.27 -35.97 -3.61
CA UNK G 68 39.79 -35.84 -2.25
C UNK G 68 38.34 -36.27 -2.16
N UNK G 69 38.00 -36.83 -1.03
CA UNK G 69 36.65 -37.22 -0.68
C UNK G 69 36.54 -37.19 0.82
N UNK G 70 35.32 -37.06 1.34
CA UNK G 70 35.15 -37.06 2.79
C UNK G 70 33.81 -37.62 3.18
N UNK G 71 33.74 -38.08 4.42
CA UNK G 71 32.53 -38.66 4.98
C UNK G 71 32.46 -38.46 6.49
N UNK G 72 31.25 -38.57 7.03
CA UNK G 72 31.06 -38.46 8.47
C UNK G 72 29.81 -39.19 8.89
N UNK G 73 29.74 -39.51 10.18
CA UNK G 73 28.55 -40.14 10.71
C UNK G 73 28.30 -39.76 12.16
N UNK G 74 27.03 -39.67 12.50
CA UNK G 74 26.68 -39.39 13.88
C UNK G 74 27.18 -40.50 14.79
N UNK G 75 27.13 -41.73 14.29
CA UNK G 75 27.58 -42.83 15.11
C UNK G 75 29.05 -42.63 15.40
N UNK G 76 29.38 -42.67 16.68
CA UNK G 76 30.74 -42.49 17.19
C UNK G 76 31.39 -41.17 16.81
N UNK G 77 30.62 -40.14 16.44
CA UNK G 77 31.22 -38.86 16.07
C UNK G 77 32.35 -39.13 15.08
N UNK G 78 32.03 -39.91 14.05
CA UNK G 78 32.97 -40.38 13.06
C UNK G 78 33.19 -39.39 11.94
N UNK G 79 34.39 -39.43 11.38
CA UNK G 79 34.79 -38.64 10.24
C UNK G 79 35.76 -39.43 9.40
N UNK G 80 35.81 -39.16 8.12
CA UNK G 80 36.74 -39.87 7.24
C UNK G 80 37.15 -39.05 6.05
N UNK G 81 38.27 -39.44 5.47
CA UNK G 81 38.77 -38.79 4.27
C UNK G 81 39.44 -39.80 3.37
N UNK G 82 39.44 -39.50 2.08
CA UNK G 82 40.06 -40.37 1.10
C UNK G 82 40.57 -39.63 -0.11
N UNK G 83 41.51 -40.27 -0.80
CA UNK G 83 42.06 -39.71 -2.03
C UNK G 83 42.51 -40.80 -2.98
N UNK G 84 42.42 -40.51 -4.27
CA UNK G 84 42.92 -41.43 -5.28
C UNK G 84 44.40 -41.25 -5.48
N UNK G 85 45.08 -42.30 -5.91
CA UNK G 85 46.47 -42.25 -6.32
C UNK G 85 47.44 -41.77 -5.25
N UNK G 86 47.82 -42.63 -4.33
CA UNK G 86 48.78 -42.25 -3.30
C UNK G 86 50.17 -42.29 -3.92
N UNK G 87 50.41 -41.34 -4.79
CA UNK G 87 51.58 -41.30 -5.63
C UNK G 87 52.83 -40.72 -4.97
N UNK G 88 53.31 -41.42 -3.95
CA UNK G 88 54.56 -41.13 -3.19
C UNK G 88 54.56 -39.84 -2.37
N UNK G 89 54.24 -38.72 -3.01
CA UNK G 89 54.18 -37.40 -2.39
C UNK G 89 53.09 -37.35 -1.35
N UNK G 90 52.19 -38.31 -1.46
CA UNK G 90 51.04 -38.49 -0.62
C UNK G 90 51.39 -39.12 0.72
N UNK G 91 52.63 -39.57 0.88
CA UNK G 91 53.05 -40.28 2.09
C UNK G 91 53.38 -39.33 3.23
N UNK G 92 52.35 -38.66 3.72
CA UNK G 92 52.44 -37.69 4.79
C UNK G 92 51.80 -38.22 6.06
N UNK G 93 52.29 -37.80 7.22
CA UNK G 93 51.62 -38.21 8.43
C UNK G 93 50.36 -37.38 8.50
N UNK G 94 49.28 -37.93 9.01
CA UNK G 94 48.08 -37.08 9.04
C UNK G 94 47.29 -37.18 10.33
N UNK G 95 46.63 -36.06 10.68
CA UNK G 95 45.83 -35.99 11.91
C UNK G 95 44.58 -35.14 11.79
N UNK G 96 43.61 -35.50 12.61
CA UNK G 96 42.36 -34.76 12.76
C UNK G 96 42.49 -33.65 13.78
N UNK G 97 41.75 -32.56 13.58
CA UNK G 97 41.70 -31.47 14.57
C UNK G 97 40.41 -30.67 14.45
N UNK G 98 40.05 -29.94 15.51
CA UNK G 98 38.91 -29.03 15.49
C UNK G 98 39.32 -27.83 14.68
N UNK G 99 38.36 -27.16 14.05
CA UNK G 99 38.66 -25.98 13.26
C UNK G 99 37.94 -24.75 13.80
N UNK G 100 37.82 -24.67 15.12
CA UNK G 100 37.11 -23.59 15.78
C UNK G 100 37.96 -22.34 15.93
N UNK G 101 38.19 -21.65 14.81
CA UNK G 101 39.02 -20.43 14.68
C UNK G 101 40.52 -20.76 14.73
N UNK G 102 40.96 -21.36 15.82
CA UNK G 102 42.33 -21.83 15.94
C UNK G 102 42.25 -23.34 15.98
N UNK G 103 43.13 -24.03 15.28
CA UNK G 103 43.04 -25.48 15.31
C UNK G 103 43.21 -25.96 16.73
N UNK G 104 42.46 -26.98 17.12
CA UNK G 104 42.55 -27.43 18.50
C UNK G 104 42.24 -28.91 18.71
N UNK G 105 42.73 -29.44 19.83
CA UNK G 105 42.45 -30.82 20.22
C UNK G 105 42.85 -31.79 19.10
N UNK G 106 44.03 -31.57 18.54
CA UNK G 106 44.53 -32.41 17.47
C UNK G 106 44.83 -33.82 17.93
N UNK G 107 44.54 -34.77 17.05
CA UNK G 107 44.81 -36.19 17.21
C UNK G 107 46.28 -36.47 16.98
N UNK G 108 46.78 -37.55 17.56
CA UNK G 108 48.13 -37.93 17.17
C UNK G 108 48.06 -38.31 15.70
N UNK G 109 49.06 -37.93 14.93
CA UNK G 109 49.07 -38.28 13.52
C UNK G 109 49.38 -39.74 13.24
N UNK G 110 48.76 -40.26 12.19
CA UNK G 110 49.03 -41.59 11.69
C UNK G 110 50.11 -41.50 10.63
N UNK G 111 51.30 -42.05 10.91
CA UNK G 111 52.42 -41.91 9.97
C UNK G 111 52.39 -42.95 8.88
N UNK G 112 51.39 -42.85 8.04
CA UNK G 112 51.19 -43.76 6.94
C UNK G 112 52.10 -43.40 5.78
N UNK G 113 52.40 -44.39 4.94
CA UNK G 113 53.18 -44.11 3.75
C UNK G 113 52.72 -44.98 2.60
N UNK G 114 53.01 -44.54 1.37
CA UNK G 114 52.66 -45.28 0.18
C UNK G 114 53.90 -45.80 -0.51
N UNK G 115 53.91 -47.09 -0.78
CA UNK G 115 55.05 -47.72 -1.45
C UNK G 115 54.64 -49.04 -2.10
N UNK G 116 55.37 -49.47 -3.16
CA UNK G 116 55.20 -50.77 -3.85
C UNK G 116 53.72 -51.13 -4.07
N UNK H 1 47.54 -16.69 0.09
CA UNK H 1 48.52 -15.72 0.56
C UNK H 1 49.60 -16.43 1.39
N UNK H 2 50.80 -16.59 0.82
CA UNK H 2 51.96 -17.25 1.42
C UNK H 2 52.48 -16.52 2.65
N UNK H 3 53.01 -17.29 3.60
CA UNK H 3 53.57 -16.71 4.82
C UNK H 3 54.92 -17.35 5.12
N UNK H 4 55.80 -16.59 5.75
CA UNK H 4 57.11 -17.14 6.08
C UNK H 4 57.74 -16.56 7.32
N UNK H 5 58.45 -17.43 8.02
CA UNK H 5 59.16 -17.08 9.22
C UNK H 5 60.29 -16.12 8.92
N UNK H 6 60.52 -15.20 9.85
CA UNK H 6 61.59 -14.22 9.78
C UNK H 6 62.94 -14.76 10.22
N UNK H 7 62.95 -15.96 10.80
CA UNK H 7 64.19 -16.56 11.25
C UNK H 7 64.10 -18.06 11.13
N UNK H 8 65.15 -18.67 10.58
CA UNK H 8 65.19 -20.13 10.47
C UNK H 8 65.27 -20.80 11.83
N UNK H 9 66.00 -20.16 12.75
CA UNK H 9 66.15 -20.71 14.08
C UNK H 9 66.48 -19.63 15.10
N UNK H 10 66.11 -19.92 16.35
CA UNK H 10 66.44 -19.09 17.50
C UNK H 10 67.65 -19.65 18.27
N UNK H 11 68.42 -18.74 18.84
CA UNK H 11 69.57 -19.09 19.67
C UNK H 11 69.16 -19.70 21.01
N UNK H 12 69.99 -20.61 21.49
CA UNK H 12 69.79 -21.23 22.80
C UNK H 12 70.03 -20.24 23.92
N UNK H 13 69.26 -20.36 25.00
CA UNK H 13 69.45 -19.51 26.17
C UNK H 13 68.79 -20.07 27.43
N UNK H 14 67.49 -20.40 27.32
CA UNK H 14 66.67 -20.82 28.48
C UNK H 14 66.74 -19.75 29.54
N UNK H 15 66.75 -18.51 29.06
CA UNK H 15 66.89 -17.33 29.86
C UNK H 15 66.55 -16.12 29.04
N UNK H 16 66.44 -14.97 29.69
CA UNK H 16 66.28 -13.70 29.00
C UNK H 16 65.04 -13.61 28.11
N UNK H 17 65.22 -13.54 26.81
CA UNK H 17 64.09 -13.42 25.91
C UNK H 17 64.44 -13.91 24.53
N UNK H 18 63.42 -14.16 23.74
CA UNK H 18 63.59 -14.58 22.35
C UNK H 18 62.44 -14.04 21.55
N UNK H 19 62.62 -13.92 20.24
CA UNK H 19 61.54 -13.39 19.42
C UNK H 19 61.51 -13.99 18.04
N UNK H 20 60.34 -13.88 17.44
CA UNK H 20 60.06 -14.40 16.12
C UNK H 20 59.11 -13.47 15.42
N UNK H 21 59.07 -13.58 14.11
CA UNK H 21 58.18 -12.76 13.30
C UNK H 21 57.87 -13.47 12.02
N UNK H 22 56.83 -13.03 11.33
CA UNK H 22 56.50 -13.62 10.06
C UNK H 22 55.96 -12.60 9.06
N UNK H 23 56.43 -12.78 7.84
CA UNK H 23 56.05 -11.96 6.71
C UNK H 23 54.92 -12.62 5.98
N UNK H 24 54.14 -11.85 5.24
CA UNK H 24 53.11 -12.48 4.46
C UNK H 24 52.72 -11.69 3.26
N UNK H 25 52.20 -12.41 2.29
CA UNK H 25 51.65 -11.87 1.08
C UNK H 25 50.34 -11.20 1.37
N UNK H 26 50.00 -10.21 0.57
CA UNK H 26 48.72 -9.52 0.70
C UNK H 26 48.54 -9.00 2.12
N UNK H 27 47.41 -9.31 2.74
CA UNK H 27 47.14 -8.88 4.10
C UNK H 27 46.18 -9.88 4.71
N UNK H 28 46.29 -10.07 6.02
CA UNK H 28 45.39 -10.99 6.71
C UNK H 28 44.68 -10.34 7.85
N UNK H 29 44.51 -9.03 7.84
CA UNK H 29 43.91 -8.37 8.99
C UNK H 29 44.61 -8.91 10.22
N UNK H 30 43.84 -9.34 11.22
CA UNK H 30 44.41 -9.96 12.41
C UNK H 30 43.97 -11.42 12.45
N UNK H 31 43.60 -11.94 11.29
CA UNK H 31 43.12 -13.30 11.14
C UNK H 31 44.30 -14.24 11.01
N UNK H 32 45.00 -14.40 12.12
CA UNK H 32 46.20 -15.22 12.19
C UNK H 32 46.37 -15.83 13.56
N UNK H 33 47.07 -16.95 13.60
CA UNK H 33 47.31 -17.69 14.83
C UNK H 33 48.63 -18.40 14.77
N UNK H 34 49.08 -18.91 15.92
CA UNK H 34 50.36 -19.62 15.95
C UNK H 34 50.26 -20.85 16.83
N UNK H 35 51.05 -21.86 16.49
CA UNK H 35 51.10 -23.12 17.22
C UNK H 35 52.51 -23.68 17.23
N UNK H 36 52.79 -24.58 18.17
CA UNK H 36 54.15 -25.13 18.26
C UNK H 36 54.18 -26.57 18.68
N UNK H 37 55.26 -27.25 18.32
CA UNK H 37 55.39 -28.67 18.66
C UNK H 37 56.77 -29.14 19.00
N UNK H 38 56.77 -30.10 19.90
CA UNK H 38 57.94 -30.84 20.28
C UNK H 38 58.22 -31.78 19.14
N UNK H 39 59.43 -32.30 19.05
CA UNK H 39 59.66 -33.24 17.99
C UNK H 39 58.72 -34.42 18.15
N UNK H 40 58.22 -34.94 17.03
CA UNK H 40 57.33 -36.10 17.03
C UNK H 40 56.09 -35.89 17.90
N UNK H 41 55.45 -34.74 17.75
CA UNK H 41 54.27 -34.42 18.52
C UNK H 41 53.34 -33.50 17.73
N UNK H 42 52.04 -33.57 18.02
CA UNK H 42 51.10 -32.66 17.39
C UNK H 42 51.31 -31.28 17.96
N UNK H 43 51.15 -30.26 17.15
CA UNK H 43 51.27 -28.90 17.66
C UNK H 43 50.08 -28.50 18.47
N UNK H 44 50.32 -27.65 19.45
CA UNK H 44 49.25 -27.08 20.24
C UNK H 44 49.21 -25.60 20.01
N UNK H 45 48.02 -25.00 20.04
CA UNK H 45 47.94 -23.57 19.81
C UNK H 45 48.67 -22.80 20.88
N UNK H 46 49.34 -21.74 20.46
CA UNK H 46 50.03 -20.84 21.34
C UNK H 46 49.25 -19.55 21.47
N UNK H 47 48.67 -19.13 20.35
CA UNK H 47 47.93 -17.89 20.24
C UNK H 47 46.72 -18.13 19.37
N UNK H 48 45.61 -17.52 19.73
CA UNK H 48 44.35 -17.70 19.03
C UNK H 48 43.96 -16.61 18.07
N UNK H 49 44.32 -15.39 18.38
CA UNK H 49 43.88 -14.26 17.55
C UNK H 49 44.89 -13.19 17.60
N UNK H 50 45.94 -13.34 16.81
CA UNK H 50 47.05 -12.44 16.92
C UNK H 50 47.41 -12.41 18.39
N UNK H 51 47.31 -11.24 19.02
CA UNK H 51 47.70 -11.06 20.41
C UNK H 51 46.97 -11.95 21.41
N UNK H 52 45.71 -12.32 21.20
CA UNK H 52 45.06 -13.13 22.25
C UNK H 52 45.68 -14.52 22.32
N UNK H 53 45.99 -14.96 23.54
CA UNK H 53 46.65 -16.23 23.84
C UNK H 53 45.71 -17.42 23.84
N UNK H 54 46.30 -18.58 23.62
CA UNK H 54 45.60 -19.83 23.73
C UNK H 54 45.38 -20.14 25.21
N UNK H 55 44.36 -20.91 25.54
CA UNK H 55 44.20 -21.29 26.94
C UNK H 55 45.38 -22.18 27.30
N UNK H 56 45.88 -22.08 28.55
CA UNK H 56 47.00 -22.87 29.03
C UNK H 56 48.27 -22.63 28.21
N UNK H 57 48.49 -21.38 27.81
CA UNK H 57 49.69 -20.97 27.06
C UNK H 57 50.85 -20.67 28.00
N UNK H 58 50.59 -20.76 29.29
CA UNK H 58 51.52 -20.52 30.42
C UNK H 58 51.96 -19.07 30.60
N UNK H 59 51.37 -18.15 29.86
CA UNK H 59 51.66 -16.72 30.01
C UNK H 59 53.16 -16.43 29.99
N UNK H 60 53.89 -17.11 29.12
CA UNK H 60 55.33 -16.91 29.02
C UNK H 60 55.65 -16.58 27.58
N UNK H 61 54.65 -16.07 26.90
CA UNK H 61 54.75 -15.71 25.51
C UNK H 61 53.68 -14.72 25.16
N UNK H 62 53.90 -13.97 24.09
CA UNK H 62 52.89 -13.06 23.61
C UNK H 62 53.00 -12.87 22.11
N UNK H 63 51.88 -12.53 21.50
CA UNK H 63 51.84 -12.23 20.08
C UNK H 63 51.58 -10.75 19.90
N UNK H 64 51.98 -10.21 18.77
CA UNK H 64 51.82 -8.81 18.50
C UNK H 64 51.68 -8.49 17.02
N UNK H 65 51.19 -7.28 16.75
CA UNK H 65 51.06 -6.71 15.41
C UNK H 65 49.97 -7.39 14.61
N UNK H 66 49.87 -7.03 13.32
CA UNK H 66 48.79 -7.58 12.51
C UNK H 66 49.23 -7.95 11.08
N UNK H 67 48.48 -7.44 10.11
CA UNK H 67 48.60 -7.90 8.75
C UNK H 67 49.94 -7.66 8.13
N UNK H 68 50.45 -8.74 7.54
CA UNK H 68 51.71 -8.81 6.82
C UNK H 68 52.90 -8.38 7.66
N UNK H 69 52.75 -8.36 8.97
CA UNK H 69 53.84 -8.00 9.85
C UNK H 69 53.63 -8.66 11.19
N UNK H 70 53.60 -9.97 11.21
CA UNK H 70 53.30 -10.67 12.45
C UNK H 70 54.50 -10.64 13.34
N UNK H 71 54.26 -10.64 14.64
CA UNK H 71 55.36 -10.74 15.59
C UNK H 71 54.98 -11.57 16.80
N UNK H 72 55.98 -12.15 17.44
CA UNK H 72 55.77 -12.92 18.65
C UNK H 72 57.02 -12.91 19.50
N UNK H 73 56.85 -13.13 20.79
CA UNK H 73 58.01 -13.22 21.65
C UNK H 73 57.80 -14.15 22.81
N UNK H 74 58.92 -14.64 23.31
CA UNK H 74 58.94 -15.52 24.46
C UNK H 74 59.65 -14.87 25.62
N UNK H 75 59.20 -15.22 26.80
CA UNK H 75 59.76 -14.80 28.06
C UNK H 75 60.99 -15.64 28.36
N UNK H 76 61.59 -15.45 29.52
CA UNK H 76 62.79 -16.21 29.87
C UNK H 76 62.36 -17.60 30.30
N UNK H 77 61.92 -18.36 29.33
CA UNK H 77 61.37 -19.69 29.50
C UNK H 77 62.46 -20.70 29.69
N UNK H 78 62.10 -21.78 30.36
CA UNK H 78 62.98 -22.91 30.56
C UNK H 78 63.22 -23.60 29.25
N UNK H 79 64.31 -24.37 29.18
CA UNK H 79 64.71 -25.11 27.98
C UNK H 79 63.63 -26.08 27.52
N UNK H 80 62.75 -26.45 28.42
CA UNK H 80 61.64 -27.35 28.17
C UNK H 80 60.72 -26.76 27.11
N UNK H 81 60.76 -25.44 26.95
CA UNK H 81 59.94 -24.70 26.02
C UNK H 81 60.51 -24.65 24.61
N UNK H 82 61.71 -25.20 24.36
CA UNK H 82 62.20 -25.14 22.99
C UNK H 82 61.32 -26.05 22.14
N UNK H 83 60.83 -25.53 21.03
CA UNK H 83 59.95 -26.27 20.13
C UNK H 83 59.99 -25.65 18.77
N UNK H 84 59.58 -26.39 17.74
CA UNK H 84 59.47 -25.76 16.45
C UNK H 84 58.18 -24.97 16.46
N UNK H 85 58.13 -23.82 15.81
CA UNK H 85 56.85 -23.10 15.80
C UNK H 85 56.55 -22.40 14.51
N UNK H 86 55.27 -22.30 14.17
CA UNK H 86 54.87 -21.67 12.92
C UNK H 86 53.57 -20.90 12.96
N UNK H 87 53.53 -19.87 12.11
CA UNK H 87 52.35 -19.04 11.91
C UNK H 87 51.40 -19.67 10.91
N UNK H 88 50.11 -19.39 11.06
CA UNK H 88 49.11 -19.84 10.09
C UNK H 88 48.07 -18.76 9.80
N UNK H 89 47.63 -18.72 8.54
CA UNK H 89 46.63 -17.78 8.08
C UNK H 89 45.22 -18.27 8.31
N UNK H 90 44.30 -17.35 8.59
CA UNK H 90 42.88 -17.68 8.68
C UNK H 90 42.04 -16.68 7.90
N UNK H 91 42.66 -15.97 6.97
CA UNK H 91 41.99 -14.89 6.25
C UNK H 91 41.32 -15.21 4.91
N UNK H 92 41.62 -16.34 4.25
CA UNK H 92 41.03 -16.49 2.90
C UNK H 92 40.65 -17.89 2.45
N UNK H 93 40.16 -18.75 3.35
CA UNK H 93 39.74 -20.11 2.97
C UNK H 93 40.82 -20.84 2.16
N UNK H 94 42.06 -20.66 2.56
CA UNK H 94 43.22 -21.24 1.95
C UNK H 94 44.27 -21.18 3.02
N UNK H 95 44.21 -22.12 3.96
CA UNK H 95 44.94 -21.95 5.21
C UNK H 95 46.43 -22.24 5.09
N UNK H 96 47.10 -21.35 4.42
CA UNK H 96 48.51 -21.42 4.21
C UNK H 96 49.19 -21.30 5.55
N UNK H 97 50.30 -21.99 5.69
CA UNK H 97 51.07 -21.91 6.91
C UNK H 97 52.54 -21.85 6.59
N UNK H 98 53.26 -21.19 7.45
CA UNK H 98 54.69 -21.02 7.34
C UNK H 98 55.42 -22.27 7.76
N UNK H 99 56.65 -22.43 7.27
CA UNK H 99 57.49 -23.48 7.77
C UNK H 99 57.83 -23.07 9.17
N UNK H 100 57.96 -24.03 10.06
CA UNK H 100 58.30 -23.71 11.43
C UNK H 100 59.73 -23.30 11.61
N UNK H 101 59.94 -22.39 12.56
CA UNK H 101 61.28 -21.97 12.95
C UNK H 101 61.74 -22.86 14.08
N UNK H 102 63.02 -23.19 14.09
CA UNK H 102 63.58 -24.04 15.14
C UNK H 102 64.01 -23.26 16.36
N UNK H 103 64.09 -23.94 17.49
CA UNK H 103 64.60 -23.30 18.70
C UNK H 103 65.68 -24.16 19.32
N UNK H 104 66.88 -23.59 19.42
CA UNK H 104 68.02 -24.27 20.01
C UNK H 104 67.92 -24.21 21.53
N UNK H 105 68.58 -25.17 22.24
CA UNK H 105 68.67 -25.23 23.70
C UNK H 105 69.96 -25.95 24.03
#